data_4DYU
#
_entry.id   4DYU
#
_cell.length_a   105.414
_cell.length_b   105.102
_cell.length_c   191.834
_cell.angle_alpha   90.00
_cell.angle_beta   90.00
_cell.angle_gamma   90.00
#
_symmetry.space_group_name_H-M   'P 21 21 21'
#
loop_
_entity.id
_entity.type
_entity.pdbx_description
1 polymer 'DNA protection during starvation protein'
2 non-polymer 'ZINC ION'
3 non-polymer 'SULFATE ION'
4 water water
#
_entity_poly.entity_id   1
_entity_poly.type   'polypeptide(L)'
_entity_poly.pdbx_seq_one_letter_code
;SNAMSTAKLVKTKPSELLYTRNDVEEHVKVATIKRLNQMVIQFIDLSLITKQAHWNMRGANFVAVHEMLDGFRTALTDHL
DTFAERAVQLGGVALGTAQVINDKTPLKSYPTNIHSVQEHLKALAERYAIVANDIRKAITEVEDENSADMFTAASRDLDK
FLWFIESNIE
;
_entity_poly.pdbx_strand_id   A,B,C,D,E,F,G,H,I,J,K,L
#
# COMPACT_ATOMS: atom_id res chain seq x y z
N GLU A 16 -13.60 1.46 -44.33
CA GLU A 16 -12.49 0.61 -44.75
C GLU A 16 -11.50 0.40 -43.61
N LEU A 17 -11.00 -0.84 -43.48
CA LEU A 17 -10.04 -1.16 -42.44
C LEU A 17 -8.76 -0.35 -42.57
N LEU A 18 -8.11 -0.09 -41.44
CA LEU A 18 -6.83 0.62 -41.44
C LEU A 18 -5.70 -0.39 -41.44
N TYR A 19 -4.57 0.00 -42.02
CA TYR A 19 -3.40 -0.86 -42.13
C TYR A 19 -2.87 -1.31 -40.78
N THR A 20 -2.51 -2.60 -40.70
CA THR A 20 -1.78 -3.14 -39.54
C THR A 20 -0.94 -4.33 -39.96
N ARG A 21 0.28 -4.40 -39.44
CA ARG A 21 1.07 -5.60 -39.62
C ARG A 21 0.32 -6.86 -39.13
N ASN A 22 -0.62 -6.67 -38.21
CA ASN A 22 -1.48 -7.75 -37.71
C ASN A 22 -2.23 -8.48 -38.84
N ASP A 23 -1.99 -9.79 -38.98
CA ASP A 23 -2.47 -10.52 -40.17
C ASP A 23 -3.73 -11.42 -40.00
N VAL A 24 -4.67 -11.01 -39.15
CA VAL A 24 -5.98 -11.66 -39.13
C VAL A 24 -6.63 -11.46 -40.51
N GLU A 25 -7.20 -12.53 -41.08
CA GLU A 25 -7.75 -12.43 -42.43
C GLU A 25 -8.81 -11.33 -42.55
N GLU A 26 -8.71 -10.58 -43.64
CA GLU A 26 -9.50 -9.37 -43.84
C GLU A 26 -10.98 -9.56 -43.52
N HIS A 27 -11.53 -10.70 -43.92
CA HIS A 27 -12.92 -10.99 -43.66
C HIS A 27 -13.17 -11.17 -42.15
N VAL A 28 -12.30 -11.91 -41.49
CA VAL A 28 -12.47 -12.11 -40.07
C VAL A 28 -12.39 -10.75 -39.36
N LYS A 29 -11.55 -9.86 -39.89
CA LYS A 29 -11.45 -8.54 -39.28
C LYS A 29 -12.79 -7.79 -39.30
N VAL A 30 -13.38 -7.65 -40.48
CA VAL A 30 -14.63 -6.92 -40.63
C VAL A 30 -15.76 -7.59 -39.83
N ALA A 31 -15.79 -8.91 -39.82
CA ALA A 31 -16.87 -9.64 -39.13
C ALA A 31 -16.78 -9.42 -37.65
N THR A 32 -15.56 -9.59 -37.13
CA THR A 32 -15.29 -9.57 -35.71
C THR A 32 -15.38 -8.16 -35.12
N ILE A 33 -15.00 -7.16 -35.92
CA ILE A 33 -15.17 -5.76 -35.50
C ILE A 33 -16.62 -5.45 -35.19
N LYS A 34 -17.51 -5.88 -36.09
CA LYS A 34 -18.95 -5.67 -35.95
C LYS A 34 -19.50 -6.29 -34.69
N ARG A 35 -19.02 -7.49 -34.35
CA ARG A 35 -19.41 -8.11 -33.08
C ARG A 35 -18.87 -7.31 -31.88
N LEU A 36 -17.59 -6.94 -31.94
CA LEU A 36 -17.00 -6.18 -30.87
C LEU A 36 -17.76 -4.88 -30.59
N ASN A 37 -18.20 -4.20 -31.65
CA ASN A 37 -18.91 -2.93 -31.49
C ASN A 37 -20.26 -3.12 -30.82
N GLN A 38 -21.00 -4.11 -31.30
CA GLN A 38 -22.28 -4.48 -30.71
C GLN A 38 -22.18 -4.77 -29.22
N MET A 39 -21.06 -5.37 -28.81
CA MET A 39 -20.79 -5.61 -27.39
C MET A 39 -20.40 -4.32 -26.64
N VAL A 40 -19.55 -3.51 -27.26
CA VAL A 40 -19.29 -2.18 -26.75
C VAL A 40 -20.61 -1.46 -26.51
N ILE A 41 -21.47 -1.44 -27.53
CA ILE A 41 -22.73 -0.72 -27.49
C ILE A 41 -23.52 -1.05 -26.23
N GLN A 42 -23.77 -2.33 -25.99
CA GLN A 42 -24.63 -2.70 -24.87
C GLN A 42 -23.93 -2.62 -23.50
N PHE A 43 -22.63 -2.92 -23.42
CA PHE A 43 -21.89 -2.69 -22.18
C PHE A 43 -21.86 -1.21 -21.78
N ILE A 44 -21.70 -0.31 -22.75
CA ILE A 44 -21.83 1.13 -22.47
C ILE A 44 -23.25 1.48 -22.01
N ASP A 45 -24.24 0.89 -22.66
CA ASP A 45 -25.63 1.02 -22.24
C ASP A 45 -25.84 0.47 -20.83
N LEU A 46 -25.25 -0.67 -20.52
CA LEU A 46 -25.33 -1.25 -19.17
C LEU A 46 -24.58 -0.43 -18.13
N SER A 47 -23.58 0.32 -18.57
CA SER A 47 -22.85 1.22 -17.69
C SER A 47 -23.80 2.33 -17.25
N LEU A 48 -24.53 2.91 -18.20
CA LEU A 48 -25.49 3.96 -17.90
C LEU A 48 -26.61 3.42 -17.00
N ILE A 49 -27.31 2.41 -17.49
CA ILE A 49 -28.39 1.76 -16.75
C ILE A 49 -27.98 1.49 -15.29
N THR A 50 -26.74 1.07 -15.08
CA THR A 50 -26.31 0.70 -13.74
C THR A 50 -26.21 1.89 -12.81
N LYS A 51 -25.64 2.99 -13.29
CA LYS A 51 -25.59 4.21 -12.49
C LYS A 51 -27.00 4.79 -12.29
N GLN A 52 -27.81 4.73 -13.34
CA GLN A 52 -29.19 5.22 -13.27
C GLN A 52 -29.91 4.54 -12.11
N ALA A 53 -29.82 3.23 -12.05
CA ALA A 53 -30.47 2.49 -10.99
C ALA A 53 -29.96 2.83 -9.59
N HIS A 54 -28.66 3.12 -9.46
CA HIS A 54 -28.01 3.28 -8.15
C HIS A 54 -28.03 4.71 -7.57
N TRP A 55 -28.24 5.70 -8.44
CA TRP A 55 -28.62 7.05 -8.00
C TRP A 55 -30.06 7.08 -7.48
N ASN A 56 -30.97 6.40 -8.19
CA ASN A 56 -32.40 6.65 -7.98
C ASN A 56 -33.20 5.59 -7.20
N MET A 57 -32.52 4.68 -6.51
CA MET A 57 -33.22 3.68 -5.70
C MET A 57 -33.42 4.17 -4.26
N ARG A 58 -34.43 3.62 -3.59
CA ARG A 58 -34.67 3.88 -2.17
C ARG A 58 -35.39 2.68 -1.60
N GLY A 59 -35.10 2.35 -0.35
CA GLY A 59 -35.80 1.23 0.27
C GLY A 59 -34.90 0.18 0.91
N ALA A 60 -35.54 -0.86 1.43
CA ALA A 60 -34.81 -1.93 2.08
C ALA A 60 -33.61 -2.37 1.26
N ASN A 61 -32.49 -2.56 1.95
CA ASN A 61 -31.26 -3.08 1.36
C ASN A 61 -30.62 -2.10 0.38
N PHE A 62 -31.01 -0.83 0.49
CA PHE A 62 -30.44 0.25 -0.32
C PHE A 62 -28.92 0.33 -0.33
N VAL A 63 -28.32 0.40 0.85
CA VAL A 63 -26.90 0.72 0.90
C VAL A 63 -26.00 -0.39 0.34
N ALA A 64 -26.25 -1.65 0.70
CA ALA A 64 -25.51 -2.74 0.04
C ALA A 64 -25.64 -2.67 -1.48
N VAL A 65 -26.88 -2.52 -1.96
CA VAL A 65 -27.15 -2.58 -3.39
C VAL A 65 -26.53 -1.42 -4.20
N HIS A 66 -26.56 -0.22 -3.64
CA HIS A 66 -26.01 1.00 -4.23
C HIS A 66 -24.50 0.87 -4.46
N GLU A 67 -23.82 0.26 -3.51
CA GLU A 67 -22.39 0.07 -3.66
C GLU A 67 -22.04 -1.19 -4.48
N MET A 68 -22.90 -2.21 -4.42
CA MET A 68 -22.78 -3.38 -5.30
C MET A 68 -22.76 -2.89 -6.74
N LEU A 69 -23.67 -1.99 -7.09
CA LEU A 69 -23.78 -1.47 -8.45
C LEU A 69 -22.52 -0.71 -8.91
N ASP A 70 -21.86 0.01 -8.00
CA ASP A 70 -20.60 0.65 -8.34
C ASP A 70 -19.48 -0.36 -8.64
N GLY A 71 -19.44 -1.45 -7.87
CA GLY A 71 -18.61 -2.59 -8.22
C GLY A 71 -18.82 -2.97 -9.68
N PHE A 72 -20.08 -3.18 -10.06
CA PHE A 72 -20.37 -3.59 -11.42
C PHE A 72 -19.86 -2.57 -12.41
N ARG A 73 -20.18 -1.30 -12.12
CA ARG A 73 -20.00 -0.26 -13.10
C ARG A 73 -18.58 -0.37 -13.62
N THR A 74 -17.63 -0.41 -12.69
CA THR A 74 -16.21 -0.46 -13.04
C THR A 74 -15.82 -1.73 -13.82
N ALA A 75 -16.40 -2.88 -13.47
CA ALA A 75 -16.09 -4.13 -14.19
C ALA A 75 -16.52 -4.03 -15.63
N LEU A 76 -17.75 -3.54 -15.82
CA LEU A 76 -18.29 -3.29 -17.15
C LEU A 76 -17.42 -2.30 -17.96
N THR A 77 -17.07 -1.17 -17.39
CA THR A 77 -16.32 -0.22 -18.18
C THR A 77 -14.96 -0.84 -18.52
N ASP A 78 -14.49 -1.74 -17.68
CA ASP A 78 -13.24 -2.41 -17.97
C ASP A 78 -13.28 -3.30 -19.20
N HIS A 79 -14.21 -4.25 -19.24
CA HIS A 79 -14.36 -5.13 -20.40
C HIS A 79 -14.67 -4.36 -21.70
N LEU A 80 -15.55 -3.38 -21.62
CA LEU A 80 -15.95 -2.65 -22.81
C LEU A 80 -14.75 -1.95 -23.46
N ASP A 81 -13.84 -1.44 -22.63
CA ASP A 81 -12.53 -1.01 -23.12
C ASP A 81 -11.78 -2.11 -23.90
N THR A 82 -11.71 -3.32 -23.33
CA THR A 82 -11.05 -4.45 -23.98
C THR A 82 -11.64 -4.79 -25.36
N PHE A 83 -12.96 -4.70 -25.48
CA PHE A 83 -13.62 -4.84 -26.78
C PHE A 83 -13.24 -3.73 -27.76
N ALA A 84 -13.48 -2.49 -27.36
CA ALA A 84 -13.17 -1.34 -28.20
C ALA A 84 -11.72 -1.39 -28.72
N GLU A 85 -10.79 -1.67 -27.83
CA GLU A 85 -9.39 -1.80 -28.21
C GLU A 85 -9.14 -2.95 -29.15
N ARG A 86 -9.87 -4.04 -29.02
CA ARG A 86 -9.68 -5.16 -29.93
C ARG A 86 -10.18 -4.77 -31.31
N ALA A 87 -11.27 -4.00 -31.31
CA ALA A 87 -11.82 -3.49 -32.55
C ALA A 87 -10.80 -2.61 -33.27
N VAL A 88 -10.27 -1.63 -32.54
CA VAL A 88 -9.30 -0.72 -33.12
C VAL A 88 -8.04 -1.49 -33.54
N GLN A 89 -7.78 -2.61 -32.88
CA GLN A 89 -6.57 -3.39 -33.12
C GLN A 89 -6.65 -4.08 -34.47
N LEU A 90 -7.86 -4.50 -34.85
CA LEU A 90 -8.04 -5.29 -36.05
C LEU A 90 -8.26 -4.36 -37.21
N GLY A 91 -7.95 -3.08 -37.01
CA GLY A 91 -8.04 -2.09 -38.06
C GLY A 91 -9.39 -1.41 -38.22
N GLY A 92 -10.29 -1.63 -37.27
CA GLY A 92 -11.62 -1.04 -37.30
C GLY A 92 -11.78 0.22 -36.48
N VAL A 93 -13.02 0.69 -36.36
CA VAL A 93 -13.29 1.93 -35.62
C VAL A 93 -14.28 1.65 -34.50
N ALA A 94 -13.82 1.71 -33.24
CA ALA A 94 -14.74 1.52 -32.12
C ALA A 94 -15.77 2.66 -31.99
N LEU A 95 -17.05 2.28 -31.87
CA LEU A 95 -18.14 3.24 -31.80
C LEU A 95 -18.86 3.26 -30.44
N GLY A 96 -18.66 4.32 -29.66
CA GLY A 96 -19.43 4.46 -28.43
C GLY A 96 -19.91 5.87 -28.10
N THR A 97 -20.32 6.66 -29.10
CA THR A 97 -20.89 7.99 -28.83
C THR A 97 -22.34 7.92 -28.33
N ALA A 98 -22.76 8.94 -27.61
CA ALA A 98 -24.15 8.99 -27.12
C ALA A 98 -25.16 8.71 -28.25
N GLN A 99 -24.85 9.19 -29.44
CA GLN A 99 -25.75 9.02 -30.58
C GLN A 99 -25.84 7.55 -31.01
N VAL A 100 -24.69 6.93 -31.25
CA VAL A 100 -24.61 5.56 -31.71
C VAL A 100 -25.30 4.58 -30.74
N ILE A 101 -25.24 4.85 -29.45
CA ILE A 101 -25.85 3.92 -28.51
C ILE A 101 -27.35 3.98 -28.62
N ASN A 102 -27.90 5.18 -28.45
CA ASN A 102 -29.34 5.36 -28.50
C ASN A 102 -29.94 4.82 -29.79
N ASP A 103 -29.17 4.95 -30.86
CA ASP A 103 -29.57 4.53 -32.18
C ASP A 103 -29.46 3.02 -32.33
N LYS A 104 -28.46 2.42 -31.67
CA LYS A 104 -28.10 1.04 -31.94
C LYS A 104 -28.22 0.10 -30.74
N THR A 105 -28.57 0.63 -29.58
CA THR A 105 -28.76 -0.22 -28.39
C THR A 105 -29.97 -1.15 -28.55
N PRO A 106 -29.76 -2.45 -28.26
CA PRO A 106 -30.84 -3.43 -28.23
C PRO A 106 -31.58 -3.40 -26.90
N LEU A 107 -31.05 -2.68 -25.92
CA LEU A 107 -31.70 -2.64 -24.60
C LEU A 107 -32.89 -1.68 -24.56
N LYS A 108 -34.03 -2.20 -24.12
CA LYS A 108 -35.19 -1.37 -23.82
C LYS A 108 -34.81 -0.22 -22.87
N SER A 109 -35.21 0.99 -23.24
CA SER A 109 -34.91 2.17 -22.44
C SER A 109 -35.27 1.96 -20.97
N TYR A 110 -34.47 2.57 -20.09
CA TYR A 110 -34.69 2.42 -18.64
C TYR A 110 -35.74 3.39 -18.12
N PRO A 111 -36.68 2.89 -17.31
CA PRO A 111 -37.81 3.64 -16.74
C PRO A 111 -37.35 4.64 -15.70
N THR A 112 -37.66 5.92 -15.94
CA THR A 112 -37.22 6.99 -15.05
C THR A 112 -38.33 7.34 -14.08
N ASN A 113 -39.17 6.38 -13.76
CA ASN A 113 -40.29 6.64 -12.85
C ASN A 113 -40.41 5.58 -11.76
N ILE A 114 -39.29 4.96 -11.42
CA ILE A 114 -39.28 3.90 -10.42
C ILE A 114 -38.23 4.17 -9.35
N HIS A 115 -38.55 3.85 -8.10
CA HIS A 115 -37.71 4.27 -6.98
C HIS A 115 -37.40 3.17 -5.96
N SER A 116 -38.23 2.15 -5.87
CA SER A 116 -37.96 1.10 -4.90
C SER A 116 -36.76 0.28 -5.33
N VAL A 117 -35.97 -0.16 -4.36
CA VAL A 117 -34.84 -1.03 -4.64
C VAL A 117 -35.35 -2.23 -5.44
N GLN A 118 -36.49 -2.76 -5.02
CA GLN A 118 -37.06 -3.93 -5.68
C GLN A 118 -37.36 -3.71 -7.16
N GLU A 119 -37.95 -2.57 -7.53
CA GLU A 119 -38.27 -2.31 -8.94
C GLU A 119 -37.00 -2.26 -9.80
N HIS A 120 -36.02 -1.51 -9.30
CA HIS A 120 -34.72 -1.30 -9.97
C HIS A 120 -33.95 -2.60 -10.21
N LEU A 121 -33.93 -3.47 -9.21
CA LEU A 121 -33.35 -4.80 -9.38
C LEU A 121 -34.01 -5.55 -10.55
N LYS A 122 -35.34 -5.54 -10.57
CA LYS A 122 -36.11 -6.26 -11.58
C LYS A 122 -35.98 -5.62 -12.97
N ALA A 123 -35.89 -4.30 -13.03
CA ALA A 123 -35.62 -3.63 -14.29
C ALA A 123 -34.19 -3.89 -14.76
N LEU A 124 -33.29 -4.06 -13.79
CA LEU A 124 -31.88 -4.29 -14.07
C LEU A 124 -31.58 -5.73 -14.45
N ALA A 125 -32.36 -6.66 -13.91
CA ALA A 125 -32.15 -8.07 -14.20
C ALA A 125 -32.59 -8.43 -15.63
N GLU A 126 -33.54 -7.68 -16.19
CA GLU A 126 -34.01 -7.97 -17.54
C GLU A 126 -32.97 -7.50 -18.56
N ARG A 127 -32.47 -6.30 -18.36
CA ARG A 127 -31.52 -5.71 -19.28
C ARG A 127 -30.15 -6.36 -19.20
N TYR A 128 -29.81 -6.82 -18.00
CA TYR A 128 -28.59 -7.59 -17.80
C TYR A 128 -28.71 -8.99 -18.41
N ALA A 129 -29.89 -9.60 -18.32
CA ALA A 129 -30.07 -10.91 -18.94
C ALA A 129 -29.82 -10.85 -20.46
N ILE A 130 -30.49 -9.95 -21.14
CA ILE A 130 -30.26 -9.87 -22.59
C ILE A 130 -28.75 -9.83 -22.92
N VAL A 131 -28.01 -8.96 -22.25
CA VAL A 131 -26.58 -8.84 -22.51
C VAL A 131 -25.82 -10.11 -22.19
N ALA A 132 -26.09 -10.67 -21.01
CA ALA A 132 -25.41 -11.87 -20.54
C ALA A 132 -25.58 -13.02 -21.51
N ASN A 133 -26.76 -13.07 -22.13
CA ASN A 133 -27.13 -14.13 -23.05
C ASN A 133 -26.56 -13.88 -24.42
N ASP A 134 -26.57 -12.60 -24.81
CA ASP A 134 -26.00 -12.21 -26.08
C ASP A 134 -24.51 -12.57 -26.10
N ILE A 135 -23.79 -12.17 -25.04
CA ILE A 135 -22.34 -12.36 -24.94
C ILE A 135 -21.93 -13.84 -24.74
N ARG A 136 -22.84 -14.65 -24.20
CA ARG A 136 -22.54 -16.06 -24.02
C ARG A 136 -22.52 -16.74 -25.38
N LYS A 137 -23.40 -16.28 -26.27
CA LYS A 137 -23.55 -16.92 -27.54
C LYS A 137 -22.51 -16.40 -28.50
N ALA A 138 -22.13 -15.14 -28.29
CA ALA A 138 -21.14 -14.53 -29.15
C ALA A 138 -19.76 -15.20 -29.00
N ILE A 139 -19.54 -15.91 -27.90
CA ILE A 139 -18.28 -16.62 -27.72
C ILE A 139 -18.09 -17.73 -28.73
N THR A 140 -19.15 -18.50 -28.95
CA THR A 140 -19.19 -19.49 -30.00
C THR A 140 -18.94 -18.85 -31.36
N GLU A 141 -19.64 -17.74 -31.62
CA GLU A 141 -19.72 -17.16 -32.96
C GLU A 141 -18.45 -16.48 -33.54
N VAL A 142 -17.69 -15.73 -32.75
CA VAL A 142 -16.51 -15.04 -33.30
C VAL A 142 -15.39 -15.95 -33.79
N GLU A 143 -14.84 -15.60 -34.96
CA GLU A 143 -13.70 -16.33 -35.50
C GLU A 143 -12.43 -16.03 -34.68
N ASP A 144 -12.32 -14.81 -34.15
CA ASP A 144 -11.10 -14.37 -33.46
C ASP A 144 -10.92 -14.97 -32.04
N GLU A 145 -9.83 -15.72 -31.84
CA GLU A 145 -9.55 -16.34 -30.54
C GLU A 145 -9.51 -15.30 -29.42
N ASN A 146 -8.73 -14.25 -29.65
CA ASN A 146 -8.63 -13.14 -28.72
C ASN A 146 -10.00 -12.57 -28.34
N SER A 147 -10.85 -12.32 -29.33
CA SER A 147 -12.18 -11.82 -29.02
C SER A 147 -12.94 -12.83 -28.16
N ALA A 148 -12.76 -14.12 -28.47
CA ALA A 148 -13.47 -15.15 -27.73
C ALA A 148 -13.10 -15.05 -26.27
N ASP A 149 -11.79 -15.04 -26.01
CA ASP A 149 -11.28 -14.96 -24.65
C ASP A 149 -11.83 -13.75 -23.92
N MET A 150 -11.79 -12.63 -24.61
CA MET A 150 -12.38 -11.37 -24.17
C MET A 150 -13.83 -11.53 -23.71
N PHE A 151 -14.61 -12.19 -24.56
CA PHE A 151 -16.02 -12.35 -24.32
C PHE A 151 -16.27 -13.33 -23.17
N THR A 152 -15.41 -14.33 -23.06
CA THR A 152 -15.51 -15.33 -22.02
C THR A 152 -15.28 -14.66 -20.67
N ALA A 153 -14.14 -13.99 -20.57
CA ALA A 153 -13.82 -13.21 -19.38
C ALA A 153 -15.03 -12.37 -18.95
N ALA A 154 -15.64 -11.70 -19.92
CA ALA A 154 -16.69 -10.71 -19.66
C ALA A 154 -18.04 -11.41 -19.46
N SER A 155 -18.19 -12.57 -20.08
CA SER A 155 -19.37 -13.35 -19.83
C SER A 155 -19.33 -13.92 -18.40
N ARG A 156 -18.14 -14.27 -17.92
CA ARG A 156 -18.03 -14.74 -16.55
C ARG A 156 -18.52 -13.67 -15.57
N ASP A 157 -18.19 -12.41 -15.84
CA ASP A 157 -18.63 -11.33 -14.97
C ASP A 157 -20.13 -11.01 -15.13
N LEU A 158 -20.65 -11.13 -16.34
CA LEU A 158 -22.07 -10.88 -16.53
C LEU A 158 -22.93 -11.93 -15.81
N ASP A 159 -22.60 -13.20 -16.00
CA ASP A 159 -23.35 -14.28 -15.34
C ASP A 159 -23.37 -14.10 -13.81
N LYS A 160 -22.25 -13.67 -13.25
CA LYS A 160 -22.15 -13.45 -11.81
C LYS A 160 -22.96 -12.24 -11.37
N PHE A 161 -22.73 -11.09 -12.01
CA PHE A 161 -23.53 -9.92 -11.69
C PHE A 161 -25.02 -10.23 -11.83
N LEU A 162 -25.42 -10.79 -12.96
CA LEU A 162 -26.82 -11.16 -13.15
C LEU A 162 -27.30 -11.97 -11.96
N TRP A 163 -26.49 -12.94 -11.53
CA TRP A 163 -26.86 -13.79 -10.40
C TRP A 163 -26.96 -13.00 -9.09
N PHE A 164 -25.96 -12.17 -8.79
CA PHE A 164 -26.07 -11.22 -7.67
C PHE A 164 -27.41 -10.43 -7.75
N ILE A 165 -27.65 -9.75 -8.87
CA ILE A 165 -28.89 -8.99 -9.07
C ILE A 165 -30.17 -9.76 -8.73
N GLU A 166 -30.28 -10.97 -9.26
CA GLU A 166 -31.48 -11.79 -9.06
C GLU A 166 -31.58 -12.29 -7.64
N SER A 167 -30.43 -12.66 -7.07
CA SER A 167 -30.36 -13.20 -5.72
C SER A 167 -30.88 -12.22 -4.66
N ASN A 168 -30.77 -10.93 -4.97
CA ASN A 168 -31.21 -9.85 -4.08
C ASN A 168 -32.68 -9.46 -4.29
N ILE A 169 -33.33 -10.08 -5.26
CA ILE A 169 -34.74 -9.81 -5.45
C ILE A 169 -35.50 -10.61 -4.41
N GLU A 170 -36.59 -10.04 -3.91
CA GLU A 170 -37.35 -10.69 -2.86
C GLU A 170 -38.43 -11.60 -3.47
N LEU B 17 40.05 -18.83 6.87
CA LEU B 17 39.23 -18.23 5.80
C LEU B 17 38.47 -19.29 5.03
N LEU B 18 37.15 -19.14 5.00
CA LEU B 18 36.31 -20.11 4.30
C LEU B 18 36.45 -19.98 2.79
N TYR B 19 36.31 -21.10 2.08
CA TYR B 19 36.42 -21.10 0.63
C TYR B 19 35.29 -20.31 -0.04
N THR B 20 35.69 -19.42 -0.92
CA THR B 20 34.73 -18.80 -1.82
C THR B 20 35.44 -18.44 -3.14
N ARG B 21 34.66 -18.32 -4.21
CA ARG B 21 35.21 -18.02 -5.51
C ARG B 21 35.44 -16.54 -5.67
N ASN B 22 34.92 -15.77 -4.70
CA ASN B 22 35.26 -14.35 -4.58
C ASN B 22 36.77 -14.26 -4.43
N ASP B 23 37.42 -13.51 -5.32
CA ASP B 23 38.88 -13.57 -5.42
C ASP B 23 39.64 -12.36 -4.86
N VAL B 24 39.09 -11.70 -3.84
CA VAL B 24 39.80 -10.66 -3.13
C VAL B 24 41.08 -11.29 -2.62
N GLU B 25 42.11 -10.49 -2.42
CA GLU B 25 43.42 -11.03 -2.03
C GLU B 25 43.36 -11.52 -0.57
N GLU B 26 43.80 -12.75 -0.35
CA GLU B 26 43.87 -13.33 0.99
C GLU B 26 44.16 -12.29 2.06
N HIS B 27 45.18 -11.46 1.81
CA HIS B 27 45.61 -10.46 2.79
C HIS B 27 44.49 -9.44 3.01
N VAL B 28 44.03 -8.84 1.90
CA VAL B 28 42.97 -7.85 1.96
C VAL B 28 41.70 -8.43 2.59
N LYS B 29 41.42 -9.69 2.30
CA LYS B 29 40.27 -10.32 2.89
C LYS B 29 40.44 -10.25 4.41
N VAL B 30 41.49 -10.88 4.89
CA VAL B 30 41.75 -10.99 6.31
C VAL B 30 41.68 -9.65 7.01
N ALA B 31 42.32 -8.63 6.43
CA ALA B 31 42.32 -7.32 7.07
C ALA B 31 40.91 -6.78 7.11
N THR B 32 40.23 -6.82 5.96
CA THR B 32 38.88 -6.27 5.82
C THR B 32 37.85 -6.95 6.73
N ILE B 33 37.95 -8.26 6.94
CA ILE B 33 36.99 -8.88 7.85
C ILE B 33 37.20 -8.41 9.30
N LYS B 34 38.46 -8.25 9.70
CA LYS B 34 38.77 -7.69 11.03
C LYS B 34 38.24 -6.26 11.20
N ARG B 35 38.36 -5.42 10.17
CA ARG B 35 37.78 -4.09 10.28
C ARG B 35 36.25 -4.15 10.19
N LEU B 36 35.72 -5.24 9.62
CA LEU B 36 34.26 -5.40 9.51
C LEU B 36 33.58 -5.85 10.81
N ASN B 37 34.22 -6.74 11.57
CA ASN B 37 33.66 -7.14 12.86
C ASN B 37 33.79 -6.04 13.92
N GLN B 38 34.66 -5.07 13.67
CA GLN B 38 34.82 -3.94 14.58
C GLN B 38 33.67 -2.95 14.38
N MET B 39 33.38 -2.66 13.13
CA MET B 39 32.17 -1.91 12.81
C MET B 39 30.91 -2.67 13.24
N VAL B 40 30.94 -3.99 13.13
CA VAL B 40 29.82 -4.80 13.60
C VAL B 40 29.73 -4.76 15.11
N ILE B 41 30.88 -4.79 15.76
CA ILE B 41 30.95 -4.78 17.21
C ILE B 41 30.39 -3.49 17.80
N GLN B 42 30.86 -2.33 17.34
CA GLN B 42 30.34 -1.10 17.94
C GLN B 42 28.92 -0.75 17.49
N PHE B 43 28.51 -1.24 16.32
CA PHE B 43 27.15 -0.98 15.83
C PHE B 43 26.05 -1.73 16.60
N ILE B 44 26.30 -2.98 16.95
CA ILE B 44 25.42 -3.66 17.89
C ILE B 44 25.43 -2.99 19.27
N ASP B 45 26.59 -2.54 19.74
CA ASP B 45 26.63 -2.00 21.09
C ASP B 45 25.92 -0.67 21.14
N LEU B 46 25.72 -0.09 19.96
CA LEU B 46 25.16 1.24 19.86
C LEU B 46 23.65 1.14 19.76
N SER B 47 23.18 0.07 19.13
CA SER B 47 21.76 -0.15 18.96
C SER B 47 21.13 -0.56 20.28
N LEU B 48 21.92 -1.23 21.11
CA LEU B 48 21.51 -1.62 22.45
C LEU B 48 21.32 -0.39 23.31
N ILE B 49 22.32 0.48 23.34
CA ILE B 49 22.24 1.70 24.11
C ILE B 49 21.16 2.60 23.56
N THR B 50 20.86 2.46 22.26
CA THR B 50 19.88 3.35 21.64
C THR B 50 18.49 3.05 22.21
N LYS B 51 18.19 1.77 22.39
CA LYS B 51 16.95 1.37 23.03
C LYS B 51 16.93 1.68 24.53
N GLN B 52 18.05 1.35 25.19
CA GLN B 52 18.25 1.64 26.61
C GLN B 52 17.83 3.08 26.98
N ALA B 53 18.35 4.06 26.25
CA ALA B 53 17.94 5.46 26.40
C ALA B 53 16.51 5.71 25.92
N HIS B 54 16.18 5.14 24.77
CA HIS B 54 14.80 5.15 24.28
C HIS B 54 13.78 4.84 25.38
N TRP B 55 14.03 3.77 26.15
CA TRP B 55 13.11 3.27 27.18
C TRP B 55 13.07 4.10 28.45
N ASN B 56 14.22 4.56 28.91
CA ASN B 56 14.35 5.08 30.26
C ASN B 56 14.51 6.58 30.34
N MET B 57 14.07 7.31 29.31
CA MET B 57 14.23 8.75 29.32
C MET B 57 12.93 9.40 29.73
N ARG B 58 13.01 10.58 30.34
CA ARG B 58 11.79 11.37 30.61
C ARG B 58 12.13 12.83 30.81
N GLY B 59 11.13 13.67 30.58
CA GLY B 59 11.31 15.09 30.67
C GLY B 59 10.93 15.77 29.39
N ALA B 60 11.24 17.05 29.31
CA ALA B 60 10.89 17.86 28.15
C ALA B 60 11.34 17.16 26.88
N ASN B 61 10.45 17.15 25.89
CA ASN B 61 10.76 16.64 24.57
C ASN B 61 10.90 15.12 24.56
N PHE B 62 10.07 14.45 25.35
CA PHE B 62 10.16 13.00 25.49
C PHE B 62 9.67 12.25 24.25
N VAL B 63 8.40 12.45 23.91
CA VAL B 63 7.80 11.65 22.87
C VAL B 63 8.61 11.66 21.55
N ALA B 64 8.82 12.82 20.94
CA ALA B 64 9.51 12.83 19.66
C ALA B 64 10.89 12.18 19.73
N VAL B 65 11.56 12.32 20.87
CA VAL B 65 12.92 11.82 21.00
C VAL B 65 12.87 10.31 21.21
N HIS B 66 11.85 9.85 21.92
CA HIS B 66 11.59 8.42 22.08
C HIS B 66 11.49 7.75 20.70
N GLU B 67 10.68 8.33 19.85
CA GLU B 67 10.41 7.77 18.55
C GLU B 67 11.60 8.01 17.64
N MET B 68 12.23 9.17 17.77
CA MET B 68 13.41 9.44 16.97
C MET B 68 14.37 8.25 17.12
N LEU B 69 14.55 7.80 18.36
CA LEU B 69 15.48 6.70 18.62
C LEU B 69 15.07 5.40 17.89
N ASP B 70 13.77 5.16 17.80
CA ASP B 70 13.31 4.02 17.04
C ASP B 70 13.76 4.00 15.58
N GLY B 71 13.68 5.15 14.92
CA GLY B 71 14.22 5.29 13.57
C GLY B 71 15.72 4.95 13.50
N PHE B 72 16.50 5.52 14.40
CA PHE B 72 17.93 5.27 14.44
C PHE B 72 18.23 3.78 14.56
N ARG B 73 17.51 3.10 15.44
CA ARG B 73 17.78 1.70 15.72
C ARG B 73 17.61 0.85 14.46
N THR B 74 16.52 1.11 13.72
CA THR B 74 16.21 0.34 12.51
C THR B 74 17.37 0.47 11.51
N ALA B 75 17.88 1.69 11.40
CA ALA B 75 19.00 2.00 10.52
C ALA B 75 20.30 1.30 10.95
N LEU B 76 20.69 1.48 12.20
CA LEU B 76 21.90 0.85 12.73
C LEU B 76 21.84 -0.66 12.48
N THR B 77 20.64 -1.19 12.63
CA THR B 77 20.51 -2.61 12.58
C THR B 77 20.69 -3.08 11.15
N ASP B 78 20.23 -2.29 10.19
CA ASP B 78 20.42 -2.67 8.81
C ASP B 78 21.87 -2.53 8.35
N HIS B 79 22.51 -1.42 8.71
CA HIS B 79 23.93 -1.24 8.36
C HIS B 79 24.82 -2.37 8.89
N LEU B 80 24.60 -2.76 10.14
CA LEU B 80 25.45 -3.74 10.78
C LEU B 80 25.24 -5.10 10.14
N ASP B 81 24.00 -5.33 9.73
CA ASP B 81 23.66 -6.52 8.96
C ASP B 81 24.50 -6.54 7.69
N THR B 82 24.73 -5.37 7.11
CA THR B 82 25.46 -5.27 5.84
C THR B 82 26.93 -5.64 6.04
N PHE B 83 27.54 -5.12 7.12
CA PHE B 83 28.94 -5.40 7.42
C PHE B 83 29.10 -6.88 7.68
N ALA B 84 28.16 -7.44 8.43
CA ALA B 84 28.24 -8.83 8.81
C ALA B 84 28.42 -9.66 7.55
N GLU B 85 27.44 -9.51 6.66
CA GLU B 85 27.31 -10.36 5.49
C GLU B 85 28.48 -10.18 4.53
N ARG B 86 29.04 -8.97 4.47
CA ARG B 86 30.22 -8.77 3.66
C ARG B 86 31.36 -9.60 4.22
N ALA B 87 31.50 -9.56 5.54
CA ALA B 87 32.57 -10.26 6.22
C ALA B 87 32.51 -11.77 5.94
N VAL B 88 31.32 -12.34 6.02
CA VAL B 88 31.18 -13.73 5.71
C VAL B 88 31.57 -13.93 4.24
N GLN B 89 31.16 -12.98 3.38
CA GLN B 89 31.42 -13.04 1.93
C GLN B 89 32.88 -13.21 1.55
N LEU B 90 33.76 -12.59 2.33
CA LEU B 90 35.18 -12.65 2.05
C LEU B 90 35.78 -13.90 2.67
N GLY B 91 34.95 -14.66 3.36
CA GLY B 91 35.35 -15.95 3.87
C GLY B 91 35.58 -15.93 5.35
N GLY B 92 35.12 -14.86 5.97
CA GLY B 92 35.23 -14.69 7.40
C GLY B 92 33.99 -15.15 8.14
N VAL B 93 34.07 -15.05 9.47
CA VAL B 93 32.98 -15.38 10.37
C VAL B 93 32.51 -14.09 11.04
N ALA B 94 31.21 -13.82 11.02
CA ALA B 94 30.69 -12.63 11.68
C ALA B 94 30.74 -12.85 13.20
N LEU B 95 30.85 -11.78 13.99
CA LEU B 95 30.88 -11.90 15.46
C LEU B 95 29.97 -10.91 16.18
N GLY B 96 28.87 -11.41 16.76
CA GLY B 96 27.89 -10.52 17.36
C GLY B 96 27.17 -11.03 18.61
N THR B 97 27.76 -11.97 19.33
CA THR B 97 27.15 -12.46 20.56
C THR B 97 27.39 -11.49 21.72
N ALA B 98 26.51 -11.50 22.72
CA ALA B 98 26.70 -10.63 23.89
C ALA B 98 28.16 -10.58 24.41
N GLN B 99 28.77 -11.77 24.53
CA GLN B 99 30.12 -11.92 25.07
C GLN B 99 31.19 -11.24 24.20
N VAL B 100 31.02 -11.29 22.88
CA VAL B 100 31.97 -10.59 22.03
C VAL B 100 31.81 -9.06 22.09
N ILE B 101 30.58 -8.56 22.11
CA ILE B 101 30.37 -7.12 22.20
C ILE B 101 30.96 -6.60 23.50
N ASN B 102 30.68 -7.31 24.58
CA ASN B 102 31.16 -6.91 25.89
C ASN B 102 32.68 -6.84 25.93
N ASP B 103 33.33 -7.92 25.48
CA ASP B 103 34.79 -8.07 25.50
C ASP B 103 35.52 -7.22 24.47
N LYS B 104 34.83 -6.77 23.42
CA LYS B 104 35.51 -6.11 22.31
C LYS B 104 35.04 -4.69 21.98
N THR B 105 33.97 -4.21 22.61
CA THR B 105 33.51 -2.87 22.29
C THR B 105 34.44 -1.81 22.83
N PRO B 106 34.72 -0.78 22.03
CA PRO B 106 35.49 0.37 22.46
C PRO B 106 34.72 1.25 23.46
N LEU B 107 33.42 1.42 23.26
CA LEU B 107 32.67 2.43 24.01
C LEU B 107 32.43 2.08 25.47
N LYS B 108 32.39 3.11 26.29
CA LYS B 108 32.14 2.97 27.72
C LYS B 108 30.73 2.47 27.94
N SER B 109 30.55 1.68 28.99
CA SER B 109 29.25 1.18 29.40
C SER B 109 28.27 2.32 29.52
N TYR B 110 27.02 2.10 29.12
CA TYR B 110 26.02 3.16 29.19
C TYR B 110 25.41 3.25 30.58
N PRO B 111 25.15 4.49 31.02
CA PRO B 111 24.76 4.84 32.39
C PRO B 111 23.31 4.44 32.69
N THR B 112 23.17 3.53 33.65
CA THR B 112 21.87 3.01 34.04
C THR B 112 21.04 3.95 34.93
N ASN B 113 21.70 4.79 35.73
CA ASN B 113 20.96 5.62 36.68
C ASN B 113 20.63 7.03 36.19
N ILE B 114 20.54 7.23 34.89
CA ILE B 114 20.15 8.54 34.37
C ILE B 114 18.75 8.53 33.74
N HIS B 115 18.02 9.64 33.90
CA HIS B 115 16.60 9.64 33.58
C HIS B 115 16.14 10.76 32.66
N SER B 116 16.72 11.94 32.79
CA SER B 116 16.26 13.08 31.99
C SER B 116 16.57 12.89 30.52
N VAL B 117 15.74 13.48 29.67
CA VAL B 117 15.97 13.49 28.24
C VAL B 117 17.36 14.08 27.91
N GLN B 118 17.67 15.21 28.55
CA GLN B 118 18.96 15.88 28.36
C GLN B 118 20.19 15.05 28.78
N GLU B 119 20.10 14.32 29.90
CA GLU B 119 21.19 13.43 30.33
C GLU B 119 21.41 12.35 29.24
N HIS B 120 20.29 11.78 28.80
CA HIS B 120 20.30 10.71 27.80
C HIS B 120 20.82 11.19 26.45
N LEU B 121 20.37 12.35 25.98
CA LEU B 121 20.89 12.88 24.72
C LEU B 121 22.43 12.99 24.74
N LYS B 122 22.96 13.57 25.80
CA LYS B 122 24.41 13.73 25.94
C LYS B 122 25.13 12.38 26.13
N ALA B 123 24.49 11.43 26.81
CA ALA B 123 25.08 10.12 26.97
C ALA B 123 25.20 9.42 25.62
N LEU B 124 24.21 9.62 24.76
CA LEU B 124 24.22 9.04 23.41
C LEU B 124 25.18 9.78 22.49
N ALA B 125 25.13 11.11 22.50
CA ALA B 125 26.02 11.92 21.69
C ALA B 125 27.44 11.38 21.82
N GLU B 126 27.97 11.38 23.04
CA GLU B 126 29.29 10.82 23.33
C GLU B 126 29.57 9.50 22.63
N ARG B 127 28.68 8.54 22.77
CA ARG B 127 28.93 7.24 22.19
C ARG B 127 28.79 7.20 20.67
N TYR B 128 27.67 7.70 20.16
CA TYR B 128 27.46 7.87 18.72
C TYR B 128 28.69 8.49 18.02
N ALA B 129 29.14 9.64 18.51
CA ALA B 129 30.27 10.34 17.89
C ALA B 129 31.55 9.51 17.84
N ILE B 130 31.81 8.70 18.86
CA ILE B 130 33.01 7.87 18.85
C ILE B 130 32.95 6.87 17.70
N VAL B 131 31.80 6.21 17.56
CA VAL B 131 31.53 5.33 16.44
C VAL B 131 31.47 6.11 15.12
N ALA B 132 30.84 7.28 15.16
CA ALA B 132 30.72 8.17 14.00
C ALA B 132 32.06 8.49 13.36
N ASN B 133 33.01 8.89 14.19
CA ASN B 133 34.35 9.24 13.74
C ASN B 133 35.21 8.02 13.36
N ASP B 134 35.10 6.92 14.11
CA ASP B 134 35.83 5.71 13.73
C ASP B 134 35.51 5.27 12.31
N ILE B 135 34.23 5.06 12.02
CA ILE B 135 33.84 4.58 10.70
C ILE B 135 34.09 5.61 9.58
N ARG B 136 34.22 6.88 9.92
CA ARG B 136 34.58 7.86 8.91
C ARG B 136 36.04 7.71 8.51
N LYS B 137 36.92 7.41 9.45
CA LYS B 137 38.31 7.15 9.07
C LYS B 137 38.48 5.71 8.57
N ALA B 138 37.47 4.88 8.78
CA ALA B 138 37.50 3.51 8.29
C ALA B 138 37.34 3.49 6.77
N ILE B 139 36.52 4.41 6.26
CA ILE B 139 36.26 4.49 4.82
C ILE B 139 37.56 4.51 4.04
N THR B 140 38.47 5.39 4.48
CA THR B 140 39.76 5.56 3.84
C THR B 140 40.75 4.44 4.18
N GLU B 141 40.47 3.66 5.22
CA GLU B 141 41.44 2.68 5.68
C GLU B 141 41.21 1.23 5.21
N VAL B 142 40.12 0.99 4.49
CA VAL B 142 39.86 -0.36 3.98
C VAL B 142 40.25 -0.49 2.51
N GLU B 143 40.75 -1.67 2.14
CA GLU B 143 41.22 -1.90 0.77
C GLU B 143 40.08 -2.34 -0.15
N ASP B 144 39.02 -2.88 0.46
CA ASP B 144 37.82 -3.34 -0.23
C ASP B 144 36.91 -2.15 -0.58
N GLU B 145 36.69 -1.92 -1.87
CA GLU B 145 35.82 -0.84 -2.33
C GLU B 145 34.38 -1.07 -1.88
N ASN B 146 33.98 -2.34 -1.89
CA ASN B 146 32.66 -2.75 -1.44
C ASN B 146 32.46 -2.44 0.03
N SER B 147 33.55 -2.37 0.77
CA SER B 147 33.49 -2.00 2.18
C SER B 147 33.53 -0.50 2.36
N ALA B 148 34.28 0.19 1.51
CA ALA B 148 34.33 1.65 1.58
C ALA B 148 32.96 2.25 1.24
N ASP B 149 32.32 1.77 0.19
CA ASP B 149 31.00 2.27 -0.11
C ASP B 149 30.10 1.98 1.07
N MET B 150 30.21 0.76 1.57
CA MET B 150 29.38 0.26 2.67
C MET B 150 29.52 1.14 3.89
N PHE B 151 30.76 1.42 4.24
CA PHE B 151 31.04 2.16 5.44
C PHE B 151 30.50 3.58 5.29
N THR B 152 30.47 4.04 4.04
CA THR B 152 30.16 5.41 3.69
C THR B 152 28.68 5.69 3.88
N ALA B 153 27.85 4.78 3.39
CA ALA B 153 26.42 4.87 3.65
C ALA B 153 26.21 4.98 5.15
N ALA B 154 26.91 4.13 5.89
CA ALA B 154 26.77 4.06 7.34
C ALA B 154 27.18 5.39 7.95
N SER B 155 28.37 5.86 7.57
CA SER B 155 28.89 7.13 8.03
C SER B 155 27.85 8.24 7.83
N ARG B 156 27.26 8.28 6.64
CA ARG B 156 26.34 9.35 6.35
C ARG B 156 25.19 9.33 7.35
N ASP B 157 24.62 8.15 7.58
CA ASP B 157 23.51 8.05 8.53
C ASP B 157 23.93 8.38 9.93
N LEU B 158 25.05 7.80 10.33
CA LEU B 158 25.61 8.01 11.64
C LEU B 158 25.92 9.51 11.90
N ASP B 159 26.45 10.21 10.91
CA ASP B 159 26.74 11.64 11.04
C ASP B 159 25.45 12.46 11.16
N LYS B 160 24.45 12.11 10.38
CA LYS B 160 23.14 12.73 10.50
C LYS B 160 22.54 12.44 11.87
N PHE B 161 22.74 11.23 12.37
CA PHE B 161 22.13 10.84 13.62
C PHE B 161 22.76 11.64 14.76
N LEU B 162 24.09 11.75 14.74
CA LEU B 162 24.80 12.54 15.74
C LEU B 162 24.35 14.01 15.73
N TRP B 163 24.04 14.52 14.53
CA TRP B 163 23.56 15.88 14.33
C TRP B 163 22.14 16.07 14.88
N PHE B 164 21.27 15.11 14.59
CA PHE B 164 19.94 15.02 15.22
C PHE B 164 20.00 14.98 16.76
N ILE B 165 20.91 14.17 17.32
CA ILE B 165 21.01 14.04 18.79
C ILE B 165 21.59 15.30 19.41
N GLU B 166 22.64 15.85 18.82
CA GLU B 166 23.22 17.06 19.38
C GLU B 166 22.24 18.22 19.27
N SER B 167 21.45 18.22 18.20
CA SER B 167 20.63 19.39 17.92
C SER B 167 19.40 19.53 18.84
N ASN B 168 19.16 18.50 19.64
CA ASN B 168 18.05 18.52 20.56
C ASN B 168 18.49 18.99 21.92
N ILE B 169 19.79 18.94 22.16
CA ILE B 169 20.37 19.41 23.41
C ILE B 169 20.15 20.92 23.60
N GLU B 170 19.45 21.28 24.67
CA GLU B 170 19.05 22.67 24.91
C GLU B 170 20.28 23.59 24.97
N LEU C 17 -41.54 16.21 -6.15
CA LEU C 17 -40.30 16.02 -5.40
C LEU C 17 -40.45 14.99 -4.30
N LEU C 18 -39.58 13.97 -4.31
CA LEU C 18 -39.60 12.95 -3.26
C LEU C 18 -39.39 13.63 -1.89
N TYR C 19 -39.79 12.94 -0.81
CA TYR C 19 -39.69 13.51 0.54
C TYR C 19 -38.30 13.40 1.20
N THR C 20 -37.92 14.47 1.90
CA THR C 20 -36.67 14.50 2.64
C THR C 20 -36.62 15.61 3.69
N ARG C 21 -36.14 15.26 4.89
CA ARG C 21 -35.89 16.21 5.95
C ARG C 21 -34.96 17.31 5.49
N ASN C 22 -34.38 17.13 4.30
CA ASN C 22 -33.54 18.17 3.73
C ASN C 22 -34.46 19.36 3.53
N ASP C 23 -34.15 20.48 4.19
CA ASP C 23 -35.11 21.57 4.33
C ASP C 23 -34.93 22.67 3.29
N VAL C 24 -34.00 22.48 2.36
CA VAL C 24 -33.88 23.42 1.26
C VAL C 24 -35.29 23.65 0.70
N GLU C 25 -35.63 24.91 0.43
CA GLU C 25 -36.97 25.25 -0.07
C GLU C 25 -37.34 24.54 -1.39
N GLU C 26 -38.64 24.47 -1.68
CA GLU C 26 -39.06 23.83 -2.92
C GLU C 26 -38.46 24.52 -4.15
N HIS C 27 -38.79 25.79 -4.37
CA HIS C 27 -38.40 26.44 -5.62
C HIS C 27 -36.92 26.19 -5.94
N VAL C 28 -36.07 26.47 -4.97
CA VAL C 28 -34.63 26.24 -5.13
C VAL C 28 -34.29 24.75 -5.23
N LYS C 29 -35.09 23.90 -4.60
CA LYS C 29 -34.94 22.46 -4.81
C LYS C 29 -35.12 22.14 -6.28
N VAL C 30 -36.24 22.57 -6.84
CA VAL C 30 -36.57 22.30 -8.24
C VAL C 30 -35.60 22.94 -9.25
N ALA C 31 -35.34 24.23 -9.10
CA ALA C 31 -34.43 24.92 -10.00
C ALA C 31 -33.05 24.24 -10.06
N THR C 32 -32.50 23.95 -8.88
CA THR C 32 -31.18 23.31 -8.77
C THR C 32 -31.11 21.93 -9.41
N ILE C 33 -32.11 21.11 -9.13
CA ILE C 33 -32.20 19.76 -9.68
C ILE C 33 -32.01 19.78 -11.19
N LYS C 34 -32.71 20.68 -11.88
CA LYS C 34 -32.57 20.77 -13.33
C LYS C 34 -31.13 21.02 -13.76
N ARG C 35 -30.56 22.11 -13.25
CA ARG C 35 -29.17 22.46 -13.50
C ARG C 35 -28.23 21.26 -13.25
N LEU C 36 -28.56 20.44 -12.24
CA LEU C 36 -27.77 19.26 -11.89
C LEU C 36 -27.91 18.14 -12.90
N ASN C 37 -29.13 17.94 -13.39
CA ASN C 37 -29.34 16.95 -14.45
C ASN C 37 -28.68 17.44 -15.72
N GLN C 38 -28.85 18.74 -15.98
CA GLN C 38 -28.32 19.39 -17.15
C GLN C 38 -26.83 19.15 -17.22
N MET C 39 -26.20 19.26 -16.05
CA MET C 39 -24.77 19.14 -15.94
C MET C 39 -24.33 17.67 -15.95
N VAL C 40 -25.15 16.81 -15.33
CA VAL C 40 -24.92 15.37 -15.39
C VAL C 40 -24.78 14.96 -16.86
N ILE C 41 -25.73 15.48 -17.64
CA ILE C 41 -25.84 15.18 -19.06
C ILE C 41 -24.59 15.60 -19.86
N GLN C 42 -24.12 16.81 -19.64
CA GLN C 42 -22.96 17.27 -20.37
C GLN C 42 -21.69 16.47 -20.06
N PHE C 43 -21.60 15.93 -18.85
CA PHE C 43 -20.41 15.16 -18.45
C PHE C 43 -20.49 13.73 -18.97
N ILE C 44 -21.65 13.11 -18.80
CA ILE C 44 -21.82 11.75 -19.28
C ILE C 44 -21.40 11.73 -20.75
N ASP C 45 -21.88 12.71 -21.51
CA ASP C 45 -21.53 12.80 -22.91
C ASP C 45 -20.02 13.06 -23.04
N LEU C 46 -19.58 14.14 -22.42
CA LEU C 46 -18.18 14.48 -22.33
C LEU C 46 -17.37 13.24 -21.92
N SER C 47 -17.98 12.41 -21.08
CA SER C 47 -17.35 11.17 -20.63
C SER C 47 -17.24 10.21 -21.81
N LEU C 48 -18.34 10.08 -22.55
CA LEU C 48 -18.40 9.18 -23.69
C LEU C 48 -17.43 9.61 -24.80
N ILE C 49 -17.38 10.92 -25.07
CA ILE C 49 -16.55 11.45 -26.16
C ILE C 49 -15.05 11.26 -25.89
N THR C 50 -14.69 11.33 -24.62
CA THR C 50 -13.33 11.15 -24.18
C THR C 50 -12.80 9.77 -24.52
N LYS C 51 -13.55 8.73 -24.14
CA LYS C 51 -13.16 7.34 -24.44
C LYS C 51 -13.15 7.08 -25.93
N GLN C 52 -14.16 7.58 -26.63
CA GLN C 52 -14.18 7.49 -28.09
C GLN C 52 -12.84 7.99 -28.67
N ALA C 53 -12.57 9.27 -28.51
CA ALA C 53 -11.29 9.83 -28.93
C ALA C 53 -10.10 9.01 -28.43
N HIS C 54 -10.29 8.31 -27.32
CA HIS C 54 -9.26 7.49 -26.71
C HIS C 54 -8.89 6.29 -27.59
N TRP C 55 -9.90 5.61 -28.14
CA TRP C 55 -9.67 4.37 -28.86
C TRP C 55 -9.21 4.59 -30.27
N ASN C 56 -9.63 5.69 -30.87
CA ASN C 56 -9.49 5.85 -32.30
C ASN C 56 -8.51 6.93 -32.73
N MET C 57 -7.54 7.23 -31.88
CA MET C 57 -6.48 8.14 -32.29
C MET C 57 -5.24 7.33 -32.68
N ARG C 58 -4.48 7.86 -33.62
CA ARG C 58 -3.13 7.40 -33.85
C ARG C 58 -2.29 8.56 -34.35
N GLY C 59 -0.98 8.35 -34.45
CA GLY C 59 -0.09 9.41 -34.84
C GLY C 59 0.77 9.86 -33.68
N ALA C 60 1.45 10.99 -33.86
CA ALA C 60 2.43 11.50 -32.90
C ALA C 60 1.83 11.77 -31.52
N ASN C 61 2.58 11.37 -30.49
CA ASN C 61 2.15 11.51 -29.11
C ASN C 61 0.92 10.67 -28.83
N PHE C 62 0.92 9.44 -29.32
CA PHE C 62 -0.21 8.57 -29.06
C PHE C 62 -0.29 8.14 -27.60
N VAL C 63 0.69 7.36 -27.15
CA VAL C 63 0.59 6.71 -25.85
C VAL C 63 0.28 7.69 -24.70
N ALA C 64 1.01 8.80 -24.64
CA ALA C 64 0.84 9.74 -23.54
C ALA C 64 -0.52 10.41 -23.53
N VAL C 65 -0.95 10.90 -24.68
CA VAL C 65 -2.27 11.53 -24.76
C VAL C 65 -3.38 10.54 -24.51
N HIS C 66 -3.18 9.33 -25.02
CA HIS C 66 -4.02 8.17 -24.78
C HIS C 66 -4.16 7.89 -23.29
N GLU C 67 -3.04 7.89 -22.57
CA GLU C 67 -3.09 7.56 -21.14
C GLU C 67 -3.68 8.70 -20.33
N MET C 68 -3.37 9.93 -20.72
CA MET C 68 -4.03 11.15 -20.23
C MET C 68 -5.56 11.01 -20.17
N LEU C 69 -6.15 10.65 -21.30
CA LEU C 69 -7.60 10.66 -21.41
C LEU C 69 -8.27 9.77 -20.40
N ASP C 70 -7.65 8.63 -20.12
CA ASP C 70 -8.22 7.69 -19.16
C ASP C 70 -8.34 8.39 -17.83
N GLY C 71 -7.31 9.17 -17.50
CA GLY C 71 -7.31 10.00 -16.32
C GLY C 71 -8.48 10.96 -16.28
N PHE C 72 -8.76 11.61 -17.40
CA PHE C 72 -9.90 12.52 -17.47
C PHE C 72 -11.21 11.78 -17.19
N ARG C 73 -11.36 10.63 -17.84
CA ARG C 73 -12.60 9.86 -17.74
C ARG C 73 -12.94 9.63 -16.27
N THR C 74 -11.99 9.02 -15.56
CA THR C 74 -12.13 8.74 -14.14
C THR C 74 -12.58 9.97 -13.36
N ALA C 75 -11.88 11.08 -13.54
CA ALA C 75 -12.30 12.36 -12.96
C ALA C 75 -13.70 12.83 -13.40
N LEU C 76 -14.01 12.76 -14.70
CA LEU C 76 -15.33 13.19 -15.17
C LEU C 76 -16.42 12.37 -14.52
N THR C 77 -16.13 11.06 -14.43
CA THR C 77 -17.04 10.08 -13.87
C THR C 77 -17.44 10.43 -12.44
N ASP C 78 -16.45 10.75 -11.62
CA ASP C 78 -16.75 11.01 -10.22
C ASP C 78 -17.42 12.37 -9.99
N HIS C 79 -17.06 13.39 -10.76
CA HIS C 79 -17.75 14.67 -10.69
C HIS C 79 -19.23 14.53 -11.01
N LEU C 80 -19.55 13.81 -12.08
CA LEU C 80 -20.94 13.71 -12.50
C LEU C 80 -21.76 12.95 -11.46
N ASP C 81 -21.18 11.90 -10.88
CA ASP C 81 -21.85 11.14 -9.83
C ASP C 81 -22.18 12.02 -8.61
N THR C 82 -21.36 13.05 -8.40
CA THR C 82 -21.56 14.02 -7.35
C THR C 82 -22.78 14.87 -7.68
N PHE C 83 -22.92 15.25 -8.96
CA PHE C 83 -24.05 16.04 -9.41
C PHE C 83 -25.36 15.25 -9.29
N ALA C 84 -25.34 14.01 -9.76
CA ALA C 84 -26.52 13.20 -9.76
C ALA C 84 -27.04 13.02 -8.35
N GLU C 85 -26.13 12.69 -7.44
CA GLU C 85 -26.51 12.38 -6.08
C GLU C 85 -27.07 13.62 -5.37
N ARG C 86 -26.62 14.81 -5.76
CA ARG C 86 -27.16 16.02 -5.16
C ARG C 86 -28.57 16.21 -5.64
N ALA C 87 -28.78 15.97 -6.92
CA ALA C 87 -30.10 16.09 -7.51
C ALA C 87 -31.07 15.13 -6.81
N VAL C 88 -30.63 13.90 -6.55
CA VAL C 88 -31.47 12.96 -5.79
C VAL C 88 -31.67 13.46 -4.36
N GLN C 89 -30.62 14.00 -3.75
CA GLN C 89 -30.65 14.53 -2.38
C GLN C 89 -31.69 15.64 -2.23
N LEU C 90 -31.71 16.55 -3.19
CA LEU C 90 -32.66 17.65 -3.16
C LEU C 90 -34.07 17.17 -3.50
N GLY C 91 -34.19 15.89 -3.86
CA GLY C 91 -35.48 15.24 -4.00
C GLY C 91 -36.02 14.94 -5.40
N GLY C 92 -35.17 15.11 -6.40
CA GLY C 92 -35.53 14.82 -7.77
C GLY C 92 -34.98 13.49 -8.26
N VAL C 93 -34.92 13.36 -9.57
CA VAL C 93 -34.39 12.16 -10.20
C VAL C 93 -33.17 12.53 -11.01
N ALA C 94 -32.13 11.69 -10.94
CA ALA C 94 -30.95 11.93 -11.74
C ALA C 94 -31.08 11.16 -13.06
N LEU C 95 -30.92 11.86 -14.17
CA LEU C 95 -31.12 11.27 -15.49
C LEU C 95 -29.80 11.00 -16.21
N GLY C 96 -29.53 9.73 -16.52
CA GLY C 96 -28.26 9.37 -17.12
C GLY C 96 -28.38 8.40 -18.28
N THR C 97 -29.61 8.10 -18.67
CA THR C 97 -29.83 7.16 -19.76
C THR C 97 -29.28 7.63 -21.10
N ALA C 98 -28.81 6.69 -21.91
CA ALA C 98 -28.33 6.98 -23.27
C ALA C 98 -29.36 7.84 -24.01
N GLN C 99 -30.60 7.38 -24.01
CA GLN C 99 -31.68 8.11 -24.65
C GLN C 99 -31.64 9.58 -24.27
N VAL C 100 -31.78 9.86 -22.96
CA VAL C 100 -31.79 11.23 -22.46
C VAL C 100 -30.53 12.00 -22.89
N ILE C 101 -29.37 11.37 -22.81
CA ILE C 101 -28.15 12.01 -23.26
C ILE C 101 -28.25 12.41 -24.73
N ASN C 102 -28.69 11.44 -25.53
CA ASN C 102 -28.72 11.60 -26.96
C ASN C 102 -29.42 12.88 -27.36
N ASP C 103 -30.52 13.17 -26.69
CA ASP C 103 -31.40 14.23 -27.18
C ASP C 103 -31.46 15.47 -26.32
N LYS C 104 -30.82 15.45 -25.15
CA LYS C 104 -30.71 16.68 -24.38
C LYS C 104 -29.27 17.19 -24.34
N THR C 105 -28.36 16.43 -24.93
CA THR C 105 -26.97 16.89 -25.00
C THR C 105 -26.86 18.13 -25.88
N PRO C 106 -26.19 19.19 -25.38
CA PRO C 106 -26.02 20.42 -26.14
C PRO C 106 -24.70 20.44 -26.91
N LEU C 107 -24.01 19.31 -26.93
CA LEU C 107 -22.77 19.21 -27.67
C LEU C 107 -22.96 18.57 -29.04
N LYS C 108 -22.27 19.12 -30.03
CA LYS C 108 -22.26 18.58 -31.38
C LYS C 108 -21.84 17.11 -31.37
N SER C 109 -22.57 16.28 -32.12
CA SER C 109 -22.25 14.86 -32.23
C SER C 109 -20.79 14.61 -32.60
N TYR C 110 -20.15 13.68 -31.91
CA TYR C 110 -18.73 13.44 -32.11
C TYR C 110 -18.42 12.71 -33.43
N PRO C 111 -17.43 13.24 -34.19
CA PRO C 111 -17.03 12.71 -35.50
C PRO C 111 -16.34 11.35 -35.36
N THR C 112 -16.74 10.42 -36.21
CA THR C 112 -16.25 9.06 -36.11
C THR C 112 -15.29 8.66 -37.24
N ASN C 113 -14.94 9.63 -38.09
CA ASN C 113 -14.03 9.36 -39.20
C ASN C 113 -12.62 9.94 -39.02
N ILE C 114 -12.40 10.60 -37.90
CA ILE C 114 -11.08 11.16 -37.60
C ILE C 114 -10.19 10.13 -36.89
N HIS C 115 -8.87 10.20 -37.11
CA HIS C 115 -7.98 9.18 -36.57
C HIS C 115 -6.71 9.74 -35.93
N SER C 116 -6.27 10.90 -36.38
CA SER C 116 -4.99 11.44 -35.91
C SER C 116 -5.12 12.09 -34.54
N VAL C 117 -4.06 12.04 -33.74
CA VAL C 117 -4.08 12.65 -32.42
C VAL C 117 -4.61 14.09 -32.46
N GLN C 118 -4.00 14.93 -33.29
CA GLN C 118 -4.42 16.33 -33.40
C GLN C 118 -5.93 16.47 -33.69
N GLU C 119 -6.39 15.92 -34.82
CA GLU C 119 -7.82 15.96 -35.14
C GLU C 119 -8.64 15.75 -33.87
N HIS C 120 -8.30 14.70 -33.13
CA HIS C 120 -9.01 14.33 -31.92
C HIS C 120 -8.87 15.37 -30.81
N LEU C 121 -7.65 15.89 -30.62
CA LEU C 121 -7.47 16.94 -29.63
C LEU C 121 -8.37 18.14 -29.92
N LYS C 122 -8.51 18.47 -31.21
CA LYS C 122 -9.30 19.64 -31.61
C LYS C 122 -10.77 19.36 -31.34
N ALA C 123 -11.23 18.17 -31.73
CA ALA C 123 -12.60 17.76 -31.46
C ALA C 123 -12.91 17.72 -29.96
N LEU C 124 -11.89 17.43 -29.15
CA LEU C 124 -12.02 17.40 -27.70
C LEU C 124 -11.99 18.80 -27.18
N ALA C 125 -10.96 19.52 -27.62
CA ALA C 125 -10.84 20.93 -27.35
C ALA C 125 -12.22 21.58 -27.34
N GLU C 126 -12.83 21.64 -28.52
CA GLU C 126 -14.07 22.38 -28.74
C GLU C 126 -15.17 22.03 -27.74
N ARG C 127 -15.25 20.76 -27.38
CA ARG C 127 -16.39 20.30 -26.57
C ARG C 127 -16.15 20.45 -25.07
N TYR C 128 -15.01 19.96 -24.58
CA TYR C 128 -14.59 20.29 -23.23
C TYR C 128 -14.74 21.79 -22.96
N ALA C 129 -14.43 22.59 -23.98
CA ALA C 129 -14.41 24.04 -23.85
C ALA C 129 -15.80 24.59 -23.65
N ILE C 130 -16.80 23.95 -24.25
CA ILE C 130 -18.14 24.49 -24.11
C ILE C 130 -18.76 24.07 -22.78
N VAL C 131 -18.35 22.91 -22.26
CA VAL C 131 -18.87 22.43 -20.98
C VAL C 131 -18.20 23.21 -19.85
N ALA C 132 -16.90 23.42 -19.98
CA ALA C 132 -16.14 24.17 -19.00
C ALA C 132 -16.55 25.65 -18.99
N ASN C 133 -17.01 26.17 -20.11
CA ASN C 133 -17.47 27.57 -20.14
C ASN C 133 -18.88 27.68 -19.54
N ASP C 134 -19.61 26.57 -19.54
CA ASP C 134 -20.96 26.59 -18.99
C ASP C 134 -21.00 26.30 -17.49
N ILE C 135 -20.15 25.39 -17.02
CA ILE C 135 -20.17 25.07 -15.60
C ILE C 135 -19.63 26.23 -14.72
N ARG C 136 -18.86 27.13 -15.34
CA ARG C 136 -18.25 28.24 -14.61
C ARG C 136 -19.26 29.35 -14.38
N LYS C 137 -20.16 29.55 -15.34
CA LYS C 137 -21.29 30.45 -15.13
C LYS C 137 -22.29 29.81 -14.16
N ALA C 138 -22.40 28.49 -14.22
CA ALA C 138 -23.28 27.76 -13.32
C ALA C 138 -22.92 27.96 -11.86
N ILE C 139 -21.64 27.84 -11.52
CA ILE C 139 -21.22 28.06 -10.15
C ILE C 139 -22.00 29.24 -9.58
N THR C 140 -22.11 30.28 -10.37
CA THR C 140 -22.61 31.54 -9.89
C THR C 140 -24.09 31.78 -10.23
N GLU C 141 -24.75 30.77 -10.78
CA GLU C 141 -26.18 30.88 -11.08
C GLU C 141 -27.09 30.17 -10.05
N VAL C 142 -26.70 28.99 -9.57
CA VAL C 142 -27.53 28.26 -8.60
C VAL C 142 -27.51 28.99 -7.27
N GLU C 143 -28.53 28.75 -6.46
CA GLU C 143 -28.52 29.26 -5.10
C GLU C 143 -28.50 28.15 -4.07
N ASP C 144 -28.18 26.92 -4.50
CA ASP C 144 -27.85 25.87 -3.55
C ASP C 144 -26.35 25.84 -3.34
N GLU C 145 -25.96 26.33 -2.16
CA GLU C 145 -24.58 26.44 -1.74
C GLU C 145 -23.77 25.19 -2.09
N ASN C 146 -24.16 24.05 -1.54
CA ASN C 146 -23.43 22.81 -1.80
C ASN C 146 -23.21 22.60 -3.28
N SER C 147 -24.20 22.99 -4.09
CA SER C 147 -24.14 22.76 -5.52
C SER C 147 -23.11 23.66 -6.20
N ALA C 148 -23.02 24.90 -5.76
CA ALA C 148 -22.01 25.81 -6.30
C ALA C 148 -20.60 25.28 -6.03
N ASP C 149 -20.46 24.57 -4.92
CA ASP C 149 -19.20 23.94 -4.53
C ASP C 149 -18.82 22.79 -5.46
N MET C 150 -19.73 21.83 -5.62
CA MET C 150 -19.58 20.74 -6.58
C MET C 150 -19.08 21.27 -7.91
N PHE C 151 -19.80 22.25 -8.43
CA PHE C 151 -19.50 22.84 -9.73
C PHE C 151 -18.10 23.38 -9.76
N THR C 152 -17.71 24.05 -8.68
CA THR C 152 -16.41 24.70 -8.65
C THR C 152 -15.23 23.71 -8.64
N ALA C 153 -15.41 22.58 -7.96
CA ALA C 153 -14.42 21.52 -8.02
C ALA C 153 -14.37 20.92 -9.43
N ALA C 154 -15.55 20.75 -10.02
CA ALA C 154 -15.63 20.24 -11.36
C ALA C 154 -15.01 21.24 -12.34
N SER C 155 -15.45 22.50 -12.28
CA SER C 155 -14.87 23.53 -13.13
C SER C 155 -13.35 23.51 -12.99
N ARG C 156 -12.86 23.48 -11.75
CA ARG C 156 -11.42 23.51 -11.57
C ARG C 156 -10.69 22.39 -12.34
N ASP C 157 -11.26 21.19 -12.33
CA ASP C 157 -10.72 20.09 -13.09
C ASP C 157 -10.90 20.28 -14.60
N LEU C 158 -12.12 20.56 -15.02
CA LEU C 158 -12.41 20.85 -16.43
C LEU C 158 -11.44 21.87 -17.06
N ASP C 159 -11.23 23.01 -16.40
CA ASP C 159 -10.42 24.04 -16.99
C ASP C 159 -8.98 23.57 -17.07
N LYS C 160 -8.62 22.67 -16.17
CA LYS C 160 -7.28 22.08 -16.18
C LYS C 160 -7.11 21.20 -17.41
N PHE C 161 -8.11 20.37 -17.69
CA PHE C 161 -8.08 19.46 -18.83
C PHE C 161 -8.10 20.24 -20.14
N LEU C 162 -9.00 21.21 -20.24
CA LEU C 162 -9.05 22.04 -21.44
C LEU C 162 -7.62 22.53 -21.70
N TRP C 163 -6.99 23.09 -20.67
CA TRP C 163 -5.62 23.56 -20.77
C TRP C 163 -4.66 22.45 -21.20
N PHE C 164 -4.84 21.27 -20.62
CA PHE C 164 -4.04 20.09 -20.98
C PHE C 164 -4.28 19.68 -22.41
N ILE C 165 -5.53 19.74 -22.85
CA ILE C 165 -5.85 19.38 -24.22
C ILE C 165 -5.26 20.36 -25.23
N GLU C 166 -5.42 21.66 -24.98
CA GLU C 166 -4.95 22.67 -25.90
C GLU C 166 -3.45 22.74 -25.89
N SER C 167 -2.84 22.26 -24.81
CA SER C 167 -1.38 22.31 -24.72
C SER C 167 -0.70 21.14 -25.41
N ASN C 168 -1.47 20.16 -25.86
CA ASN C 168 -0.88 19.11 -26.69
C ASN C 168 -1.07 19.38 -28.19
N ILE C 169 -1.95 20.32 -28.52
CA ILE C 169 -2.15 20.67 -29.92
C ILE C 169 -0.92 21.37 -30.50
N GLU C 170 -0.49 20.90 -31.66
CA GLU C 170 0.62 21.51 -32.39
C GLU C 170 0.11 22.71 -33.18
N SER D 15 11.48 0.41 46.69
CA SER D 15 11.20 1.73 47.26
C SER D 15 11.88 2.85 46.46
N GLU D 16 12.81 2.46 45.58
CA GLU D 16 13.48 3.42 44.71
C GLU D 16 12.90 3.34 43.30
N LEU D 17 11.58 3.27 43.22
CA LEU D 17 10.86 3.32 41.95
C LEU D 17 10.63 4.76 41.54
N LEU D 18 10.67 5.02 40.25
CA LEU D 18 10.29 6.32 39.74
C LEU D 18 8.80 6.57 40.05
N TYR D 19 8.43 7.82 40.29
CA TYR D 19 7.04 8.14 40.60
C TYR D 19 6.09 8.02 39.42
N THR D 20 4.88 7.54 39.69
CA THR D 20 3.83 7.45 38.68
C THR D 20 2.44 7.23 39.31
N ARG D 21 1.38 7.64 38.61
CA ARG D 21 0.02 7.54 39.14
C ARG D 21 -0.55 6.15 38.92
N ASN D 22 0.19 5.34 38.17
CA ASN D 22 -0.10 3.91 38.05
C ASN D 22 -0.08 3.26 39.42
N ASP D 23 -1.22 2.82 39.92
CA ASP D 23 -1.33 2.42 41.34
C ASP D 23 -1.18 0.92 41.63
N VAL D 24 -0.41 0.18 40.84
CA VAL D 24 -0.19 -1.23 41.17
C VAL D 24 0.59 -1.37 42.47
N GLU D 25 0.17 -2.32 43.31
CA GLU D 25 0.81 -2.58 44.60
C GLU D 25 2.33 -2.61 44.48
N GLU D 26 3.00 -1.93 45.42
CA GLU D 26 4.42 -1.64 45.32
C GLU D 26 5.36 -2.85 45.35
N HIS D 27 4.98 -3.87 46.12
CA HIS D 27 5.76 -5.09 46.20
C HIS D 27 5.68 -5.83 44.86
N VAL D 28 4.48 -5.80 44.26
CA VAL D 28 4.22 -6.34 42.93
C VAL D 28 5.10 -5.69 41.85
N LYS D 29 5.14 -4.36 41.85
CA LYS D 29 5.99 -3.60 40.93
C LYS D 29 7.45 -4.05 40.92
N VAL D 30 8.03 -4.17 42.11
CA VAL D 30 9.44 -4.57 42.25
C VAL D 30 9.67 -5.99 41.74
N ALA D 31 8.81 -6.91 42.18
CA ALA D 31 8.91 -8.30 41.75
C ALA D 31 8.73 -8.39 40.24
N THR D 32 7.71 -7.69 39.72
CA THR D 32 7.35 -7.77 38.32
C THR D 32 8.46 -7.18 37.46
N ILE D 33 9.05 -6.09 37.95
CA ILE D 33 10.13 -5.43 37.26
C ILE D 33 11.32 -6.39 37.13
N LYS D 34 11.72 -7.00 38.23
CA LYS D 34 12.82 -7.98 38.15
C LYS D 34 12.50 -9.04 37.09
N ARG D 35 11.31 -9.61 37.16
CA ARG D 35 10.93 -10.60 36.19
C ARG D 35 11.00 -10.00 34.77
N LEU D 36 10.33 -8.86 34.56
CA LEU D 36 10.33 -8.20 33.24
C LEU D 36 11.74 -8.06 32.65
N ASN D 37 12.68 -7.62 33.50
CA ASN D 37 14.07 -7.39 33.08
C ASN D 37 14.86 -8.66 32.77
N GLN D 38 14.60 -9.71 33.55
CA GLN D 38 15.16 -11.02 33.31
C GLN D 38 14.71 -11.59 31.97
N MET D 39 13.48 -11.28 31.57
CA MET D 39 12.97 -11.77 30.28
C MET D 39 13.58 -10.95 29.14
N VAL D 40 13.78 -9.65 29.38
CA VAL D 40 14.46 -8.76 28.45
C VAL D 40 15.89 -9.20 28.14
N ILE D 41 16.59 -9.69 29.16
CA ILE D 41 17.96 -10.14 28.99
C ILE D 41 17.99 -11.33 28.06
N GLN D 42 17.10 -12.29 28.33
CA GLN D 42 17.07 -13.52 27.57
C GLN D 42 16.73 -13.21 26.13
N PHE D 43 15.75 -12.32 25.95
CA PHE D 43 15.26 -11.98 24.61
C PHE D 43 16.28 -11.28 23.69
N ILE D 44 17.04 -10.37 24.26
CA ILE D 44 18.12 -9.70 23.57
C ILE D 44 19.19 -10.71 23.14
N ASP D 45 19.55 -11.61 24.06
CA ASP D 45 20.55 -12.63 23.78
C ASP D 45 20.09 -13.53 22.66
N LEU D 46 18.87 -14.04 22.78
CA LEU D 46 18.24 -14.74 21.67
C LEU D 46 18.37 -13.91 20.38
N SER D 47 18.01 -12.65 20.48
CA SER D 47 18.02 -11.74 19.35
C SER D 47 19.41 -11.57 18.77
N LEU D 48 20.40 -11.52 19.64
CA LEU D 48 21.78 -11.41 19.21
C LEU D 48 22.18 -12.69 18.49
N ILE D 49 21.92 -13.78 19.18
CA ILE D 49 22.32 -15.10 18.79
C ILE D 49 21.69 -15.48 17.46
N THR D 50 20.39 -15.20 17.35
CA THR D 50 19.67 -15.40 16.11
C THR D 50 20.42 -14.81 14.92
N LYS D 51 20.78 -13.54 15.01
CA LYS D 51 21.49 -12.94 13.90
C LYS D 51 22.79 -13.70 13.65
N GLN D 52 23.53 -13.98 14.73
CA GLN D 52 24.84 -14.62 14.66
C GLN D 52 24.81 -15.91 13.86
N ALA D 53 23.72 -16.65 14.00
CA ALA D 53 23.52 -17.91 13.29
C ALA D 53 23.15 -17.65 11.83
N HIS D 54 22.22 -16.72 11.64
CA HIS D 54 21.70 -16.33 10.34
C HIS D 54 22.83 -15.85 9.41
N TRP D 55 23.87 -15.29 10.01
CA TRP D 55 25.02 -14.80 9.25
C TRP D 55 25.98 -15.93 8.86
N ASN D 56 26.13 -16.91 9.72
CA ASN D 56 27.25 -17.84 9.59
C ASN D 56 26.90 -19.27 9.18
N MET D 57 25.65 -19.50 8.81
CA MET D 57 25.24 -20.83 8.39
C MET D 57 25.52 -21.01 6.91
N ARG D 58 25.76 -22.27 6.52
CA ARG D 58 26.00 -22.66 5.12
C ARG D 58 25.69 -24.14 5.01
N GLY D 59 25.22 -24.56 3.84
CA GLY D 59 24.77 -25.93 3.63
C GLY D 59 23.32 -26.00 3.22
N ALA D 60 22.85 -27.24 3.07
CA ALA D 60 21.48 -27.51 2.67
C ALA D 60 20.44 -26.64 3.38
N ASN D 61 19.56 -26.05 2.59
CA ASN D 61 18.41 -25.36 3.15
C ASN D 61 18.81 -24.03 3.78
N PHE D 62 19.79 -23.37 3.19
CA PHE D 62 20.36 -22.18 3.80
C PHE D 62 19.55 -20.90 3.61
N VAL D 63 18.97 -20.73 2.44
CA VAL D 63 18.30 -19.48 2.09
C VAL D 63 16.95 -19.32 2.83
N ALA D 64 16.32 -20.43 3.16
CA ALA D 64 15.06 -20.37 3.87
C ALA D 64 15.30 -20.23 5.37
N VAL D 65 16.26 -20.99 5.91
CA VAL D 65 16.55 -20.84 7.33
C VAL D 65 17.03 -19.42 7.60
N HIS D 66 17.96 -18.97 6.78
CA HIS D 66 18.44 -17.61 6.79
C HIS D 66 17.30 -16.59 6.87
N GLU D 67 16.44 -16.56 5.85
CA GLU D 67 15.32 -15.62 5.83
C GLU D 67 14.39 -15.83 7.02
N MET D 68 14.02 -17.09 7.26
CA MET D 68 13.26 -17.46 8.44
C MET D 68 13.78 -16.74 9.68
N LEU D 69 15.09 -16.78 9.88
CA LEU D 69 15.69 -16.28 11.10
C LEU D 69 15.47 -14.77 11.25
N ASP D 70 15.53 -14.05 10.13
CA ASP D 70 15.31 -12.61 10.16
C ASP D 70 13.92 -12.26 10.68
N GLY D 71 12.99 -13.17 10.44
CA GLY D 71 11.63 -13.04 10.91
C GLY D 71 11.60 -13.16 12.41
N PHE D 72 12.36 -14.11 12.94
CA PHE D 72 12.42 -14.32 14.38
C PHE D 72 12.96 -13.05 15.04
N ARG D 73 14.05 -12.54 14.50
CA ARG D 73 14.65 -11.36 15.06
C ARG D 73 13.58 -10.31 15.23
N THR D 74 12.78 -10.08 14.21
CA THR D 74 11.83 -8.98 14.28
C THR D 74 10.85 -9.14 15.43
N ALA D 75 10.25 -10.31 15.51
CA ALA D 75 9.32 -10.58 16.58
C ALA D 75 9.94 -10.45 18.00
N LEU D 76 11.10 -11.07 18.20
CA LEU D 76 11.79 -10.99 19.49
C LEU D 76 11.94 -9.54 19.95
N THR D 77 12.33 -8.69 19.01
CA THR D 77 12.60 -7.30 19.28
C THR D 77 11.35 -6.51 19.68
N ASP D 78 10.23 -6.78 19.00
CA ASP D 78 9.00 -6.11 19.35
C ASP D 78 8.54 -6.64 20.72
N HIS D 79 8.74 -7.93 20.94
CA HIS D 79 8.42 -8.54 22.23
C HIS D 79 9.24 -7.97 23.38
N LEU D 80 10.55 -7.97 23.25
CA LEU D 80 11.38 -7.55 24.35
C LEU D 80 11.17 -6.07 24.61
N ASP D 81 10.76 -5.36 23.58
CA ASP D 81 10.53 -3.94 23.72
C ASP D 81 9.30 -3.67 24.58
N THR D 82 8.37 -4.62 24.57
CA THR D 82 7.14 -4.50 25.35
C THR D 82 7.39 -4.77 26.86
N PHE D 83 8.32 -5.67 27.15
CA PHE D 83 8.68 -6.03 28.51
C PHE D 83 9.35 -4.87 29.22
N ALA D 84 10.13 -4.11 28.45
CA ALA D 84 10.90 -3.02 29.01
C ALA D 84 10.02 -1.83 29.29
N GLU D 85 9.23 -1.42 28.29
CA GLU D 85 8.31 -0.33 28.50
C GLU D 85 7.35 -0.70 29.62
N ARG D 86 7.17 -2.00 29.84
CA ARG D 86 6.42 -2.45 31.00
C ARG D 86 7.16 -2.17 32.32
N ALA D 87 8.38 -2.70 32.45
CA ALA D 87 9.21 -2.40 33.62
C ALA D 87 9.24 -0.90 33.96
N VAL D 88 9.42 -0.06 32.95
CA VAL D 88 9.42 1.38 33.11
C VAL D 88 8.08 1.96 33.57
N GLN D 89 6.97 1.44 33.04
CA GLN D 89 5.65 1.88 33.49
C GLN D 89 5.48 1.72 35.02
N LEU D 90 5.79 0.54 35.54
CA LEU D 90 5.71 0.27 36.96
C LEU D 90 6.81 1.00 37.72
N GLY D 91 7.54 1.87 37.02
CA GLY D 91 8.53 2.73 37.64
C GLY D 91 9.95 2.19 37.77
N GLY D 92 10.26 1.16 36.99
CA GLY D 92 11.58 0.55 37.04
C GLY D 92 12.52 1.06 35.96
N VAL D 93 13.67 0.43 35.90
CA VAL D 93 14.66 0.68 34.86
C VAL D 93 14.89 -0.58 34.04
N ALA D 94 14.59 -0.50 32.75
CA ALA D 94 14.82 -1.63 31.87
C ALA D 94 16.27 -1.63 31.45
N LEU D 95 16.92 -2.78 31.61
CA LEU D 95 18.34 -2.90 31.34
C LEU D 95 18.54 -3.73 30.11
N GLY D 96 19.29 -3.19 29.15
CA GLY D 96 19.52 -3.91 27.93
C GLY D 96 20.90 -3.67 27.37
N THR D 97 21.88 -3.43 28.24
CA THR D 97 23.24 -3.17 27.80
C THR D 97 24.10 -4.44 27.67
N ALA D 98 24.99 -4.45 26.68
CA ALA D 98 25.84 -5.59 26.41
C ALA D 98 26.52 -6.12 27.67
N GLN D 99 26.84 -5.22 28.59
CA GLN D 99 27.47 -5.61 29.84
C GLN D 99 26.48 -6.39 30.71
N VAL D 100 25.26 -5.88 30.80
CA VAL D 100 24.19 -6.55 31.53
C VAL D 100 23.78 -7.92 30.95
N ILE D 101 23.63 -8.03 29.63
CA ILE D 101 23.35 -9.34 29.05
C ILE D 101 24.50 -10.29 29.40
N ASN D 102 25.71 -9.81 29.17
CA ASN D 102 26.91 -10.58 29.44
C ASN D 102 27.03 -11.14 30.86
N ASP D 103 26.76 -10.29 31.86
CA ASP D 103 26.95 -10.70 33.25
C ASP D 103 25.72 -11.39 33.82
N LYS D 104 24.57 -11.08 33.25
CA LYS D 104 23.32 -11.54 33.82
C LYS D 104 22.61 -12.63 33.02
N THR D 105 23.21 -13.09 31.91
CA THR D 105 22.52 -14.07 31.07
C THR D 105 22.55 -15.53 31.56
N PRO D 106 21.43 -16.24 31.37
CA PRO D 106 21.30 -17.68 31.66
C PRO D 106 21.67 -18.53 30.45
N LEU D 107 21.87 -17.91 29.29
CA LEU D 107 22.18 -18.66 28.06
C LEU D 107 23.67 -18.92 27.90
N LYS D 108 24.02 -20.12 27.44
CA LYS D 108 25.42 -20.45 27.17
C LYS D 108 25.93 -19.66 25.97
N SER D 109 27.18 -19.23 26.07
CA SER D 109 27.84 -18.48 25.01
C SER D 109 27.78 -19.22 23.65
N TYR D 110 27.21 -18.57 22.64
CA TYR D 110 27.00 -19.17 21.32
C TYR D 110 28.31 -19.44 20.61
N PRO D 111 28.51 -20.66 20.09
CA PRO D 111 29.75 -21.01 19.41
C PRO D 111 30.01 -20.15 18.18
N THR D 112 31.29 -19.83 17.95
CA THR D 112 31.70 -19.03 16.81
C THR D 112 32.50 -19.84 15.79
N ASN D 113 32.54 -21.15 15.94
CA ASN D 113 33.29 -21.99 15.02
C ASN D 113 32.40 -23.01 14.32
N ILE D 114 31.09 -22.88 14.51
CA ILE D 114 30.16 -23.71 13.76
C ILE D 114 29.71 -23.00 12.47
N HIS D 115 29.45 -23.77 11.42
CA HIS D 115 29.07 -23.20 10.14
C HIS D 115 27.83 -23.87 9.57
N SER D 116 27.84 -25.19 9.59
CA SER D 116 26.75 -26.03 9.14
C SER D 116 25.38 -25.49 9.57
N VAL D 117 24.41 -25.57 8.66
CA VAL D 117 23.04 -25.17 8.98
C VAL D 117 22.51 -26.06 10.10
N GLN D 118 22.65 -27.37 9.95
CA GLN D 118 22.21 -28.28 10.99
C GLN D 118 22.94 -27.93 12.30
N GLU D 119 24.23 -27.63 12.20
CA GLU D 119 24.95 -27.16 13.38
C GLU D 119 24.24 -25.98 14.07
N HIS D 120 23.97 -24.90 13.34
CA HIS D 120 23.34 -23.72 13.95
C HIS D 120 21.91 -23.98 14.47
N LEU D 121 21.11 -24.75 13.70
CA LEU D 121 19.77 -25.09 14.14
C LEU D 121 19.77 -25.78 15.51
N LYS D 122 20.68 -26.73 15.70
CA LYS D 122 20.76 -27.45 16.95
C LYS D 122 21.13 -26.52 18.11
N ALA D 123 22.10 -25.64 17.89
CA ALA D 123 22.51 -24.67 18.90
C ALA D 123 21.42 -23.64 19.27
N LEU D 124 20.63 -23.21 18.28
CA LEU D 124 19.53 -22.28 18.50
C LEU D 124 18.42 -23.04 19.21
N ALA D 125 18.13 -24.24 18.73
CA ALA D 125 17.12 -25.06 19.37
C ALA D 125 17.33 -25.11 20.88
N GLU D 126 18.56 -25.36 21.31
CA GLU D 126 18.82 -25.47 22.75
C GLU D 126 18.53 -24.18 23.52
N ARG D 127 18.90 -23.04 22.93
CA ARG D 127 18.78 -21.76 23.63
C ARG D 127 17.37 -21.18 23.56
N TYR D 128 16.77 -21.26 22.37
CA TYR D 128 15.35 -20.98 22.24
C TYR D 128 14.59 -21.79 23.24
N ALA D 129 14.89 -23.08 23.30
CA ALA D 129 14.28 -23.94 24.31
C ALA D 129 14.41 -23.32 25.70
N ILE D 130 15.65 -23.02 26.12
CA ILE D 130 15.88 -22.48 27.45
C ILE D 130 14.96 -21.29 27.71
N VAL D 131 15.01 -20.31 26.81
CA VAL D 131 14.18 -19.11 26.94
C VAL D 131 12.68 -19.39 26.83
N ALA D 132 12.25 -20.16 25.82
CA ALA D 132 10.84 -20.53 25.67
C ALA D 132 10.22 -21.15 26.94
N ASN D 133 10.90 -22.13 27.53
CA ASN D 133 10.42 -22.80 28.74
C ASN D 133 10.39 -21.96 30.03
N ASP D 134 11.24 -20.95 30.12
CA ASP D 134 11.20 -20.07 31.29
C ASP D 134 9.96 -19.16 31.22
N ILE D 135 9.79 -18.44 30.11
CA ILE D 135 8.69 -17.48 29.99
C ILE D 135 7.28 -18.07 30.09
N ARG D 136 7.16 -19.36 29.76
CA ARG D 136 5.88 -20.03 29.87
C ARG D 136 5.50 -20.12 31.35
N LYS D 137 6.46 -20.44 32.21
CA LYS D 137 6.23 -20.57 33.65
C LYS D 137 6.10 -19.18 34.26
N ALA D 138 6.93 -18.27 33.79
CA ALA D 138 6.81 -16.87 34.17
C ALA D 138 5.36 -16.47 34.09
N ILE D 139 4.70 -16.81 32.98
CA ILE D 139 3.31 -16.41 32.76
C ILE D 139 2.38 -16.67 33.94
N THR D 140 2.65 -17.72 34.70
CA THR D 140 1.83 -18.05 35.87
C THR D 140 2.37 -17.43 37.14
N GLU D 141 3.68 -17.24 37.22
CA GLU D 141 4.36 -16.75 38.43
C GLU D 141 4.31 -15.23 38.64
N VAL D 142 3.83 -14.47 37.65
CA VAL D 142 3.75 -13.02 37.82
C VAL D 142 2.37 -12.60 38.25
N GLU D 143 2.29 -11.44 38.90
CA GLU D 143 1.05 -10.95 39.48
C GLU D 143 0.70 -9.54 39.02
N ASP D 144 1.16 -9.16 37.85
CA ASP D 144 0.60 -8.02 37.15
C ASP D 144 -0.01 -8.59 35.88
N GLU D 145 -1.33 -8.50 35.74
CA GLU D 145 -2.05 -9.08 34.60
C GLU D 145 -1.50 -8.66 33.22
N ASN D 146 -1.32 -7.36 33.02
CA ASN D 146 -0.72 -6.88 31.79
C ASN D 146 0.58 -7.63 31.47
N SER D 147 1.41 -7.85 32.49
CA SER D 147 2.64 -8.61 32.32
C SER D 147 2.44 -10.03 31.78
N ALA D 148 1.47 -10.76 32.33
CA ALA D 148 1.19 -12.09 31.83
C ALA D 148 0.62 -12.10 30.39
N ASP D 149 -0.27 -11.17 30.07
CA ASP D 149 -0.75 -11.06 28.69
C ASP D 149 0.45 -10.93 27.73
N MET D 150 1.30 -9.95 28.03
CA MET D 150 2.66 -9.81 27.48
C MET D 150 3.45 -11.11 27.34
N PHE D 151 3.68 -11.80 28.45
CA PHE D 151 4.46 -13.04 28.46
C PHE D 151 3.81 -14.15 27.65
N THR D 152 2.48 -14.14 27.61
CA THR D 152 1.75 -15.18 26.91
C THR D 152 1.90 -15.01 25.40
N ALA D 153 1.77 -13.79 24.92
CA ALA D 153 1.92 -13.48 23.51
C ALA D 153 3.33 -13.86 23.03
N ALA D 154 4.32 -13.50 23.85
CA ALA D 154 5.70 -13.86 23.55
C ALA D 154 5.85 -15.38 23.54
N SER D 155 5.48 -16.04 24.64
CA SER D 155 5.57 -17.48 24.71
C SER D 155 4.96 -18.14 23.44
N ARG D 156 3.81 -17.63 23.02
CA ARG D 156 3.20 -18.09 21.78
C ARG D 156 4.16 -18.00 20.60
N ASP D 157 4.86 -16.88 20.45
CA ASP D 157 5.84 -16.78 19.38
C ASP D 157 7.07 -17.70 19.56
N LEU D 158 7.69 -17.66 20.75
CA LEU D 158 8.84 -18.53 21.05
C LEU D 158 8.56 -20.00 20.79
N ASP D 159 7.45 -20.50 21.32
CA ASP D 159 7.10 -21.90 21.18
C ASP D 159 6.93 -22.23 19.69
N LYS D 160 6.39 -21.28 18.93
CA LYS D 160 6.27 -21.46 17.50
C LYS D 160 7.63 -21.38 16.83
N PHE D 161 8.43 -20.38 17.21
CA PHE D 161 9.75 -20.30 16.63
C PHE D 161 10.56 -21.54 16.98
N LEU D 162 10.44 -22.00 18.21
CA LEU D 162 11.14 -23.22 18.58
C LEU D 162 10.72 -24.37 17.67
N TRP D 163 9.42 -24.47 17.39
CA TRP D 163 8.86 -25.52 16.54
C TRP D 163 9.40 -25.48 15.11
N PHE D 164 9.36 -24.29 14.50
CA PHE D 164 9.99 -24.06 13.20
C PHE D 164 11.44 -24.54 13.19
N ILE D 165 12.24 -24.11 14.17
CA ILE D 165 13.65 -24.50 14.26
C ILE D 165 13.85 -26.01 14.38
N GLU D 166 13.05 -26.66 15.23
CA GLU D 166 13.23 -28.09 15.42
C GLU D 166 12.83 -28.84 14.17
N SER D 167 11.78 -28.37 13.52
CA SER D 167 11.24 -29.02 12.32
C SER D 167 12.13 -28.85 11.10
N ASN D 168 13.28 -28.22 11.26
CA ASN D 168 14.22 -28.07 10.14
C ASN D 168 15.46 -28.94 10.31
N ILE D 169 15.53 -29.63 11.45
CA ILE D 169 16.66 -30.51 11.76
C ILE D 169 16.49 -31.88 11.07
N GLU D 170 17.49 -32.31 10.32
CA GLU D 170 17.32 -33.53 9.56
C GLU D 170 17.26 -34.75 10.47
N GLU E 16 13.28 -39.54 -23.46
CA GLU E 16 13.98 -38.28 -23.20
C GLU E 16 13.27 -37.40 -22.15
N LEU E 17 11.94 -37.52 -22.07
CA LEU E 17 11.14 -36.77 -21.11
C LEU E 17 11.39 -37.14 -19.65
N LEU E 18 11.12 -36.18 -18.77
CA LEU E 18 11.28 -36.38 -17.33
C LEU E 18 9.99 -36.86 -16.69
N TYR E 19 10.10 -37.85 -15.80
CA TYR E 19 8.94 -38.39 -15.12
C TYR E 19 8.03 -37.33 -14.51
N THR E 20 6.75 -37.58 -14.59
CA THR E 20 5.79 -36.78 -13.86
C THR E 20 4.48 -37.56 -13.83
N ARG E 21 3.72 -37.36 -12.76
CA ARG E 21 2.40 -37.97 -12.64
C ARG E 21 1.39 -37.24 -13.52
N ASN E 22 1.77 -36.04 -13.96
CA ASN E 22 1.04 -35.32 -15.00
C ASN E 22 0.87 -36.22 -16.22
N ASP E 23 -0.39 -36.38 -16.65
CA ASP E 23 -0.77 -37.47 -17.57
C ASP E 23 -1.12 -37.03 -19.01
N VAL E 24 -0.64 -35.86 -19.43
CA VAL E 24 -0.71 -35.50 -20.84
C VAL E 24 0.03 -36.57 -21.65
N GLU E 25 -0.63 -37.07 -22.70
CA GLU E 25 -0.12 -38.17 -23.53
C GLU E 25 1.27 -37.87 -24.11
N GLU E 26 2.16 -38.87 -24.04
CA GLU E 26 3.56 -38.73 -24.50
C GLU E 26 3.73 -37.87 -25.77
N HIS E 27 2.91 -38.12 -26.77
CA HIS E 27 3.08 -37.44 -28.04
C HIS E 27 2.70 -35.97 -27.90
N VAL E 28 1.53 -35.69 -27.34
CA VAL E 28 1.07 -34.30 -27.14
C VAL E 28 2.11 -33.48 -26.39
N LYS E 29 2.79 -34.11 -25.44
CA LYS E 29 3.81 -33.43 -24.65
C LYS E 29 4.92 -32.92 -25.55
N VAL E 30 5.63 -33.85 -26.17
CA VAL E 30 6.75 -33.52 -27.05
C VAL E 30 6.47 -32.35 -27.99
N ALA E 31 5.33 -32.40 -28.68
CA ALA E 31 5.01 -31.38 -29.68
C ALA E 31 4.75 -30.03 -29.01
N THR E 32 3.93 -30.05 -27.95
CA THR E 32 3.66 -28.85 -27.17
C THR E 32 4.98 -28.25 -26.71
N ILE E 33 5.78 -29.06 -26.02
CA ILE E 33 7.10 -28.63 -25.58
C ILE E 33 7.89 -27.90 -26.67
N LYS E 34 8.04 -28.52 -27.84
CA LYS E 34 8.74 -27.90 -28.97
C LYS E 34 8.12 -26.55 -29.29
N ARG E 35 6.79 -26.51 -29.28
CA ARG E 35 6.08 -25.29 -29.60
C ARG E 35 6.30 -24.22 -28.53
N LEU E 36 6.30 -24.64 -27.26
CA LEU E 36 6.54 -23.72 -26.15
C LEU E 36 7.92 -23.08 -26.20
N ASN E 37 8.94 -23.90 -26.43
CA ASN E 37 10.30 -23.37 -26.45
C ASN E 37 10.55 -22.39 -27.58
N GLN E 38 9.82 -22.57 -28.67
CA GLN E 38 9.89 -21.67 -29.81
C GLN E 38 9.36 -20.32 -29.43
N MET E 39 8.22 -20.33 -28.77
CA MET E 39 7.60 -19.09 -28.31
C MET E 39 8.44 -18.45 -27.20
N VAL E 40 9.14 -19.29 -26.42
CA VAL E 40 10.08 -18.82 -25.41
C VAL E 40 11.28 -18.14 -26.02
N ILE E 41 11.91 -18.88 -26.93
CA ILE E 41 12.99 -18.34 -27.74
C ILE E 41 12.61 -16.98 -28.30
N GLN E 42 11.42 -16.85 -28.91
CA GLN E 42 11.14 -15.60 -29.59
C GLN E 42 10.54 -14.53 -28.69
N PHE E 43 10.13 -14.93 -27.51
CA PHE E 43 9.76 -13.95 -26.50
C PHE E 43 10.99 -13.36 -25.80
N ILE E 44 11.96 -14.20 -25.48
CA ILE E 44 13.24 -13.72 -24.98
C ILE E 44 13.91 -12.73 -25.93
N ASP E 45 14.01 -13.06 -27.21
CA ASP E 45 14.60 -12.15 -28.17
C ASP E 45 13.89 -10.79 -28.15
N LEU E 46 12.57 -10.86 -28.36
CA LEU E 46 11.74 -9.66 -28.41
C LEU E 46 12.00 -8.71 -27.23
N SER E 47 12.35 -9.25 -26.07
CA SER E 47 12.61 -8.38 -24.93
C SER E 47 14.03 -7.77 -24.94
N LEU E 48 15.01 -8.51 -25.46
CA LEU E 48 16.34 -7.96 -25.59
C LEU E 48 16.21 -6.76 -26.49
N ILE E 49 15.46 -6.99 -27.55
CA ILE E 49 15.18 -6.00 -28.55
C ILE E 49 14.35 -4.83 -27.98
N THR E 50 13.48 -5.12 -27.02
CA THR E 50 12.69 -4.05 -26.42
C THR E 50 13.58 -3.16 -25.58
N LYS E 51 14.54 -3.76 -24.90
CA LYS E 51 15.47 -2.97 -24.10
C LYS E 51 16.46 -2.25 -24.99
N GLN E 52 16.88 -2.94 -26.05
CA GLN E 52 17.87 -2.38 -26.92
C GLN E 52 17.35 -1.09 -27.53
N ALA E 53 16.04 -1.05 -27.80
CA ALA E 53 15.44 0.14 -28.40
C ALA E 53 15.19 1.23 -27.34
N HIS E 54 14.79 0.77 -26.16
CA HIS E 54 14.59 1.59 -24.99
C HIS E 54 15.77 2.52 -24.76
N TRP E 55 16.98 1.96 -24.78
CA TRP E 55 18.15 2.74 -24.39
C TRP E 55 18.61 3.77 -25.44
N ASN E 56 18.52 3.38 -26.71
CA ASN E 56 19.20 4.10 -27.80
C ASN E 56 18.33 4.97 -28.68
N MET E 57 17.05 5.14 -28.30
CA MET E 57 16.15 6.00 -29.04
C MET E 57 16.31 7.46 -28.59
N ARG E 58 16.36 8.36 -29.56
CA ARG E 58 16.28 9.79 -29.26
C ARG E 58 15.44 10.52 -30.32
N GLY E 59 14.67 11.50 -29.88
CA GLY E 59 13.82 12.26 -30.79
C GLY E 59 12.46 12.54 -30.20
N ALA E 60 11.59 13.13 -31.00
CA ALA E 60 10.26 13.49 -30.58
C ALA E 60 9.53 12.32 -29.96
N ASN E 61 8.80 12.58 -28.87
CA ASN E 61 8.02 11.58 -28.15
C ASN E 61 8.90 10.60 -27.40
N PHE E 62 10.12 11.01 -27.05
CA PHE E 62 11.09 10.10 -26.41
C PHE E 62 10.64 9.50 -25.08
N VAL E 63 10.35 10.36 -24.11
CA VAL E 63 10.06 9.90 -22.77
C VAL E 63 8.88 8.91 -22.63
N ALA E 64 7.73 9.22 -23.21
CA ALA E 64 6.56 8.34 -23.06
C ALA E 64 6.78 7.04 -23.83
N VAL E 65 7.41 7.14 -24.99
CA VAL E 65 7.75 5.94 -25.72
C VAL E 65 8.72 5.09 -24.90
N HIS E 66 9.76 5.72 -24.34
CA HIS E 66 10.72 5.09 -23.41
C HIS E 66 10.07 4.27 -22.30
N GLU E 67 9.12 4.88 -21.60
CA GLU E 67 8.49 4.22 -20.49
C GLU E 67 7.53 3.12 -20.91
N MET E 68 6.79 3.38 -21.98
CA MET E 68 5.88 2.41 -22.59
C MET E 68 6.56 1.05 -22.72
N LEU E 69 7.71 1.05 -23.38
CA LEU E 69 8.49 -0.17 -23.65
C LEU E 69 8.90 -0.95 -22.41
N ASP E 70 9.17 -0.26 -21.31
CA ASP E 70 9.55 -0.92 -20.07
C ASP E 70 8.38 -1.70 -19.52
N GLY E 71 7.20 -1.12 -19.68
CA GLY E 71 5.98 -1.87 -19.45
C GLY E 71 5.96 -3.08 -20.38
N PHE E 72 6.28 -2.86 -21.65
CA PHE E 72 6.25 -3.96 -22.60
C PHE E 72 7.16 -5.05 -22.13
N ARG E 73 8.36 -4.65 -21.73
CA ARG E 73 9.36 -5.57 -21.27
C ARG E 73 8.86 -6.41 -20.07
N THR E 74 8.20 -5.78 -19.10
CA THR E 74 7.68 -6.57 -17.98
C THR E 74 6.72 -7.68 -18.43
N ALA E 75 5.72 -7.32 -19.23
CA ALA E 75 4.71 -8.28 -19.68
C ALA E 75 5.31 -9.48 -20.44
N LEU E 76 6.14 -9.17 -21.44
CA LEU E 76 6.84 -10.19 -22.19
C LEU E 76 7.47 -11.19 -21.23
N THR E 77 7.96 -10.67 -20.11
CA THR E 77 8.77 -11.45 -19.19
C THR E 77 7.96 -12.49 -18.40
N ASP E 78 6.73 -12.12 -18.03
CA ASP E 78 5.87 -13.04 -17.31
C ASP E 78 5.31 -14.11 -18.25
N HIS E 79 4.88 -13.70 -19.43
CA HIS E 79 4.35 -14.63 -20.41
C HIS E 79 5.38 -15.70 -20.74
N LEU E 80 6.57 -15.24 -21.06
CA LEU E 80 7.61 -16.15 -21.48
C LEU E 80 7.88 -17.09 -20.32
N ASP E 81 7.98 -16.51 -19.12
CA ASP E 81 8.23 -17.29 -17.91
C ASP E 81 7.17 -18.37 -17.71
N THR E 82 5.93 -18.01 -17.99
CA THR E 82 4.82 -18.96 -17.98
C THR E 82 4.98 -20.07 -19.04
N PHE E 83 5.41 -19.70 -20.26
CA PHE E 83 5.62 -20.71 -21.30
C PHE E 83 6.66 -21.72 -20.86
N ALA E 84 7.79 -21.21 -20.38
CA ALA E 84 8.89 -22.08 -19.99
C ALA E 84 8.41 -23.08 -18.93
N GLU E 85 7.84 -22.59 -17.84
CA GLU E 85 7.40 -23.47 -16.77
C GLU E 85 6.44 -24.55 -17.27
N ARG E 86 5.66 -24.23 -18.30
CA ARG E 86 4.74 -25.22 -18.84
C ARG E 86 5.52 -26.34 -19.54
N ALA E 87 6.55 -25.97 -20.30
CA ALA E 87 7.37 -26.99 -20.95
C ALA E 87 7.89 -27.95 -19.90
N VAL E 88 8.45 -27.38 -18.85
CA VAL E 88 9.00 -28.18 -17.77
C VAL E 88 7.93 -29.03 -17.09
N GLN E 89 6.75 -28.46 -16.93
CA GLN E 89 5.62 -29.19 -16.37
C GLN E 89 5.34 -30.44 -17.21
N LEU E 90 5.38 -30.28 -18.54
CA LEU E 90 5.12 -31.41 -19.42
C LEU E 90 6.26 -32.45 -19.41
N GLY E 91 7.40 -32.07 -18.85
CA GLY E 91 8.51 -33.00 -18.64
C GLY E 91 9.71 -32.65 -19.48
N GLY E 92 9.69 -31.45 -20.02
CA GLY E 92 10.75 -31.03 -20.90
C GLY E 92 11.76 -30.08 -20.28
N VAL E 93 12.61 -29.59 -21.16
CA VAL E 93 13.61 -28.63 -20.76
C VAL E 93 13.31 -27.34 -21.50
N ALA E 94 13.27 -26.24 -20.77
CA ALA E 94 13.07 -24.92 -21.39
C ALA E 94 14.39 -24.25 -21.76
N LEU E 95 14.48 -23.72 -22.97
CA LEU E 95 15.76 -23.18 -23.44
C LEU E 95 15.75 -21.67 -23.62
N GLY E 96 16.65 -20.99 -22.93
CA GLY E 96 16.67 -19.55 -22.95
C GLY E 96 18.05 -18.98 -22.79
N THR E 97 19.07 -19.77 -23.11
CA THR E 97 20.45 -19.28 -23.12
C THR E 97 20.73 -18.51 -24.40
N ALA E 98 21.48 -17.41 -24.26
CA ALA E 98 21.77 -16.52 -25.37
C ALA E 98 22.26 -17.30 -26.58
N GLN E 99 23.00 -18.37 -26.32
CA GLN E 99 23.41 -19.27 -27.40
C GLN E 99 22.18 -19.81 -28.16
N VAL E 100 21.19 -20.29 -27.41
CA VAL E 100 19.98 -20.84 -27.99
C VAL E 100 19.11 -19.80 -28.72
N ILE E 101 19.12 -18.55 -28.25
CA ILE E 101 18.32 -17.54 -28.93
C ILE E 101 19.01 -17.21 -30.26
N ASN E 102 20.30 -16.99 -30.18
CA ASN E 102 21.06 -16.68 -31.35
C ASN E 102 20.90 -17.75 -32.42
N ASP E 103 21.09 -19.00 -32.05
CA ASP E 103 21.11 -20.06 -33.04
C ASP E 103 19.72 -20.39 -33.55
N LYS E 104 18.68 -19.93 -32.85
CA LYS E 104 17.33 -20.41 -33.14
C LYS E 104 16.25 -19.32 -33.32
N THR E 105 16.58 -18.07 -33.05
CA THR E 105 15.58 -17.03 -33.26
C THR E 105 15.28 -16.84 -34.75
N PRO E 106 14.00 -16.78 -35.11
CA PRO E 106 13.66 -16.53 -36.50
C PRO E 106 13.58 -15.04 -36.76
N LEU E 107 14.01 -14.20 -35.82
CA LEU E 107 13.89 -12.76 -35.98
C LEU E 107 15.16 -12.14 -36.54
N LYS E 108 14.98 -11.16 -37.42
CA LYS E 108 16.11 -10.44 -38.01
C LYS E 108 16.93 -9.76 -36.92
N SER E 109 18.22 -10.08 -36.84
CA SER E 109 19.10 -9.38 -35.91
C SER E 109 18.69 -7.91 -35.86
N TYR E 110 18.69 -7.30 -34.68
CA TYR E 110 18.19 -5.92 -34.52
C TYR E 110 19.26 -4.88 -34.81
N PRO E 111 18.90 -3.81 -35.55
CA PRO E 111 19.89 -2.82 -36.00
C PRO E 111 20.50 -2.00 -34.87
N THR E 112 21.82 -1.79 -34.89
CA THR E 112 22.48 -1.09 -33.78
C THR E 112 22.98 0.30 -34.18
N ASN E 113 22.53 0.77 -35.34
CA ASN E 113 22.93 2.08 -35.82
C ASN E 113 21.80 3.09 -35.75
N ILE E 114 20.56 2.61 -35.77
CA ILE E 114 19.42 3.51 -35.77
C ILE E 114 19.28 4.23 -34.44
N HIS E 115 18.69 5.42 -34.49
CA HIS E 115 18.70 6.31 -33.34
C HIS E 115 17.39 7.04 -33.06
N SER E 116 16.69 7.49 -34.09
CA SER E 116 15.48 8.24 -33.82
C SER E 116 14.38 7.32 -33.29
N VAL E 117 13.50 7.87 -32.46
CA VAL E 117 12.34 7.12 -31.97
C VAL E 117 11.59 6.42 -33.12
N GLN E 118 11.23 7.17 -34.16
CA GLN E 118 10.55 6.59 -35.33
C GLN E 118 11.26 5.35 -35.89
N GLU E 119 12.52 5.47 -36.29
CA GLU E 119 13.27 4.31 -36.77
C GLU E 119 13.10 3.11 -35.85
N HIS E 120 13.33 3.31 -34.56
CA HIS E 120 13.18 2.22 -33.59
C HIS E 120 11.76 1.65 -33.57
N LEU E 121 10.75 2.50 -33.59
CA LEU E 121 9.38 2.01 -33.61
C LEU E 121 9.09 1.13 -34.84
N LYS E 122 9.65 1.48 -35.98
CA LYS E 122 9.48 0.67 -37.20
C LYS E 122 10.16 -0.68 -37.04
N ALA E 123 11.41 -0.66 -36.58
CA ALA E 123 12.15 -1.90 -36.35
C ALA E 123 11.40 -2.80 -35.40
N LEU E 124 10.80 -2.21 -34.36
CA LEU E 124 10.03 -2.95 -33.36
C LEU E 124 8.72 -3.47 -33.91
N ALA E 125 8.06 -2.66 -34.73
CA ALA E 125 6.83 -3.10 -35.35
C ALA E 125 7.07 -4.40 -36.12
N GLU E 126 8.11 -4.42 -36.97
CA GLU E 126 8.46 -5.56 -37.79
C GLU E 126 8.54 -6.82 -36.95
N ARG E 127 9.47 -6.80 -36.01
CA ARG E 127 9.70 -7.91 -35.12
C ARG E 127 8.49 -8.28 -34.25
N TYR E 128 7.85 -7.28 -33.66
CA TYR E 128 6.66 -7.53 -32.86
C TYR E 128 5.56 -8.23 -33.67
N ALA E 129 5.29 -7.73 -34.87
CA ALA E 129 4.27 -8.35 -35.72
C ALA E 129 4.61 -9.81 -36.11
N ILE E 130 5.87 -10.12 -36.32
CA ILE E 130 6.21 -11.50 -36.61
C ILE E 130 5.76 -12.41 -35.48
N VAL E 131 6.36 -12.24 -34.30
CA VAL E 131 6.04 -13.00 -33.10
C VAL E 131 4.52 -12.96 -32.79
N ALA E 132 3.92 -11.81 -33.03
CA ALA E 132 2.50 -11.66 -32.78
C ALA E 132 1.70 -12.54 -33.70
N ASN E 133 1.98 -12.44 -34.99
CA ASN E 133 1.24 -13.22 -35.96
C ASN E 133 1.51 -14.72 -35.81
N ASP E 134 2.65 -15.07 -35.21
CA ASP E 134 2.95 -16.48 -35.01
C ASP E 134 2.15 -17.03 -33.84
N ILE E 135 2.33 -16.46 -32.67
CA ILE E 135 1.69 -17.02 -31.48
C ILE E 135 0.17 -17.05 -31.61
N ARG E 136 -0.37 -16.31 -32.57
CA ARG E 136 -1.81 -16.33 -32.80
C ARG E 136 -2.23 -17.59 -33.56
N LYS E 137 -1.52 -17.88 -34.64
CA LYS E 137 -1.57 -19.19 -35.28
C LYS E 137 -1.45 -20.31 -34.26
N ALA E 138 -0.50 -20.17 -33.34
CA ALA E 138 -0.20 -21.22 -32.36
C ALA E 138 -1.37 -21.61 -31.43
N ILE E 139 -2.21 -20.65 -31.06
CA ILE E 139 -3.32 -20.91 -30.13
C ILE E 139 -4.16 -22.10 -30.56
N THR E 140 -4.30 -22.25 -31.88
CA THR E 140 -5.18 -23.27 -32.45
C THR E 140 -4.42 -24.49 -32.95
N GLU E 141 -3.11 -24.34 -33.16
CA GLU E 141 -2.28 -25.45 -33.59
C GLU E 141 -2.01 -26.37 -32.40
N VAL E 142 -1.93 -25.79 -31.21
CA VAL E 142 -1.53 -26.52 -30.00
C VAL E 142 -2.58 -27.45 -29.40
N GLU E 143 -2.16 -28.66 -29.05
CA GLU E 143 -3.11 -29.69 -28.59
C GLU E 143 -3.20 -29.76 -27.06
N ASP E 144 -2.60 -28.80 -26.38
CA ASP E 144 -2.68 -28.71 -24.92
C ASP E 144 -3.52 -27.52 -24.50
N GLU E 145 -4.63 -27.81 -23.81
CA GLU E 145 -5.59 -26.79 -23.41
C GLU E 145 -4.93 -25.68 -22.58
N ASN E 146 -4.07 -26.06 -21.63
CA ASN E 146 -3.36 -25.06 -20.85
C ASN E 146 -2.49 -24.16 -21.70
N SER E 147 -1.70 -24.77 -22.57
CA SER E 147 -0.85 -24.00 -23.48
C SER E 147 -1.68 -23.10 -24.38
N ALA E 148 -2.84 -23.60 -24.81
CA ALA E 148 -3.71 -22.77 -25.63
C ALA E 148 -4.05 -21.50 -24.85
N ASP E 149 -4.23 -21.65 -23.54
CA ASP E 149 -4.63 -20.54 -22.71
C ASP E 149 -3.50 -19.51 -22.54
N MET E 150 -2.30 -19.99 -22.22
CA MET E 150 -1.16 -19.09 -22.06
C MET E 150 -0.97 -18.26 -23.34
N PHE E 151 -1.08 -18.93 -24.48
CA PHE E 151 -0.86 -18.31 -25.76
C PHE E 151 -1.87 -17.20 -26.05
N THR E 152 -3.12 -17.43 -25.65
CA THR E 152 -4.18 -16.44 -25.80
C THR E 152 -3.95 -15.18 -24.93
N ALA E 153 -3.60 -15.39 -23.66
CA ALA E 153 -3.26 -14.31 -22.74
C ALA E 153 -2.09 -13.52 -23.28
N ALA E 154 -1.13 -14.23 -23.87
CA ALA E 154 0.08 -13.62 -24.39
C ALA E 154 -0.20 -12.91 -25.72
N SER E 155 -0.96 -13.57 -26.59
CA SER E 155 -1.34 -12.97 -27.87
C SER E 155 -2.11 -11.66 -27.69
N ARG E 156 -2.96 -11.59 -26.69
CA ARG E 156 -3.68 -10.34 -26.47
C ARG E 156 -2.74 -9.19 -26.10
N ASP E 157 -1.76 -9.47 -25.25
CA ASP E 157 -0.77 -8.45 -24.91
C ASP E 157 0.04 -8.01 -26.13
N LEU E 158 0.48 -8.97 -26.94
CA LEU E 158 1.30 -8.65 -28.11
C LEU E 158 0.49 -7.87 -29.10
N ASP E 159 -0.78 -8.21 -29.22
CA ASP E 159 -1.59 -7.58 -30.24
C ASP E 159 -1.88 -6.13 -29.87
N LYS E 160 -1.90 -5.85 -28.56
CA LYS E 160 -2.13 -4.50 -28.08
C LYS E 160 -0.85 -3.67 -28.11
N PHE E 161 0.30 -4.29 -27.80
CA PHE E 161 1.61 -3.63 -27.92
C PHE E 161 2.00 -3.26 -29.37
N LEU E 162 1.84 -4.21 -30.29
CA LEU E 162 2.01 -3.92 -31.71
C LEU E 162 1.22 -2.67 -32.09
N TRP E 163 -0.04 -2.65 -31.67
CA TRP E 163 -0.91 -1.50 -31.90
C TRP E 163 -0.34 -0.24 -31.24
N PHE E 164 0.18 -0.39 -30.02
CA PHE E 164 0.73 0.75 -29.30
C PHE E 164 1.91 1.30 -30.05
N ILE E 165 2.74 0.38 -30.54
CA ILE E 165 3.93 0.73 -31.31
C ILE E 165 3.54 1.39 -32.62
N GLU E 166 2.72 0.71 -33.42
CA GLU E 166 2.23 1.25 -34.69
C GLU E 166 1.60 2.64 -34.57
N SER E 167 0.78 2.82 -33.53
CA SER E 167 0.06 4.08 -33.34
C SER E 167 0.94 5.27 -32.93
N ASN E 168 2.16 5.00 -32.46
CA ASN E 168 3.15 6.04 -32.17
C ASN E 168 3.99 6.38 -33.40
N ILE E 169 3.80 5.61 -34.47
CA ILE E 169 4.47 5.85 -35.73
C ILE E 169 3.76 7.00 -36.46
N GLU E 170 4.53 7.93 -37.01
CA GLU E 170 3.96 9.13 -37.59
C GLU E 170 3.39 8.89 -39.01
N LEU F 17 -32.76 -8.97 29.46
CA LEU F 17 -31.79 -9.20 28.39
C LEU F 17 -32.49 -9.55 27.09
N LEU F 18 -31.79 -9.40 25.97
CA LEU F 18 -32.28 -9.86 24.68
C LEU F 18 -31.82 -11.31 24.43
N TYR F 19 -32.69 -12.12 23.85
CA TYR F 19 -32.30 -13.50 23.56
C TYR F 19 -31.13 -13.60 22.58
N THR F 20 -30.26 -14.55 22.85
CA THR F 20 -29.16 -14.92 21.97
C THR F 20 -28.82 -16.34 22.33
N ARG F 21 -28.29 -17.09 21.39
CA ARG F 21 -27.98 -18.47 21.67
C ARG F 21 -26.77 -18.54 22.57
N ASN F 22 -26.14 -17.38 22.75
CA ASN F 22 -24.95 -17.26 23.59
C ASN F 22 -25.25 -17.68 25.04
N ASP F 23 -24.62 -18.77 25.49
CA ASP F 23 -25.00 -19.43 26.76
C ASP F 23 -24.29 -18.92 28.03
N VAL F 24 -23.77 -17.69 28.01
CA VAL F 24 -23.17 -17.17 29.23
C VAL F 24 -24.26 -17.10 30.28
N GLU F 25 -23.94 -17.55 31.49
CA GLU F 25 -24.90 -17.58 32.61
C GLU F 25 -25.57 -16.21 32.77
N GLU F 26 -26.86 -16.21 33.12
CA GLU F 26 -27.60 -14.94 33.16
C GLU F 26 -27.02 -13.89 34.11
N HIS F 27 -26.75 -14.27 35.35
CA HIS F 27 -26.20 -13.30 36.28
C HIS F 27 -24.86 -12.76 35.78
N VAL F 28 -23.98 -13.66 35.33
CA VAL F 28 -22.69 -13.25 34.74
C VAL F 28 -22.91 -12.16 33.69
N LYS F 29 -23.84 -12.43 32.76
CA LYS F 29 -24.22 -11.49 31.72
C LYS F 29 -24.60 -10.13 32.31
N VAL F 30 -25.53 -10.13 33.25
CA VAL F 30 -25.96 -8.89 33.90
C VAL F 30 -24.73 -8.18 34.43
N ALA F 31 -24.05 -8.81 35.40
CA ALA F 31 -22.81 -8.28 36.00
C ALA F 31 -21.85 -7.72 34.95
N THR F 32 -21.53 -8.53 33.94
CA THR F 32 -20.55 -8.14 32.95
C THR F 32 -20.99 -6.97 32.09
N ILE F 33 -22.27 -6.95 31.72
CA ILE F 33 -22.78 -5.86 30.91
C ILE F 33 -22.58 -4.53 31.60
N LYS F 34 -22.90 -4.51 32.89
CA LYS F 34 -22.77 -3.32 33.73
C LYS F 34 -21.34 -2.80 33.74
N ARG F 35 -20.38 -3.68 34.07
CA ARG F 35 -18.96 -3.32 34.12
C ARG F 35 -18.43 -2.84 32.75
N LEU F 36 -18.86 -3.51 31.68
CA LEU F 36 -18.58 -3.08 30.33
C LEU F 36 -19.09 -1.65 30.07
N ASN F 37 -20.28 -1.35 30.59
CA ASN F 37 -20.87 -0.05 30.34
C ASN F 37 -20.17 1.05 31.11
N GLN F 38 -19.66 0.70 32.29
CA GLN F 38 -18.88 1.65 33.07
C GLN F 38 -17.59 2.02 32.34
N MET F 39 -16.95 1.03 31.71
CA MET F 39 -15.73 1.27 30.96
C MET F 39 -16.00 1.98 29.63
N VAL F 40 -17.09 1.62 28.95
CA VAL F 40 -17.51 2.37 27.75
C VAL F 40 -17.67 3.85 28.07
N ILE F 41 -18.29 4.13 29.21
CA ILE F 41 -18.52 5.51 29.64
C ILE F 41 -17.21 6.28 29.93
N GLN F 42 -16.25 5.63 30.56
CA GLN F 42 -15.01 6.30 30.95
C GLN F 42 -14.07 6.51 29.76
N PHE F 43 -14.05 5.56 28.83
CA PHE F 43 -13.17 5.67 27.67
C PHE F 43 -13.66 6.75 26.71
N ILE F 44 -14.99 6.83 26.54
CA ILE F 44 -15.58 7.92 25.78
C ILE F 44 -15.21 9.29 26.36
N ASP F 45 -15.40 9.45 27.68
CA ASP F 45 -15.11 10.71 28.31
C ASP F 45 -13.62 10.96 28.16
N LEU F 46 -12.85 9.91 28.36
CA LEU F 46 -11.42 9.94 28.11
C LEU F 46 -11.13 10.49 26.71
N SER F 47 -11.83 9.94 25.72
CA SER F 47 -11.62 10.35 24.35
C SER F 47 -12.05 11.80 24.06
N LEU F 48 -13.17 12.23 24.67
CA LEU F 48 -13.58 13.62 24.54
C LEU F 48 -12.48 14.49 25.13
N ILE F 49 -12.08 14.14 26.34
CA ILE F 49 -11.04 14.83 27.10
C ILE F 49 -9.73 14.92 26.29
N THR F 50 -9.28 13.79 25.76
CA THR F 50 -8.08 13.72 24.92
C THR F 50 -8.09 14.78 23.78
N LYS F 51 -9.22 14.91 23.09
CA LYS F 51 -9.40 15.89 22.02
C LYS F 51 -9.48 17.35 22.50
N GLN F 52 -10.16 17.57 23.62
CA GLN F 52 -10.20 18.89 24.25
C GLN F 52 -8.76 19.38 24.48
N ALA F 53 -7.95 18.53 25.10
CA ALA F 53 -6.54 18.86 25.32
C ALA F 53 -5.86 19.13 23.99
N HIS F 54 -6.23 18.31 23.01
CA HIS F 54 -5.64 18.35 21.67
C HIS F 54 -5.73 19.73 21.03
N TRP F 55 -6.92 20.33 21.02
CA TRP F 55 -7.11 21.58 20.33
C TRP F 55 -6.50 22.74 21.09
N ASN F 56 -6.47 22.60 22.42
CA ASN F 56 -6.33 23.77 23.28
C ASN F 56 -5.01 23.98 23.99
N MET F 57 -4.03 23.11 23.72
CA MET F 57 -2.69 23.29 24.25
C MET F 57 -1.80 24.19 23.36
N ARG F 58 -0.91 24.94 24.01
CA ARG F 58 0.15 25.66 23.32
C ARG F 58 1.34 25.87 24.27
N GLY F 59 2.53 26.03 23.70
CA GLY F 59 3.73 26.09 24.49
C GLY F 59 4.72 25.03 24.07
N ALA F 60 5.80 24.91 24.81
CA ALA F 60 6.84 23.95 24.50
C ALA F 60 6.26 22.55 24.25
N ASN F 61 6.85 21.83 23.29
CA ASN F 61 6.51 20.42 23.02
C ASN F 61 5.18 20.23 22.28
N PHE F 62 4.56 21.33 21.87
CA PHE F 62 3.23 21.28 21.25
C PHE F 62 3.04 20.27 20.11
N VAL F 63 3.69 20.52 18.97
CA VAL F 63 3.39 19.72 17.79
C VAL F 63 3.38 18.22 18.12
N ALA F 64 4.38 17.77 18.86
CA ALA F 64 4.49 16.34 19.15
C ALA F 64 3.42 15.85 20.09
N VAL F 65 3.18 16.58 21.17
CA VAL F 65 2.15 16.12 22.11
C VAL F 65 0.80 16.18 21.42
N HIS F 66 0.63 17.18 20.56
CA HIS F 66 -0.60 17.33 19.80
C HIS F 66 -0.90 16.03 19.06
N GLU F 67 0.05 15.59 18.25
CA GLU F 67 -0.15 14.40 17.44
C GLU F 67 -0.08 13.11 18.29
N MET F 68 0.74 13.09 19.33
CA MET F 68 0.69 11.98 20.27
C MET F 68 -0.76 11.70 20.65
N LEU F 69 -1.46 12.75 21.08
CA LEU F 69 -2.84 12.61 21.57
C LEU F 69 -3.85 12.09 20.54
N ASP F 70 -3.64 12.41 19.28
CA ASP F 70 -4.49 11.83 18.25
C ASP F 70 -4.39 10.32 18.22
N GLY F 71 -3.22 9.80 18.58
CA GLY F 71 -3.02 8.36 18.65
C GLY F 71 -3.85 7.71 19.73
N PHE F 72 -3.85 8.29 20.94
CA PHE F 72 -4.61 7.71 22.03
C PHE F 72 -6.08 7.70 21.67
N ARG F 73 -6.56 8.80 21.11
CA ARG F 73 -7.96 8.93 20.74
C ARG F 73 -8.38 7.77 19.84
N THR F 74 -7.56 7.50 18.83
CA THR F 74 -7.78 6.36 17.96
C THR F 74 -7.82 5.05 18.76
N ALA F 75 -6.78 4.81 19.54
CA ALA F 75 -6.74 3.65 20.41
C ALA F 75 -7.99 3.53 21.29
N LEU F 76 -8.38 4.65 21.93
CA LEU F 76 -9.47 4.68 22.92
C LEU F 76 -10.79 4.24 22.33
N THR F 77 -11.06 4.67 21.09
CA THR F 77 -12.34 4.39 20.44
C THR F 77 -12.50 2.95 19.96
N ASP F 78 -11.44 2.37 19.39
CA ASP F 78 -11.49 0.95 19.06
C ASP F 78 -11.81 0.09 20.30
N HIS F 79 -11.07 0.31 21.39
CA HIS F 79 -11.30 -0.42 22.64
C HIS F 79 -12.71 -0.20 23.17
N LEU F 80 -13.11 1.07 23.28
CA LEU F 80 -14.44 1.34 23.82
C LEU F 80 -15.48 0.65 22.97
N ASP F 81 -15.25 0.61 21.66
CA ASP F 81 -16.17 -0.03 20.75
C ASP F 81 -16.21 -1.53 20.99
N THR F 82 -15.04 -2.12 21.25
CA THR F 82 -14.99 -3.54 21.58
C THR F 82 -15.81 -3.86 22.84
N PHE F 83 -15.91 -2.91 23.77
CA PHE F 83 -16.63 -3.08 25.03
C PHE F 83 -18.13 -3.02 24.79
N ALA F 84 -18.54 -2.06 23.98
CA ALA F 84 -19.94 -1.89 23.66
C ALA F 84 -20.45 -3.15 23.00
N GLU F 85 -19.70 -3.63 22.00
CA GLU F 85 -20.04 -4.85 21.23
C GLU F 85 -20.17 -6.10 22.08
N ARG F 86 -19.31 -6.23 23.07
CA ARG F 86 -19.40 -7.33 24.03
C ARG F 86 -20.69 -7.26 24.87
N ALA F 87 -20.98 -6.09 25.41
CA ALA F 87 -22.20 -5.91 26.18
C ALA F 87 -23.44 -6.31 25.36
N VAL F 88 -23.47 -5.93 24.08
CA VAL F 88 -24.59 -6.27 23.22
C VAL F 88 -24.64 -7.78 22.89
N GLN F 89 -23.48 -8.41 22.72
CA GLN F 89 -23.44 -9.85 22.48
C GLN F 89 -24.05 -10.66 23.62
N LEU F 90 -24.06 -10.07 24.81
CA LEU F 90 -24.53 -10.76 26.00
C LEU F 90 -26.03 -10.52 26.25
N GLY F 91 -26.61 -9.61 25.48
CA GLY F 91 -28.03 -9.34 25.55
C GLY F 91 -28.37 -8.02 26.23
N GLY F 92 -27.36 -7.18 26.40
CA GLY F 92 -27.54 -5.90 27.06
C GLY F 92 -27.55 -4.73 26.08
N VAL F 93 -27.53 -3.51 26.60
CA VAL F 93 -27.54 -2.32 25.76
C VAL F 93 -26.31 -1.46 26.00
N ALA F 94 -25.50 -1.28 24.95
CA ALA F 94 -24.35 -0.40 25.05
C ALA F 94 -24.82 1.04 25.18
N LEU F 95 -24.30 1.77 26.18
CA LEU F 95 -24.71 3.14 26.43
C LEU F 95 -23.56 4.12 26.20
N GLY F 96 -23.76 5.11 25.34
CA GLY F 96 -22.70 6.06 25.07
C GLY F 96 -23.25 7.39 24.60
N THR F 97 -24.44 7.74 25.07
CA THR F 97 -25.04 9.01 24.71
C THR F 97 -24.46 10.09 25.60
N ALA F 98 -24.44 11.32 25.11
CA ALA F 98 -23.84 12.41 25.86
C ALA F 98 -24.39 12.46 27.29
N GLN F 99 -25.70 12.32 27.42
CA GLN F 99 -26.36 12.49 28.70
C GLN F 99 -25.91 11.46 29.71
N VAL F 100 -25.78 10.20 29.28
CA VAL F 100 -25.39 9.14 30.22
C VAL F 100 -23.98 9.38 30.73
N ILE F 101 -23.06 9.74 29.82
CA ILE F 101 -21.68 9.99 30.20
C ILE F 101 -21.64 11.08 31.28
N ASN F 102 -22.31 12.18 30.96
CA ASN F 102 -22.37 13.32 31.84
C ASN F 102 -22.79 12.93 33.25
N ASP F 103 -23.74 12.00 33.33
CA ASP F 103 -24.34 11.63 34.61
C ASP F 103 -23.60 10.54 35.37
N LYS F 104 -22.73 9.79 34.70
CA LYS F 104 -22.15 8.60 35.34
C LYS F 104 -20.62 8.56 35.35
N THR F 105 -19.97 9.39 34.54
CA THR F 105 -18.53 9.40 34.52
C THR F 105 -17.96 9.72 35.89
N PRO F 106 -16.90 9.03 36.33
CA PRO F 106 -16.26 9.39 37.60
C PRO F 106 -15.08 10.35 37.42
N LEU F 107 -14.93 10.99 36.27
CA LEU F 107 -13.83 11.94 36.12
C LEU F 107 -14.28 13.39 36.35
N LYS F 108 -13.44 14.17 37.02
CA LYS F 108 -13.70 15.59 37.24
C LYS F 108 -13.87 16.34 35.91
N SER F 109 -14.93 17.14 35.82
CA SER F 109 -15.16 17.95 34.64
C SER F 109 -13.90 18.72 34.28
N TYR F 110 -13.40 18.46 33.08
CA TYR F 110 -12.15 19.00 32.54
C TYR F 110 -12.16 20.52 32.38
N PRO F 111 -11.11 21.17 32.87
CA PRO F 111 -10.99 22.64 32.83
C PRO F 111 -10.95 23.18 31.41
N THR F 112 -11.72 24.22 31.13
CA THR F 112 -11.71 24.79 29.79
C THR F 112 -11.09 26.17 29.78
N ASN F 113 -10.28 26.45 30.80
CA ASN F 113 -9.61 27.72 30.92
C ASN F 113 -8.11 27.54 31.05
N ILE F 114 -7.60 26.36 30.68
CA ILE F 114 -6.16 26.09 30.72
C ILE F 114 -5.54 26.07 29.31
N HIS F 115 -4.26 26.43 29.19
CA HIS F 115 -3.66 26.62 27.87
C HIS F 115 -2.31 25.96 27.64
N SER F 116 -1.55 25.73 28.70
CA SER F 116 -0.21 25.18 28.51
C SER F 116 -0.24 23.67 28.37
N VAL F 117 0.62 23.18 27.51
CA VAL F 117 0.82 21.76 27.39
C VAL F 117 1.11 21.17 28.76
N GLN F 118 1.95 21.84 29.54
CA GLN F 118 2.32 21.30 30.85
C GLN F 118 1.08 21.25 31.73
N GLU F 119 0.23 22.26 31.62
CA GLU F 119 -1.03 22.18 32.32
C GLU F 119 -1.85 20.99 31.78
N HIS F 120 -2.16 20.98 30.47
CA HIS F 120 -2.98 19.90 29.89
C HIS F 120 -2.44 18.50 30.17
N LEU F 121 -1.12 18.36 30.20
CA LEU F 121 -0.54 17.09 30.55
C LEU F 121 -1.02 16.72 31.94
N LYS F 122 -0.92 17.66 32.87
CA LYS F 122 -1.28 17.39 34.27
C LYS F 122 -2.73 16.96 34.36
N ALA F 123 -3.58 17.63 33.58
CA ALA F 123 -5.01 17.35 33.60
C ALA F 123 -5.29 15.97 33.00
N LEU F 124 -4.66 15.65 31.87
CA LEU F 124 -4.87 14.35 31.25
C LEU F 124 -4.42 13.23 32.16
N ALA F 125 -3.29 13.44 32.83
CA ALA F 125 -2.73 12.44 33.74
C ALA F 125 -3.69 12.05 34.86
N GLU F 126 -4.24 13.04 35.56
CA GLU F 126 -5.20 12.81 36.62
C GLU F 126 -6.25 11.83 36.12
N ARG F 127 -6.83 12.17 34.97
CA ARG F 127 -7.98 11.46 34.46
C ARG F 127 -7.59 10.11 33.86
N TYR F 128 -6.61 10.13 32.97
CA TYR F 128 -6.04 8.90 32.48
C TYR F 128 -5.66 7.99 33.63
N ALA F 129 -5.03 8.52 34.67
CA ALA F 129 -4.62 7.64 35.75
C ALA F 129 -5.79 6.92 36.39
N ILE F 130 -6.89 7.64 36.57
CA ILE F 130 -8.07 7.12 37.24
C ILE F 130 -8.62 5.90 36.47
N VAL F 131 -8.99 6.12 35.22
CA VAL F 131 -9.51 5.07 34.33
C VAL F 131 -8.55 3.88 34.21
N ALA F 132 -7.24 4.16 34.20
CA ALA F 132 -6.23 3.12 34.09
C ALA F 132 -6.19 2.27 35.34
N ASN F 133 -6.24 2.90 36.49
CA ASN F 133 -6.23 2.14 37.74
C ASN F 133 -7.54 1.38 37.97
N ASP F 134 -8.58 1.75 37.24
CA ASP F 134 -9.89 1.14 37.43
C ASP F 134 -10.20 -0.04 36.48
N ILE F 135 -9.62 -0.04 35.28
CA ILE F 135 -9.78 -1.17 34.37
C ILE F 135 -8.78 -2.29 34.68
N ARG F 136 -7.64 -1.92 35.27
CA ARG F 136 -6.65 -2.91 35.73
C ARG F 136 -7.26 -3.81 36.78
N LYS F 137 -8.01 -3.19 37.70
CA LYS F 137 -8.76 -3.92 38.72
C LYS F 137 -9.91 -4.70 38.09
N ALA F 138 -10.41 -4.22 36.95
CA ALA F 138 -11.57 -4.82 36.31
C ALA F 138 -11.22 -6.13 35.64
N ILE F 139 -9.95 -6.26 35.23
CA ILE F 139 -9.46 -7.47 34.57
C ILE F 139 -9.67 -8.71 35.41
N THR F 140 -9.61 -8.56 36.73
CA THR F 140 -9.72 -9.68 37.65
C THR F 140 -11.07 -9.76 38.36
N GLU F 141 -11.84 -8.68 38.29
CA GLU F 141 -13.17 -8.67 38.89
C GLU F 141 -14.19 -9.40 38.01
N VAL F 142 -14.19 -9.14 36.72
CA VAL F 142 -15.16 -9.76 35.83
C VAL F 142 -15.04 -11.29 35.76
N GLU F 143 -16.16 -11.97 35.52
CA GLU F 143 -16.19 -13.42 35.41
C GLU F 143 -16.40 -13.90 33.98
N ASP F 144 -16.13 -13.04 33.01
CA ASP F 144 -16.23 -13.39 31.60
C ASP F 144 -14.85 -13.23 30.97
N GLU F 145 -14.29 -14.30 30.44
CA GLU F 145 -12.92 -14.25 29.97
C GLU F 145 -12.74 -13.26 28.80
N ASN F 146 -13.67 -13.27 27.86
CA ASN F 146 -13.58 -12.38 26.73
C ASN F 146 -13.54 -10.92 27.16
N SER F 147 -14.40 -10.54 28.10
CA SER F 147 -14.33 -9.17 28.61
C SER F 147 -12.96 -8.97 29.23
N ALA F 148 -12.54 -9.92 30.07
CA ALA F 148 -11.26 -9.81 30.77
C ALA F 148 -10.09 -9.68 29.78
N ASP F 149 -10.15 -10.43 28.68
CA ASP F 149 -9.15 -10.32 27.63
C ASP F 149 -9.17 -8.90 27.07
N MET F 150 -10.32 -8.47 26.58
CA MET F 150 -10.43 -7.13 26.00
C MET F 150 -10.10 -6.06 27.04
N PHE F 151 -10.43 -6.32 28.29
CA PHE F 151 -10.03 -5.43 29.39
C PHE F 151 -8.51 -5.35 29.54
N THR F 152 -7.83 -6.50 29.49
CA THR F 152 -6.36 -6.56 29.60
C THR F 152 -5.67 -5.76 28.49
N ALA F 153 -6.16 -5.84 27.26
CA ALA F 153 -5.52 -5.10 26.18
C ALA F 153 -5.67 -3.58 26.38
N ALA F 154 -6.89 -3.13 26.63
CA ALA F 154 -7.14 -1.73 26.92
C ALA F 154 -6.23 -1.26 28.08
N SER F 155 -6.22 -2.00 29.19
CA SER F 155 -5.34 -1.67 30.29
C SER F 155 -3.90 -1.46 29.81
N ARG F 156 -3.39 -2.46 29.09
CA ARG F 156 -2.06 -2.35 28.53
C ARG F 156 -1.90 -1.05 27.73
N ASP F 157 -2.92 -0.67 26.97
CA ASP F 157 -2.82 0.56 26.21
C ASP F 157 -2.82 1.77 27.11
N LEU F 158 -3.79 1.78 28.02
CA LEU F 158 -3.94 2.86 28.97
C LEU F 158 -2.73 3.02 29.86
N ASP F 159 -2.06 1.93 30.21
CA ASP F 159 -0.86 2.05 31.03
C ASP F 159 0.32 2.63 30.25
N LYS F 160 0.32 2.42 28.93
CA LYS F 160 1.33 3.01 28.06
C LYS F 160 1.04 4.50 27.79
N PHE F 161 -0.23 4.82 27.54
CA PHE F 161 -0.58 6.22 27.36
C PHE F 161 -0.26 7.06 28.61
N LEU F 162 -0.47 6.49 29.80
CA LEU F 162 -0.23 7.22 31.04
C LEU F 162 1.25 7.49 31.26
N TRP F 163 2.08 6.55 30.83
CA TRP F 163 3.55 6.69 30.92
C TRP F 163 4.11 7.65 29.88
N PHE F 164 3.47 7.67 28.71
CA PHE F 164 3.82 8.65 27.69
C PHE F 164 3.52 10.04 28.22
N ILE F 165 2.26 10.27 28.61
CA ILE F 165 1.84 11.56 29.16
C ILE F 165 2.72 12.03 30.32
N GLU F 166 2.82 11.21 31.37
CA GLU F 166 3.64 11.57 32.51
C GLU F 166 5.05 11.86 32.04
N SER F 167 5.52 11.08 31.07
CA SER F 167 6.90 11.20 30.64
C SER F 167 7.16 12.55 30.01
N ASN F 168 6.13 13.15 29.44
CA ASN F 168 6.32 14.39 28.74
C ASN F 168 6.27 15.59 29.67
N ILE F 169 6.13 15.33 30.97
CA ILE F 169 5.99 16.41 31.94
C ILE F 169 7.35 16.88 32.49
N GLU F 170 7.69 18.14 32.17
CA GLU F 170 8.99 18.70 32.52
C GLU F 170 9.30 18.44 33.98
N GLU G 16 32.11 9.99 -33.84
CA GLU G 16 31.90 8.60 -33.43
C GLU G 16 30.85 8.51 -32.31
N LEU G 17 30.90 9.48 -31.40
CA LEU G 17 30.01 9.54 -30.26
C LEU G 17 28.82 10.43 -30.60
N LEU G 18 27.79 10.38 -29.75
CA LEU G 18 26.64 11.24 -29.94
C LEU G 18 26.82 12.56 -29.19
N TYR G 19 26.20 13.61 -29.73
CA TYR G 19 26.37 14.91 -29.12
C TYR G 19 25.58 15.02 -27.82
N THR G 20 26.25 15.59 -26.83
CA THR G 20 25.69 15.75 -25.51
C THR G 20 26.45 16.92 -24.89
N ARG G 21 25.75 17.69 -24.06
CA ARG G 21 26.38 18.77 -23.31
C ARG G 21 27.27 18.22 -22.17
N ASN G 22 27.04 16.95 -21.82
CA ASN G 22 27.87 16.26 -20.84
C ASN G 22 29.35 16.35 -21.23
N ASP G 23 30.14 17.08 -20.43
CA ASP G 23 31.52 17.38 -20.82
C ASP G 23 32.60 16.46 -20.21
N VAL G 24 32.26 15.19 -20.02
CA VAL G 24 33.28 14.23 -19.70
C VAL G 24 34.15 14.10 -20.94
N GLU G 25 35.45 14.07 -20.75
CA GLU G 25 36.36 14.08 -21.89
C GLU G 25 36.18 12.89 -22.87
N GLU G 26 36.42 13.17 -24.15
CA GLU G 26 36.19 12.22 -25.23
C GLU G 26 36.89 10.88 -25.03
N HIS G 27 38.17 10.95 -24.74
CA HIS G 27 38.97 9.76 -24.48
C HIS G 27 38.31 8.89 -23.42
N VAL G 28 38.11 9.45 -22.23
CA VAL G 28 37.49 8.69 -21.15
C VAL G 28 36.05 8.30 -21.49
N LYS G 29 35.28 9.23 -22.04
CA LYS G 29 33.93 8.86 -22.51
C LYS G 29 33.97 7.55 -23.30
N VAL G 30 34.98 7.39 -24.15
CA VAL G 30 35.11 6.21 -25.00
C VAL G 30 35.53 4.94 -24.25
N ALA G 31 36.64 5.01 -23.51
CA ALA G 31 37.07 3.86 -22.70
C ALA G 31 35.93 3.33 -21.83
N THR G 32 35.19 4.26 -21.23
CA THR G 32 34.14 3.98 -20.27
C THR G 32 32.97 3.24 -20.90
N ILE G 33 32.45 3.78 -22.01
CA ILE G 33 31.41 3.10 -22.78
C ILE G 33 31.76 1.63 -23.04
N LYS G 34 32.89 1.40 -23.70
CA LYS G 34 33.42 0.05 -23.90
C LYS G 34 33.28 -0.83 -22.64
N ARG G 35 33.69 -0.28 -21.50
CA ARG G 35 33.66 -1.06 -20.28
C ARG G 35 32.24 -1.20 -19.76
N LEU G 36 31.44 -0.14 -19.89
CA LEU G 36 30.03 -0.28 -19.51
C LEU G 36 29.34 -1.39 -20.33
N ASN G 37 29.69 -1.52 -21.62
CA ASN G 37 28.98 -2.45 -22.47
C ASN G 37 29.33 -3.90 -22.19
N GLN G 38 30.58 -4.14 -21.82
CA GLN G 38 31.01 -5.49 -21.47
C GLN G 38 30.23 -6.05 -20.27
N MET G 39 29.92 -5.18 -19.31
CA MET G 39 29.15 -5.57 -18.14
C MET G 39 27.70 -5.75 -18.55
N VAL G 40 27.24 -4.84 -19.42
CA VAL G 40 25.90 -4.96 -19.97
C VAL G 40 25.70 -6.35 -20.55
N ILE G 41 26.71 -6.79 -21.29
CA ILE G 41 26.71 -8.08 -21.94
C ILE G 41 26.72 -9.21 -20.92
N GLN G 42 27.51 -9.05 -19.86
CA GLN G 42 27.67 -10.11 -18.88
C GLN G 42 26.46 -10.24 -17.97
N PHE G 43 25.86 -9.10 -17.66
CA PHE G 43 24.68 -9.10 -16.80
C PHE G 43 23.52 -9.74 -17.53
N ILE G 44 23.28 -9.30 -18.75
CA ILE G 44 22.25 -9.90 -19.54
C ILE G 44 22.44 -11.41 -19.57
N ASP G 45 23.67 -11.85 -19.78
CA ASP G 45 23.91 -13.27 -19.83
C ASP G 45 23.62 -13.96 -18.49
N LEU G 46 24.12 -13.41 -17.39
CA LEU G 46 23.77 -13.97 -16.09
C LEU G 46 22.25 -13.97 -15.96
N SER G 47 21.60 -12.93 -16.48
CA SER G 47 20.15 -12.84 -16.47
C SER G 47 19.48 -14.07 -17.07
N LEU G 48 19.86 -14.39 -18.31
CA LEU G 48 19.34 -15.56 -19.02
C LEU G 48 19.71 -16.85 -18.30
N ILE G 49 20.96 -16.96 -17.90
CA ILE G 49 21.45 -18.11 -17.15
C ILE G 49 20.65 -18.33 -15.86
N THR G 50 20.54 -17.26 -15.08
CA THR G 50 19.73 -17.30 -13.88
C THR G 50 18.32 -17.85 -14.14
N LYS G 51 17.59 -17.27 -15.09
CA LYS G 51 16.27 -17.77 -15.49
C LYS G 51 16.27 -19.25 -15.94
N GLN G 52 17.32 -19.67 -16.63
CA GLN G 52 17.42 -21.02 -17.18
C GLN G 52 17.63 -22.10 -16.11
N ALA G 53 18.38 -21.77 -15.07
CA ALA G 53 18.58 -22.68 -13.94
C ALA G 53 17.30 -22.79 -13.13
N HIS G 54 16.67 -21.63 -12.95
CA HIS G 54 15.36 -21.47 -12.29
C HIS G 54 14.30 -22.45 -12.81
N TRP G 55 14.23 -22.64 -14.13
CA TRP G 55 13.22 -23.51 -14.77
C TRP G 55 13.49 -25.03 -14.63
N ASN G 56 14.73 -25.43 -14.80
CA ASN G 56 15.03 -26.84 -15.04
C ASN G 56 15.71 -27.51 -13.87
N MET G 57 15.49 -26.88 -12.72
CA MET G 57 16.06 -27.28 -11.46
C MET G 57 15.07 -28.26 -10.83
N ARG G 58 15.58 -29.28 -10.14
CA ARG G 58 14.77 -30.04 -9.17
C ARG G 58 15.60 -30.85 -8.19
N GLY G 59 14.97 -31.26 -7.10
CA GLY G 59 15.70 -31.96 -6.06
C GLY G 59 15.61 -31.20 -4.77
N ALA G 60 16.40 -31.64 -3.79
CA ALA G 60 16.38 -31.02 -2.48
C ALA G 60 16.52 -29.49 -2.52
N ASN G 61 15.68 -28.81 -1.74
CA ASN G 61 15.78 -27.37 -1.58
C ASN G 61 15.28 -26.61 -2.81
N PHE G 62 14.32 -27.18 -3.54
CA PHE G 62 13.90 -26.63 -4.82
C PHE G 62 13.15 -25.30 -4.76
N VAL G 63 12.07 -25.25 -3.98
CA VAL G 63 11.21 -24.09 -4.05
C VAL G 63 11.97 -22.84 -3.58
N ALA G 64 12.72 -22.97 -2.50
CA ALA G 64 13.47 -21.85 -1.93
C ALA G 64 14.45 -21.26 -2.92
N VAL G 65 15.26 -22.13 -3.52
CA VAL G 65 16.28 -21.71 -4.48
C VAL G 65 15.60 -21.15 -5.73
N HIS G 66 14.53 -21.82 -6.14
CA HIS G 66 13.74 -21.38 -7.27
C HIS G 66 13.31 -19.93 -7.08
N GLU G 67 12.74 -19.62 -5.92
CA GLU G 67 12.30 -18.26 -5.63
C GLU G 67 13.45 -17.22 -5.52
N MET G 68 14.53 -17.65 -4.89
CA MET G 68 15.73 -16.85 -4.72
C MET G 68 16.24 -16.38 -6.07
N LEU G 69 16.30 -17.27 -7.06
CA LEU G 69 16.74 -16.87 -8.39
C LEU G 69 15.84 -15.80 -8.99
N ASP G 70 14.55 -15.83 -8.66
CA ASP G 70 13.65 -14.83 -9.23
C ASP G 70 13.98 -13.44 -8.69
N GLY G 71 14.56 -13.40 -7.50
CA GLY G 71 15.02 -12.14 -6.94
C GLY G 71 16.32 -11.63 -7.52
N PHE G 72 17.25 -12.54 -7.85
CA PHE G 72 18.54 -12.13 -8.42
C PHE G 72 18.28 -11.51 -9.78
N ARG G 73 17.35 -12.13 -10.51
CA ARG G 73 17.01 -11.72 -11.86
C ARG G 73 16.66 -10.25 -11.91
N THR G 74 15.72 -9.84 -11.06
CA THR G 74 15.29 -8.45 -11.17
C THR G 74 16.42 -7.51 -10.75
N ALA G 75 17.25 -8.00 -9.84
CA ALA G 75 18.44 -7.26 -9.42
C ALA G 75 19.43 -7.08 -10.58
N LEU G 76 19.82 -8.19 -11.20
CA LEU G 76 20.69 -8.11 -12.35
C LEU G 76 20.10 -7.10 -13.34
N THR G 77 18.81 -7.24 -13.57
CA THR G 77 18.15 -6.47 -14.61
C THR G 77 18.21 -4.94 -14.41
N ASP G 78 18.20 -4.50 -13.15
CA ASP G 78 18.25 -3.07 -12.88
C ASP G 78 19.65 -2.50 -13.03
N HIS G 79 20.66 -3.14 -12.43
CA HIS G 79 22.03 -2.68 -12.60
C HIS G 79 22.34 -2.59 -14.11
N LEU G 80 22.10 -3.71 -14.79
CA LEU G 80 22.03 -3.81 -16.25
C LEU G 80 21.55 -2.51 -16.94
N ASP G 81 20.37 -2.05 -16.53
CA ASP G 81 19.79 -0.85 -17.07
C ASP G 81 20.66 0.34 -16.75
N THR G 82 21.02 0.46 -15.49
CA THR G 82 21.82 1.59 -15.06
C THR G 82 23.13 1.71 -15.87
N PHE G 83 23.75 0.58 -16.19
CA PHE G 83 24.99 0.59 -16.97
C PHE G 83 24.74 1.10 -18.37
N ALA G 84 23.68 0.57 -18.97
CA ALA G 84 23.37 0.87 -20.36
C ALA G 84 23.12 2.37 -20.61
N GLU G 85 22.31 2.99 -19.77
CA GLU G 85 21.97 4.39 -19.98
C GLU G 85 23.20 5.28 -19.76
N ARG G 86 24.03 4.89 -18.81
CA ARG G 86 25.26 5.60 -18.55
C ARG G 86 26.01 5.66 -19.86
N ALA G 87 26.19 4.49 -20.49
CA ALA G 87 26.78 4.41 -21.82
C ALA G 87 26.16 5.43 -22.81
N VAL G 88 24.84 5.43 -22.88
CA VAL G 88 24.11 6.27 -23.83
C VAL G 88 24.24 7.75 -23.48
N GLN G 89 24.22 8.07 -22.19
CA GLN G 89 24.30 9.46 -21.77
C GLN G 89 25.72 9.99 -22.01
N LEU G 90 26.68 9.09 -22.10
CA LEU G 90 28.04 9.45 -22.54
C LEU G 90 28.24 9.57 -24.08
N GLY G 91 27.18 9.35 -24.85
CA GLY G 91 27.25 9.49 -26.29
C GLY G 91 27.35 8.18 -27.05
N GLY G 92 27.30 7.07 -26.32
CA GLY G 92 27.48 5.76 -26.92
C GLY G 92 26.20 5.01 -27.26
N VAL G 93 26.38 3.82 -27.82
CA VAL G 93 25.27 2.93 -28.12
C VAL G 93 25.33 1.74 -27.16
N ALA G 94 24.25 1.49 -26.44
CA ALA G 94 24.23 0.32 -25.57
C ALA G 94 23.99 -0.90 -26.43
N LEU G 95 24.62 -2.01 -26.08
CA LEU G 95 24.54 -3.23 -26.89
C LEU G 95 23.93 -4.42 -26.12
N GLY G 96 22.67 -4.74 -26.37
CA GLY G 96 22.03 -5.82 -25.64
C GLY G 96 21.22 -6.79 -26.48
N THR G 97 21.80 -7.24 -27.59
CA THR G 97 21.09 -8.07 -28.55
C THR G 97 21.57 -9.52 -28.54
N ALA G 98 20.62 -10.46 -28.64
CA ALA G 98 20.97 -11.88 -28.58
C ALA G 98 22.23 -12.18 -29.38
N GLN G 99 22.27 -11.71 -30.63
CA GLN G 99 23.47 -11.86 -31.46
C GLN G 99 24.72 -11.41 -30.69
N VAL G 100 24.69 -10.17 -30.21
CA VAL G 100 25.84 -9.62 -29.53
C VAL G 100 26.21 -10.43 -28.27
N ILE G 101 25.22 -10.79 -27.45
CA ILE G 101 25.54 -11.59 -26.28
C ILE G 101 26.31 -12.80 -26.79
N ASN G 102 25.72 -13.51 -27.75
CA ASN G 102 26.43 -14.64 -28.30
C ASN G 102 27.92 -14.39 -28.52
N ASP G 103 28.22 -13.38 -29.35
CA ASP G 103 29.57 -13.15 -29.84
C ASP G 103 30.55 -12.55 -28.84
N LYS G 104 30.05 -11.78 -27.86
CA LYS G 104 30.94 -11.05 -26.95
C LYS G 104 31.02 -11.62 -25.52
N THR G 105 30.15 -12.57 -25.19
CA THR G 105 30.15 -13.15 -23.85
C THR G 105 31.40 -13.95 -23.60
N PRO G 106 32.03 -13.71 -22.44
CA PRO G 106 33.14 -14.46 -21.85
C PRO G 106 32.66 -15.68 -21.04
N LEU G 107 31.37 -15.77 -20.76
CA LEU G 107 30.83 -16.87 -19.97
C LEU G 107 30.61 -18.03 -20.89
N LYS G 108 31.03 -19.22 -20.46
CA LYS G 108 30.72 -20.44 -21.16
C LYS G 108 29.20 -20.59 -21.30
N SER G 109 28.78 -21.36 -22.28
CA SER G 109 27.38 -21.72 -22.41
C SER G 109 26.93 -22.36 -21.12
N TYR G 110 25.67 -22.16 -20.78
CA TYR G 110 25.16 -22.77 -19.58
C TYR G 110 24.56 -24.09 -20.01
N PRO G 111 24.86 -25.15 -19.25
CA PRO G 111 24.50 -26.52 -19.61
C PRO G 111 22.97 -26.78 -19.61
N THR G 112 22.47 -27.41 -20.68
CA THR G 112 21.02 -27.71 -20.77
C THR G 112 20.67 -29.16 -20.37
N ASN G 113 21.69 -29.97 -20.09
CA ASN G 113 21.47 -31.35 -19.67
C ASN G 113 21.34 -31.55 -18.15
N ILE G 114 21.85 -30.63 -17.34
CA ILE G 114 21.77 -30.75 -15.89
C ILE G 114 20.34 -30.54 -15.37
N HIS G 115 20.02 -31.12 -14.21
CA HIS G 115 18.67 -31.05 -13.63
C HIS G 115 18.55 -30.85 -12.11
N SER G 116 19.61 -31.19 -11.37
CA SER G 116 19.52 -31.17 -9.91
C SER G 116 19.88 -29.79 -9.36
N VAL G 117 19.16 -29.34 -8.33
CA VAL G 117 19.42 -28.02 -7.78
C VAL G 117 20.90 -27.90 -7.53
N GLN G 118 21.48 -29.00 -7.07
CA GLN G 118 22.86 -28.98 -6.64
C GLN G 118 23.77 -28.84 -7.86
N GLU G 119 23.39 -29.43 -8.98
CA GLU G 119 24.14 -29.26 -10.23
C GLU G 119 24.06 -27.79 -10.71
N HIS G 120 22.85 -27.24 -10.71
CA HIS G 120 22.61 -25.89 -11.23
C HIS G 120 23.27 -24.83 -10.40
N LEU G 121 23.38 -25.06 -9.10
CA LEU G 121 23.99 -24.09 -8.22
C LEU G 121 25.48 -23.97 -8.50
N LYS G 122 26.10 -25.10 -8.85
CA LYS G 122 27.51 -25.13 -9.22
C LYS G 122 27.82 -24.46 -10.57
N ALA G 123 26.96 -24.68 -11.55
CA ALA G 123 27.06 -24.02 -12.84
C ALA G 123 26.84 -22.51 -12.71
N LEU G 124 25.95 -22.10 -11.79
CA LEU G 124 25.66 -20.67 -11.58
C LEU G 124 26.77 -19.97 -10.80
N ALA G 125 27.23 -20.62 -9.74
CA ALA G 125 28.39 -20.14 -9.04
C ALA G 125 29.54 -19.79 -9.99
N GLU G 126 29.95 -20.72 -10.85
CA GLU G 126 31.08 -20.49 -11.76
C GLU G 126 30.97 -19.17 -12.51
N ARG G 127 29.81 -18.97 -13.11
CA ARG G 127 29.62 -17.84 -14.00
C ARG G 127 29.38 -16.57 -13.21
N TYR G 128 28.61 -16.66 -12.14
CA TYR G 128 28.46 -15.52 -11.26
C TYR G 128 29.84 -15.08 -10.80
N ALA G 129 30.63 -16.01 -10.27
CA ALA G 129 31.94 -15.68 -9.74
C ALA G 129 32.80 -14.98 -10.79
N ILE G 130 32.67 -15.40 -12.05
CA ILE G 130 33.40 -14.74 -13.14
C ILE G 130 32.99 -13.25 -13.26
N VAL G 131 31.72 -12.99 -13.56
CA VAL G 131 31.26 -11.61 -13.61
C VAL G 131 31.59 -10.88 -12.31
N ALA G 132 31.20 -11.47 -11.18
CA ALA G 132 31.48 -10.90 -9.86
C ALA G 132 32.94 -10.45 -9.63
N ASN G 133 33.90 -11.32 -9.95
CA ASN G 133 35.31 -10.95 -9.80
C ASN G 133 35.77 -9.93 -10.86
N ASP G 134 35.16 -9.95 -12.03
CA ASP G 134 35.52 -9.01 -13.08
C ASP G 134 35.09 -7.58 -12.75
N ILE G 135 33.84 -7.42 -12.31
CA ILE G 135 33.35 -6.07 -12.01
C ILE G 135 33.93 -5.48 -10.73
N ARG G 136 34.36 -6.32 -9.79
CA ARG G 136 35.05 -5.79 -8.61
C ARG G 136 36.33 -5.07 -9.03
N LYS G 137 37.00 -5.60 -10.06
CA LYS G 137 38.18 -4.95 -10.62
C LYS G 137 37.77 -3.71 -11.42
N ALA G 138 36.65 -3.79 -12.12
CA ALA G 138 36.23 -2.71 -13.00
C ALA G 138 36.14 -1.39 -12.23
N ILE G 139 35.74 -1.47 -10.97
CA ILE G 139 35.55 -0.29 -10.15
C ILE G 139 36.76 0.64 -10.20
N THR G 140 37.93 0.07 -9.93
CA THR G 140 39.20 0.79 -9.86
C THR G 140 39.76 1.18 -11.23
N GLU G 141 39.45 0.39 -12.25
CA GLU G 141 39.92 0.64 -13.62
C GLU G 141 39.25 1.85 -14.30
N VAL G 142 37.94 1.96 -14.17
CA VAL G 142 37.17 2.97 -14.87
C VAL G 142 37.50 4.37 -14.35
N GLU G 143 37.55 5.34 -15.25
CA GLU G 143 37.92 6.70 -14.85
C GLU G 143 36.72 7.59 -14.71
N ASP G 144 35.54 6.99 -14.72
CA ASP G 144 34.30 7.74 -14.54
C ASP G 144 33.68 7.45 -13.18
N GLU G 145 33.64 8.45 -12.31
CA GLU G 145 33.19 8.19 -10.96
C GLU G 145 31.80 7.59 -10.99
N ASN G 146 30.94 8.13 -11.85
CA ASN G 146 29.55 7.70 -11.90
C ASN G 146 29.40 6.22 -12.18
N SER G 147 30.25 5.68 -13.05
CA SER G 147 30.22 4.26 -13.36
C SER G 147 30.86 3.47 -12.24
N ALA G 148 31.92 4.02 -11.65
CA ALA G 148 32.55 3.38 -10.52
C ALA G 148 31.53 3.18 -9.41
N ASP G 149 30.67 4.18 -9.20
CA ASP G 149 29.61 4.10 -8.20
C ASP G 149 28.62 3.02 -8.65
N MET G 150 28.20 3.16 -9.90
CA MET G 150 27.34 2.22 -10.60
C MET G 150 27.84 0.79 -10.41
N PHE G 151 29.16 0.61 -10.47
CA PHE G 151 29.73 -0.73 -10.42
C PHE G 151 29.74 -1.26 -9.01
N THR G 152 30.00 -0.38 -8.05
CA THR G 152 30.17 -0.85 -6.69
C THR G 152 28.83 -1.40 -6.21
N ALA G 153 27.74 -0.72 -6.58
CA ALA G 153 26.40 -1.15 -6.15
C ALA G 153 26.11 -2.54 -6.66
N ALA G 154 26.36 -2.76 -7.94
CA ALA G 154 26.11 -4.04 -8.57
C ALA G 154 27.09 -5.08 -8.05
N SER G 155 28.35 -4.68 -7.90
CA SER G 155 29.36 -5.51 -7.24
C SER G 155 28.86 -6.01 -5.87
N ARG G 156 28.37 -5.06 -5.07
CA ARG G 156 27.78 -5.44 -3.79
C ARG G 156 26.70 -6.53 -3.93
N ASP G 157 25.79 -6.38 -4.90
CA ASP G 157 24.78 -7.39 -5.14
C ASP G 157 25.39 -8.70 -5.62
N LEU G 158 26.22 -8.63 -6.65
CA LEU G 158 26.86 -9.83 -7.19
C LEU G 158 27.58 -10.63 -6.12
N ASP G 159 28.23 -9.94 -5.18
CA ASP G 159 28.97 -10.67 -4.15
C ASP G 159 28.00 -11.40 -3.21
N LYS G 160 27.05 -10.65 -2.66
CA LYS G 160 25.95 -11.24 -1.92
C LYS G 160 25.35 -12.45 -2.66
N PHE G 161 25.01 -12.27 -3.93
CA PHE G 161 24.43 -13.36 -4.72
C PHE G 161 25.38 -14.54 -4.84
N LEU G 162 26.68 -14.26 -4.97
CA LEU G 162 27.65 -15.35 -5.06
C LEU G 162 27.66 -16.17 -3.77
N TRP G 163 27.52 -15.47 -2.66
CA TRP G 163 27.51 -16.08 -1.34
C TRP G 163 26.20 -16.87 -1.08
N PHE G 164 25.06 -16.33 -1.51
CA PHE G 164 23.81 -17.08 -1.42
C PHE G 164 23.92 -18.39 -2.20
N ILE G 165 24.33 -18.29 -3.45
CA ILE G 165 24.52 -19.46 -4.29
C ILE G 165 25.42 -20.46 -3.58
N GLU G 166 26.66 -20.07 -3.35
CA GLU G 166 27.63 -20.93 -2.67
C GLU G 166 27.10 -21.54 -1.37
N SER G 167 26.39 -20.73 -0.59
CA SER G 167 25.89 -21.20 0.69
C SER G 167 24.86 -22.31 0.56
N ASN G 168 24.09 -22.32 -0.51
CA ASN G 168 23.10 -23.37 -0.68
C ASN G 168 23.72 -24.67 -1.21
N ILE G 169 25.02 -24.62 -1.51
CA ILE G 169 25.79 -25.81 -1.93
C ILE G 169 26.17 -26.70 -0.75
N GLU G 170 26.11 -28.02 -0.95
CA GLU G 170 26.06 -28.96 0.18
C GLU G 170 27.39 -29.48 0.74
N PRO H 14 -12.34 42.44 28.14
CA PRO H 14 -12.63 42.82 26.76
C PRO H 14 -12.42 41.65 25.80
N SER H 15 -11.27 41.63 25.12
CA SER H 15 -10.94 40.50 24.26
C SER H 15 -10.48 39.30 25.09
N GLU H 16 -11.37 38.32 25.24
CA GLU H 16 -11.02 37.04 25.82
C GLU H 16 -10.50 36.18 24.68
N LEU H 17 -9.73 36.82 23.80
CA LEU H 17 -9.15 36.14 22.66
C LEU H 17 -7.65 35.94 22.86
N LEU H 18 -7.17 34.73 22.58
CA LEU H 18 -5.74 34.48 22.59
C LEU H 18 -5.07 35.28 21.47
N TYR H 19 -3.81 35.63 21.68
CA TYR H 19 -3.04 36.36 20.69
C TYR H 19 -2.64 35.49 19.50
N THR H 20 -2.82 36.05 18.31
CA THR H 20 -2.28 35.49 17.08
C THR H 20 -1.95 36.57 16.06
N ARG H 21 -1.01 36.29 15.19
CA ARG H 21 -0.66 37.22 14.14
C ARG H 21 -1.71 37.18 13.06
N ASN H 22 -2.85 36.59 13.40
CA ASN H 22 -3.92 36.33 12.42
C ASN H 22 -4.97 37.46 12.36
N ASP H 23 -4.93 38.20 11.26
CA ASP H 23 -5.73 39.40 10.98
C ASP H 23 -7.21 39.36 11.35
N VAL H 24 -7.94 38.36 10.89
CA VAL H 24 -9.41 38.36 11.00
C VAL H 24 -9.90 39.34 12.06
N GLU H 25 -10.80 40.24 11.68
CA GLU H 25 -11.24 41.28 12.61
C GLU H 25 -11.74 40.68 13.94
N GLU H 26 -11.73 41.49 15.00
CA GLU H 26 -12.11 41.00 16.32
C GLU H 26 -13.56 40.52 16.36
N HIS H 27 -14.49 41.33 15.83
CA HIS H 27 -15.91 40.95 15.82
C HIS H 27 -16.17 39.65 15.05
N VAL H 28 -15.63 39.57 13.83
CA VAL H 28 -15.78 38.37 13.00
C VAL H 28 -15.20 37.16 13.74
N LYS H 29 -14.13 37.40 14.51
CA LYS H 29 -13.46 36.37 15.30
C LYS H 29 -14.40 35.75 16.34
N VAL H 30 -14.98 36.59 17.21
CA VAL H 30 -15.78 36.10 18.34
C VAL H 30 -17.08 35.43 17.90
N ALA H 31 -17.69 35.94 16.83
CA ALA H 31 -18.93 35.40 16.33
C ALA H 31 -18.70 34.06 15.64
N THR H 32 -17.72 34.01 14.75
CA THR H 32 -17.40 32.74 14.12
C THR H 32 -17.00 31.67 15.14
N ILE H 33 -16.21 32.05 16.14
CA ILE H 33 -15.82 31.10 17.17
C ILE H 33 -17.08 30.51 17.73
N LYS H 34 -17.88 31.36 18.36
CA LYS H 34 -19.24 31.00 18.75
C LYS H 34 -19.85 29.99 17.77
N ARG H 35 -20.03 30.39 16.51
CA ARG H 35 -20.63 29.50 15.51
C ARG H 35 -19.87 28.19 15.46
N LEU H 36 -18.54 28.27 15.34
CA LEU H 36 -17.73 27.07 15.23
C LEU H 36 -18.01 26.12 16.39
N ASN H 37 -18.00 26.64 17.60
CA ASN H 37 -18.29 25.78 18.75
C ASN H 37 -19.67 25.09 18.74
N GLN H 38 -20.70 25.76 18.24
CA GLN H 38 -22.01 25.11 18.17
C GLN H 38 -21.99 23.90 17.24
N MET H 39 -21.43 24.10 16.05
CA MET H 39 -21.34 23.02 15.09
C MET H 39 -20.56 21.90 15.74
N VAL H 40 -19.50 22.25 16.46
CA VAL H 40 -18.69 21.28 17.16
C VAL H 40 -19.55 20.39 18.04
N ILE H 41 -20.35 21.02 18.88
CA ILE H 41 -21.19 20.30 19.84
C ILE H 41 -22.19 19.36 19.17
N GLN H 42 -22.88 19.85 18.14
CA GLN H 42 -23.83 19.01 17.41
C GLN H 42 -23.11 17.79 16.82
N PHE H 43 -21.93 18.04 16.24
CA PHE H 43 -21.19 17.01 15.53
C PHE H 43 -20.69 15.92 16.45
N ILE H 44 -20.17 16.30 17.62
CA ILE H 44 -19.80 15.30 18.61
C ILE H 44 -21.04 14.49 19.05
N ASP H 45 -22.18 15.16 19.17
CA ASP H 45 -23.39 14.45 19.57
C ASP H 45 -23.82 13.47 18.50
N LEU H 46 -23.94 13.93 17.26
CA LEU H 46 -24.25 13.02 16.17
C LEU H 46 -23.32 11.81 16.21
N SER H 47 -22.06 12.05 16.55
CA SER H 47 -21.04 11.02 16.59
C SER H 47 -21.30 10.00 17.67
N LEU H 48 -21.71 10.49 18.83
CA LEU H 48 -22.00 9.62 19.94
C LEU H 48 -23.25 8.77 19.68
N ILE H 49 -24.24 9.37 19.02
CA ILE H 49 -25.51 8.70 18.79
C ILE H 49 -25.40 7.79 17.57
N THR H 50 -24.38 8.02 16.75
CA THR H 50 -24.19 7.18 15.59
C THR H 50 -23.63 5.86 16.09
N LYS H 51 -22.61 5.92 16.92
CA LYS H 51 -22.09 4.71 17.55
C LYS H 51 -23.23 4.07 18.33
N GLN H 52 -23.92 4.89 19.10
CA GLN H 52 -25.04 4.46 19.91
C GLN H 52 -26.00 3.55 19.14
N ALA H 53 -26.47 4.01 17.98
CA ALA H 53 -27.42 3.23 17.19
C ALA H 53 -26.74 2.04 16.51
N HIS H 54 -25.48 2.23 16.15
CA HIS H 54 -24.66 1.23 15.47
C HIS H 54 -24.45 -0.02 16.33
N TRP H 55 -24.28 0.17 17.63
CA TRP H 55 -24.10 -0.93 18.58
C TRP H 55 -25.38 -1.72 18.83
N ASN H 56 -26.49 -0.98 18.91
CA ASN H 56 -27.71 -1.51 19.51
C ASN H 56 -28.82 -1.91 18.54
N MET H 57 -28.54 -1.88 17.24
CA MET H 57 -29.58 -2.13 16.23
C MET H 57 -29.67 -3.61 15.80
N ARG H 58 -30.89 -4.10 15.57
CA ARG H 58 -31.09 -5.46 15.07
C ARG H 58 -32.21 -5.55 14.02
N GLY H 59 -32.31 -6.70 13.36
CA GLY H 59 -33.32 -6.94 12.35
C GLY H 59 -32.80 -6.90 10.92
N ALA H 60 -33.71 -6.67 9.97
CA ALA H 60 -33.37 -6.73 8.55
C ALA H 60 -32.47 -5.58 8.11
N ASN H 61 -31.46 -5.92 7.30
CA ASN H 61 -30.47 -4.98 6.78
C ASN H 61 -29.44 -4.51 7.82
N PHE H 62 -29.17 -5.36 8.82
CA PHE H 62 -28.21 -5.06 9.89
C PHE H 62 -26.77 -4.78 9.46
N VAL H 63 -26.06 -5.78 8.96
CA VAL H 63 -24.63 -5.60 8.77
C VAL H 63 -24.30 -4.44 7.82
N ALA H 64 -25.09 -4.29 6.76
CA ALA H 64 -24.92 -3.15 5.86
C ALA H 64 -25.08 -1.78 6.56
N VAL H 65 -26.18 -1.59 7.27
CA VAL H 65 -26.39 -0.34 8.02
C VAL H 65 -25.38 -0.20 9.15
N HIS H 66 -25.16 -1.30 9.87
CA HIS H 66 -24.19 -1.33 10.95
C HIS H 66 -22.81 -0.89 10.49
N GLU H 67 -22.42 -1.29 9.29
CA GLU H 67 -21.13 -0.86 8.84
C GLU H 67 -21.22 0.52 8.17
N MET H 68 -22.39 0.87 7.67
CA MET H 68 -22.59 2.19 7.07
C MET H 68 -22.32 3.28 8.11
N LEU H 69 -22.70 3.00 9.36
CA LEU H 69 -22.54 3.98 10.42
C LEU H 69 -21.07 4.14 10.91
N ASP H 70 -20.25 3.09 10.85
CA ASP H 70 -18.82 3.30 11.12
C ASP H 70 -18.13 4.24 10.10
N GLY H 71 -18.70 4.33 8.91
CA GLY H 71 -18.16 5.25 7.93
C GLY H 71 -18.53 6.69 8.23
N PHE H 72 -19.76 6.94 8.64
CA PHE H 72 -20.18 8.30 8.93
C PHE H 72 -19.42 8.83 10.14
N ARG H 73 -19.31 7.99 11.16
CA ARG H 73 -18.55 8.34 12.36
C ARG H 73 -17.19 8.96 12.02
N THR H 74 -16.44 8.32 11.13
CA THR H 74 -15.09 8.80 10.84
C THR H 74 -15.13 10.18 10.22
N ALA H 75 -16.08 10.38 9.30
CA ALA H 75 -16.18 11.65 8.61
C ALA H 75 -16.66 12.78 9.53
N LEU H 76 -17.61 12.49 10.42
CA LEU H 76 -18.03 13.45 11.41
C LEU H 76 -16.84 13.85 12.27
N THR H 77 -16.18 12.85 12.86
CA THR H 77 -14.98 13.06 13.66
C THR H 77 -14.05 14.02 12.96
N ASP H 78 -13.94 13.84 11.64
CA ASP H 78 -12.94 14.55 10.85
C ASP H 78 -13.36 15.99 10.63
N HIS H 79 -14.64 16.19 10.36
CA HIS H 79 -15.15 17.52 10.12
C HIS H 79 -15.12 18.29 11.43
N LEU H 80 -15.58 17.64 12.48
CA LEU H 80 -15.70 18.28 13.77
C LEU H 80 -14.32 18.75 14.19
N ASP H 81 -13.34 17.87 14.03
CA ASP H 81 -11.94 18.20 14.32
C ASP H 81 -11.50 19.42 13.50
N THR H 82 -11.97 19.49 12.25
CA THR H 82 -11.71 20.67 11.43
C THR H 82 -12.40 21.93 11.99
N PHE H 83 -13.62 21.77 12.52
CA PHE H 83 -14.37 22.91 13.09
C PHE H 83 -13.75 23.42 14.38
N ALA H 84 -13.30 22.50 15.23
CA ALA H 84 -12.62 22.86 16.46
C ALA H 84 -11.32 23.63 16.19
N GLU H 85 -10.48 23.07 15.33
CA GLU H 85 -9.19 23.68 15.07
C GLU H 85 -9.27 25.11 14.48
N ARG H 86 -10.29 25.40 13.67
CA ARG H 86 -10.51 26.78 13.22
C ARG H 86 -10.73 27.73 14.40
N ALA H 87 -11.72 27.42 15.24
CA ALA H 87 -11.98 28.21 16.44
C ALA H 87 -10.68 28.62 17.13
N VAL H 88 -9.82 27.64 17.35
CA VAL H 88 -8.59 27.85 18.10
C VAL H 88 -7.62 28.76 17.33
N GLN H 89 -7.63 28.67 16.00
CA GLN H 89 -6.89 29.62 15.16
C GLN H 89 -7.44 31.04 15.28
N LEU H 90 -8.76 31.20 15.33
CA LEU H 90 -9.31 32.53 15.49
C LEU H 90 -9.04 33.06 16.90
N GLY H 91 -8.46 32.21 17.74
CA GLY H 91 -8.04 32.62 19.06
C GLY H 91 -9.05 32.34 20.16
N GLY H 92 -9.93 31.37 19.89
CA GLY H 92 -10.92 30.96 20.88
C GLY H 92 -10.52 29.71 21.63
N VAL H 93 -11.47 29.15 22.37
CA VAL H 93 -11.30 27.85 22.99
C VAL H 93 -12.39 26.91 22.45
N ALA H 94 -11.96 25.79 21.85
CA ALA H 94 -12.92 24.80 21.39
C ALA H 94 -13.44 24.02 22.58
N LEU H 95 -14.75 23.84 22.63
CA LEU H 95 -15.37 23.16 23.75
C LEU H 95 -16.05 21.88 23.28
N GLY H 96 -15.57 20.74 23.76
CA GLY H 96 -16.19 19.47 23.40
C GLY H 96 -16.15 18.41 24.49
N THR H 97 -16.27 18.84 25.74
CA THR H 97 -16.34 17.89 26.86
C THR H 97 -17.77 17.40 27.12
N ALA H 98 -17.87 16.21 27.70
CA ALA H 98 -19.16 15.59 28.00
C ALA H 98 -20.18 16.57 28.59
N GLN H 99 -19.70 17.45 29.47
CA GLN H 99 -20.59 18.36 30.19
C GLN H 99 -21.13 19.43 29.25
N VAL H 100 -20.24 20.02 28.45
CA VAL H 100 -20.65 21.06 27.52
C VAL H 100 -21.67 20.51 26.53
N ILE H 101 -21.38 19.34 26.00
CA ILE H 101 -22.25 18.69 25.03
C ILE H 101 -23.63 18.49 25.65
N ASN H 102 -23.64 17.88 26.83
CA ASN H 102 -24.89 17.52 27.49
C ASN H 102 -25.90 18.66 27.55
N ASP H 103 -25.49 19.82 28.08
CA ASP H 103 -26.42 20.95 28.18
C ASP H 103 -26.21 22.01 27.10
N LYS H 104 -25.63 21.58 25.98
CA LYS H 104 -25.51 22.45 24.82
C LYS H 104 -26.12 21.87 23.55
N THR H 105 -26.18 20.54 23.46
CA THR H 105 -26.74 19.91 22.26
C THR H 105 -28.17 20.33 22.03
N PRO H 106 -28.47 20.77 20.80
CA PRO H 106 -29.85 21.04 20.41
C PRO H 106 -30.52 19.71 20.16
N LEU H 107 -29.79 18.62 20.37
CA LEU H 107 -30.27 17.29 19.99
C LEU H 107 -31.01 16.54 21.11
N LYS H 108 -32.21 16.10 20.79
CA LYS H 108 -33.04 15.35 21.71
C LYS H 108 -32.34 14.06 22.08
N SER H 109 -32.17 13.82 23.37
CA SER H 109 -31.62 12.57 23.88
C SER H 109 -32.05 11.40 23.02
N TYR H 110 -31.09 10.65 22.50
CA TYR H 110 -31.40 9.47 21.70
C TYR H 110 -32.01 8.34 22.53
N PRO H 111 -33.05 7.70 21.97
CA PRO H 111 -33.78 6.59 22.61
C PRO H 111 -32.88 5.40 22.87
N THR H 112 -32.86 4.92 24.11
CA THR H 112 -32.07 3.74 24.42
C THR H 112 -32.96 2.50 24.63
N ASN H 113 -34.24 2.66 24.29
CA ASN H 113 -35.24 1.61 24.48
C ASN H 113 -35.63 0.92 23.17
N ILE H 114 -34.88 1.17 22.10
CA ILE H 114 -35.29 0.71 20.78
C ILE H 114 -34.29 -0.27 20.13
N HIS H 115 -34.78 -1.26 19.38
CA HIS H 115 -33.89 -2.29 18.90
C HIS H 115 -33.85 -2.59 17.40
N SER H 116 -34.75 -2.03 16.61
CA SER H 116 -34.84 -2.41 15.20
C SER H 116 -34.14 -1.42 14.28
N VAL H 117 -33.49 -1.95 13.24
CA VAL H 117 -32.77 -1.11 12.30
C VAL H 117 -33.64 0.03 11.81
N GLN H 118 -34.93 -0.24 11.64
CA GLN H 118 -35.86 0.76 11.13
C GLN H 118 -36.05 1.93 12.09
N GLU H 119 -36.26 1.63 13.38
CA GLU H 119 -36.46 2.67 14.36
C GLU H 119 -35.16 3.44 14.58
N HIS H 120 -34.04 2.72 14.48
CA HIS H 120 -32.76 3.37 14.64
C HIS H 120 -32.56 4.32 13.45
N LEU H 121 -32.97 3.88 12.27
CA LEU H 121 -32.97 4.74 11.10
C LEU H 121 -33.78 6.01 11.32
N LYS H 122 -35.03 5.87 11.78
CA LYS H 122 -35.88 7.05 12.00
C LYS H 122 -35.22 8.01 12.98
N ALA H 123 -34.83 7.47 14.14
CA ALA H 123 -34.17 8.27 15.16
C ALA H 123 -32.96 8.99 14.58
N LEU H 124 -32.08 8.24 13.93
CA LEU H 124 -30.92 8.83 13.28
C LEU H 124 -31.31 9.96 12.35
N ALA H 125 -32.38 9.74 11.58
CA ALA H 125 -32.79 10.70 10.55
C ALA H 125 -33.31 11.99 11.14
N GLU H 126 -34.07 11.89 12.24
CA GLU H 126 -34.55 13.10 12.90
C GLU H 126 -33.38 13.99 13.30
N ARG H 127 -32.35 13.38 13.88
CA ARG H 127 -31.25 14.16 14.42
C ARG H 127 -30.24 14.59 13.35
N TYR H 128 -29.97 13.72 12.38
CA TYR H 128 -29.11 14.07 11.24
C TYR H 128 -29.74 15.22 10.47
N ALA H 129 -31.06 15.21 10.36
CA ALA H 129 -31.78 16.28 9.65
C ALA H 129 -31.56 17.63 10.33
N ILE H 130 -31.61 17.65 11.66
CA ILE H 130 -31.42 18.88 12.43
C ILE H 130 -30.03 19.48 12.26
N VAL H 131 -29.02 18.67 12.55
CA VAL H 131 -27.64 19.05 12.29
C VAL H 131 -27.46 19.41 10.82
N ALA H 132 -28.01 18.57 9.93
CA ALA H 132 -27.96 18.82 8.49
C ALA H 132 -28.45 20.21 8.08
N ASN H 133 -29.51 20.69 8.72
CA ASN H 133 -30.05 21.97 8.32
C ASN H 133 -29.43 23.17 9.02
N ASP H 134 -28.86 22.95 10.21
CA ASP H 134 -28.25 24.02 10.97
C ASP H 134 -26.93 24.41 10.31
N ILE H 135 -26.21 23.42 9.81
CA ILE H 135 -24.91 23.72 9.21
C ILE H 135 -25.06 24.31 7.82
N ARG H 136 -26.15 23.97 7.13
CA ARG H 136 -26.38 24.56 5.82
C ARG H 136 -26.63 26.05 5.98
N LYS H 137 -27.49 26.41 6.93
CA LYS H 137 -27.73 27.82 7.21
C LYS H 137 -26.40 28.45 7.57
N ALA H 138 -25.70 27.81 8.50
CA ALA H 138 -24.45 28.34 9.05
C ALA H 138 -23.53 28.91 7.98
N ILE H 139 -23.67 28.41 6.76
CA ILE H 139 -22.70 28.72 5.72
C ILE H 139 -22.75 30.17 5.26
N THR H 140 -23.94 30.70 5.09
CA THR H 140 -24.10 32.08 4.64
C THR H 140 -24.15 33.07 5.79
N GLU H 141 -24.30 32.54 7.00
CA GLU H 141 -24.38 33.39 8.18
C GLU H 141 -22.99 33.80 8.66
N VAL H 142 -21.99 32.98 8.40
CA VAL H 142 -20.67 33.21 8.96
C VAL H 142 -19.88 34.14 8.03
N GLU H 143 -19.08 35.03 8.61
CA GLU H 143 -18.32 36.01 7.83
C GLU H 143 -16.83 35.66 7.70
N ASP H 144 -16.47 34.44 8.07
CA ASP H 144 -15.12 33.95 7.80
C ASP H 144 -15.23 33.05 6.60
N GLU H 145 -14.51 33.40 5.53
CA GLU H 145 -14.61 32.64 4.31
C GLU H 145 -14.07 31.23 4.54
N ASN H 146 -13.03 31.14 5.37
CA ASN H 146 -12.43 29.86 5.73
C ASN H 146 -13.42 28.89 6.39
N SER H 147 -14.35 29.42 7.19
CA SER H 147 -15.33 28.60 7.89
C SER H 147 -16.47 28.14 6.99
N ALA H 148 -16.93 29.01 6.09
CA ALA H 148 -17.98 28.63 5.17
C ALA H 148 -17.52 27.51 4.23
N ASP H 149 -16.22 27.45 3.94
CA ASP H 149 -15.65 26.34 3.16
C ASP H 149 -15.70 25.05 3.96
N MET H 150 -15.29 25.11 5.22
CA MET H 150 -15.40 23.99 6.16
C MET H 150 -16.83 23.46 6.26
N PHE H 151 -17.77 24.38 6.50
CA PHE H 151 -19.18 24.03 6.65
C PHE H 151 -19.79 23.40 5.40
N THR H 152 -19.33 23.84 4.23
CA THR H 152 -19.88 23.31 2.98
C THR H 152 -19.40 21.91 2.77
N ALA H 153 -18.13 21.69 3.07
CA ALA H 153 -17.57 20.35 3.00
C ALA H 153 -18.41 19.46 3.89
N ALA H 154 -18.59 19.88 5.14
CA ALA H 154 -19.38 19.14 6.10
C ALA H 154 -20.81 19.00 5.61
N SER H 155 -21.43 20.13 5.22
CA SER H 155 -22.84 20.10 4.82
C SER H 155 -23.02 19.09 3.69
N ARG H 156 -22.01 18.98 2.85
CA ARG H 156 -22.11 18.05 1.74
C ARG H 156 -22.16 16.58 2.23
N ASP H 157 -21.24 16.19 3.12
CA ASP H 157 -21.28 14.84 3.73
C ASP H 157 -22.55 14.61 4.52
N LEU H 158 -23.01 15.64 5.22
CA LEU H 158 -24.19 15.51 6.04
C LEU H 158 -25.42 15.28 5.17
N ASP H 159 -25.48 16.01 4.06
CA ASP H 159 -26.60 15.88 3.15
C ASP H 159 -26.59 14.51 2.45
N LYS H 160 -25.40 14.00 2.14
CA LYS H 160 -25.26 12.64 1.61
C LYS H 160 -25.66 11.62 2.70
N PHE H 161 -25.12 11.77 3.90
CA PHE H 161 -25.49 10.88 5.00
C PHE H 161 -27.00 10.84 5.30
N LEU H 162 -27.68 11.99 5.26
CA LEU H 162 -29.11 11.97 5.56
C LEU H 162 -29.85 11.18 4.49
N TRP H 163 -29.45 11.42 3.25
CA TRP H 163 -30.06 10.74 2.12
C TRP H 163 -29.80 9.23 2.23
N PHE H 164 -28.56 8.83 2.50
CA PHE H 164 -28.28 7.41 2.76
C PHE H 164 -29.20 6.77 3.82
N ILE H 165 -29.42 7.46 4.94
CA ILE H 165 -30.26 6.92 6.03
C ILE H 165 -31.74 6.87 5.66
N GLU H 166 -32.26 7.98 5.15
CA GLU H 166 -33.63 8.00 4.60
C GLU H 166 -33.85 6.89 3.55
N SER H 167 -32.81 6.54 2.81
CA SER H 167 -32.93 5.56 1.73
C SER H 167 -33.05 4.10 2.19
N ASN H 168 -32.49 3.78 3.37
CA ASN H 168 -32.58 2.41 3.90
C ASN H 168 -33.83 2.17 4.76
N ILE H 169 -34.64 3.21 4.91
CA ILE H 169 -35.90 3.14 5.62
C ILE H 169 -36.97 2.61 4.69
N GLU H 170 -37.44 1.38 4.93
CA GLU H 170 -38.54 0.84 4.13
C GLU H 170 -39.57 1.92 3.77
N GLU I 16 -36.02 -29.31 -12.06
CA GLU I 16 -35.46 -29.42 -10.71
C GLU I 16 -34.41 -28.34 -10.44
N LEU I 17 -34.34 -27.35 -11.32
CA LEU I 17 -33.43 -26.22 -11.17
C LEU I 17 -34.11 -24.99 -10.55
N LEU I 18 -33.35 -23.91 -10.40
CA LEU I 18 -33.88 -22.65 -9.86
C LEU I 18 -34.05 -21.62 -10.95
N TYR I 19 -35.20 -20.96 -10.97
CA TYR I 19 -35.43 -19.95 -11.99
C TYR I 19 -34.25 -19.01 -12.11
N THR I 20 -33.88 -18.74 -13.36
CA THR I 20 -32.82 -17.81 -13.68
C THR I 20 -33.04 -17.33 -15.11
N ARG I 21 -32.87 -16.03 -15.33
CA ARG I 21 -32.92 -15.45 -16.65
C ARG I 21 -31.69 -15.86 -17.48
N ASN I 22 -30.74 -16.51 -16.83
CA ASN I 22 -29.56 -17.00 -17.50
C ASN I 22 -29.95 -18.15 -18.43
N ASP I 23 -30.13 -17.84 -19.70
CA ASP I 23 -30.54 -18.88 -20.62
C ASP I 23 -29.31 -19.70 -20.97
N VAL I 24 -29.39 -21.00 -20.73
CA VAL I 24 -28.33 -21.90 -21.09
C VAL I 24 -29.06 -23.21 -21.18
N GLU I 25 -29.04 -23.82 -22.35
CA GLU I 25 -29.77 -25.07 -22.57
C GLU I 25 -29.83 -25.85 -21.24
N GLU I 26 -31.04 -26.01 -20.71
CA GLU I 26 -31.26 -26.58 -19.39
C GLU I 26 -30.51 -27.90 -19.12
N HIS I 27 -30.33 -28.71 -20.17
CA HIS I 27 -29.67 -29.99 -20.05
C HIS I 27 -28.14 -29.83 -19.91
N VAL I 28 -27.58 -28.90 -20.66
CA VAL I 28 -26.21 -28.44 -20.43
C VAL I 28 -26.11 -27.98 -18.97
N LYS I 29 -27.07 -27.18 -18.53
CA LYS I 29 -27.15 -26.77 -17.13
C LYS I 29 -26.92 -27.94 -16.19
N VAL I 30 -27.76 -28.97 -16.29
CA VAL I 30 -27.73 -30.09 -15.37
C VAL I 30 -26.42 -30.84 -15.41
N ALA I 31 -25.97 -31.15 -16.63
CA ALA I 31 -24.71 -31.87 -16.78
C ALA I 31 -23.64 -31.06 -16.07
N THR I 32 -23.55 -29.81 -16.47
CA THR I 32 -22.53 -28.89 -16.00
C THR I 32 -22.50 -28.75 -14.49
N ILE I 33 -23.66 -28.60 -13.87
CA ILE I 33 -23.72 -28.43 -12.43
C ILE I 33 -23.02 -29.61 -11.77
N LYS I 34 -23.28 -30.81 -12.30
CA LYS I 34 -22.70 -32.04 -11.74
C LYS I 34 -21.18 -32.06 -11.80
N ARG I 35 -20.63 -31.76 -12.96
CA ARG I 35 -19.17 -31.67 -13.10
C ARG I 35 -18.58 -30.62 -12.15
N LEU I 36 -19.16 -29.42 -12.15
CA LEU I 36 -18.75 -28.36 -11.24
C LEU I 36 -18.79 -28.82 -9.79
N ASN I 37 -19.77 -29.66 -9.45
CA ASN I 37 -19.89 -30.11 -8.06
C ASN I 37 -18.85 -31.17 -7.71
N GLN I 38 -18.51 -31.97 -8.72
CA GLN I 38 -17.46 -32.95 -8.58
C GLN I 38 -16.09 -32.27 -8.40
N MET I 39 -15.91 -31.12 -9.06
CA MET I 39 -14.67 -30.37 -8.91
C MET I 39 -14.66 -29.58 -7.61
N VAL I 40 -15.82 -29.06 -7.22
CA VAL I 40 -15.98 -28.44 -5.91
C VAL I 40 -15.58 -29.42 -4.82
N ILE I 41 -16.16 -30.62 -4.88
CA ILE I 41 -15.84 -31.64 -3.90
C ILE I 41 -14.35 -31.89 -3.84
N GLN I 42 -13.77 -32.21 -4.99
CA GLN I 42 -12.35 -32.53 -5.08
C GLN I 42 -11.41 -31.40 -4.60
N PHE I 43 -11.68 -30.16 -5.00
CA PHE I 43 -10.84 -29.03 -4.60
C PHE I 43 -10.89 -28.79 -3.08
N ILE I 44 -12.06 -29.04 -2.50
CA ILE I 44 -12.21 -28.94 -1.06
C ILE I 44 -11.34 -29.97 -0.36
N ASP I 45 -11.40 -31.20 -0.85
CA ASP I 45 -10.66 -32.26 -0.20
C ASP I 45 -9.19 -31.89 -0.27
N LEU I 46 -8.76 -31.44 -1.45
CA LEU I 46 -7.36 -31.09 -1.67
C LEU I 46 -6.90 -29.96 -0.74
N SER I 47 -7.75 -28.95 -0.55
CA SER I 47 -7.45 -27.88 0.39
C SER I 47 -7.24 -28.40 1.81
N LEU I 48 -8.11 -29.31 2.26
CA LEU I 48 -7.98 -29.90 3.61
C LEU I 48 -6.73 -30.74 3.72
N ILE I 49 -6.48 -31.56 2.71
CA ILE I 49 -5.30 -32.37 2.62
C ILE I 49 -4.07 -31.47 2.78
N THR I 50 -4.07 -30.36 2.05
CA THR I 50 -2.95 -29.44 2.02
C THR I 50 -2.64 -28.89 3.40
N LYS I 51 -3.64 -28.39 4.09
CA LYS I 51 -3.36 -27.96 5.47
C LYS I 51 -2.77 -29.12 6.27
N GLN I 52 -3.44 -30.27 6.21
CA GLN I 52 -3.00 -31.47 6.90
C GLN I 52 -1.49 -31.69 6.84
N ALA I 53 -0.92 -31.69 5.64
CA ALA I 53 0.50 -31.91 5.48
C ALA I 53 1.31 -30.72 6.03
N HIS I 54 0.86 -29.52 5.67
CA HIS I 54 1.42 -28.27 6.17
C HIS I 54 1.68 -28.33 7.67
N TRP I 55 0.69 -28.77 8.42
CA TRP I 55 0.80 -28.81 9.87
C TRP I 55 1.81 -29.84 10.36
N ASN I 56 1.67 -31.06 9.85
CA ASN I 56 2.29 -32.22 10.46
C ASN I 56 3.63 -32.60 9.84
N MET I 57 4.22 -31.63 9.15
CA MET I 57 5.44 -31.81 8.36
C MET I 57 6.70 -31.55 9.19
N ARG I 58 7.81 -32.14 8.80
CA ARG I 58 9.00 -32.12 9.65
C ARG I 58 10.13 -32.89 8.97
N GLY I 59 11.34 -32.37 9.08
CA GLY I 59 12.49 -32.91 8.34
C GLY I 59 13.13 -31.84 7.47
N ALA I 60 13.96 -32.25 6.54
CA ALA I 60 14.71 -31.29 5.75
C ALA I 60 13.77 -30.54 4.82
N ASN I 61 14.17 -29.32 4.48
CA ASN I 61 13.35 -28.44 3.67
C ASN I 61 11.96 -28.16 4.26
N PHE I 62 11.86 -28.06 5.59
CA PHE I 62 10.57 -27.84 6.23
C PHE I 62 9.94 -26.48 5.91
N VAL I 63 10.57 -25.41 6.38
CA VAL I 63 9.90 -24.12 6.43
C VAL I 63 9.43 -23.62 5.06
N ALA I 64 10.18 -23.91 4.01
CA ALA I 64 9.76 -23.43 2.70
C ALA I 64 8.60 -24.24 2.16
N VAL I 65 8.61 -25.54 2.42
CA VAL I 65 7.56 -26.37 1.85
C VAL I 65 6.30 -25.97 2.57
N HIS I 66 6.40 -25.94 3.88
CA HIS I 66 5.34 -25.46 4.74
C HIS I 66 4.77 -24.09 4.26
N GLU I 67 5.65 -23.16 3.96
CA GLU I 67 5.16 -21.89 3.48
C GLU I 67 4.55 -22.02 2.08
N MET I 68 5.20 -22.83 1.24
CA MET I 68 4.74 -23.07 -0.11
C MET I 68 3.28 -23.53 -0.08
N LEU I 69 2.96 -24.39 0.89
CA LEU I 69 1.66 -25.05 0.97
C LEU I 69 0.53 -24.09 1.29
N ASP I 70 0.83 -23.07 2.09
CA ASP I 70 -0.17 -22.04 2.35
C ASP I 70 -0.58 -21.39 1.03
N GLY I 71 0.42 -21.03 0.22
CA GLY I 71 0.18 -20.50 -1.10
C GLY I 71 -0.81 -21.35 -1.88
N PHE I 72 -0.58 -22.65 -1.94
CA PHE I 72 -1.46 -23.54 -2.67
C PHE I 72 -2.89 -23.38 -2.19
N ARG I 73 -3.06 -23.36 -0.87
CA ARG I 73 -4.39 -23.36 -0.29
C ARG I 73 -5.21 -22.14 -0.76
N THR I 74 -4.67 -20.94 -0.61
CA THR I 74 -5.45 -19.81 -1.05
C THR I 74 -5.92 -19.92 -2.54
N ALA I 75 -5.07 -20.44 -3.42
CA ALA I 75 -5.49 -20.65 -4.82
C ALA I 75 -6.62 -21.68 -4.92
N LEU I 76 -6.44 -22.80 -4.21
CA LEU I 76 -7.42 -23.87 -4.22
C LEU I 76 -8.81 -23.36 -3.89
N THR I 77 -8.91 -22.57 -2.84
CA THR I 77 -10.19 -22.21 -2.32
C THR I 77 -10.76 -21.09 -3.17
N ASP I 78 -9.86 -20.34 -3.81
CA ASP I 78 -10.30 -19.37 -4.81
C ASP I 78 -10.92 -20.04 -6.04
N HIS I 79 -10.24 -21.01 -6.63
CA HIS I 79 -10.82 -21.75 -7.74
C HIS I 79 -12.10 -22.41 -7.30
N LEU I 80 -12.00 -23.10 -6.18
CA LEU I 80 -13.15 -23.64 -5.49
C LEU I 80 -14.37 -22.72 -5.59
N ASP I 81 -14.26 -21.52 -5.03
CA ASP I 81 -15.38 -20.60 -4.97
C ASP I 81 -16.03 -20.32 -6.32
N THR I 82 -15.21 -20.23 -7.36
CA THR I 82 -15.76 -19.91 -8.66
C THR I 82 -16.59 -21.09 -9.18
N PHE I 83 -16.08 -22.30 -9.00
CA PHE I 83 -16.82 -23.50 -9.37
C PHE I 83 -18.24 -23.47 -8.74
N ALA I 84 -18.29 -23.24 -7.44
CA ALA I 84 -19.55 -23.22 -6.71
C ALA I 84 -20.48 -22.12 -7.19
N GLU I 85 -20.01 -20.88 -7.20
CA GLU I 85 -20.82 -19.76 -7.69
C GLU I 85 -21.36 -19.98 -9.13
N ARG I 86 -20.66 -20.79 -9.92
CA ARG I 86 -21.11 -21.07 -11.27
C ARG I 86 -22.20 -22.12 -11.29
N ALA I 87 -22.01 -23.19 -10.53
CA ALA I 87 -23.06 -24.18 -10.32
C ALA I 87 -24.40 -23.50 -9.97
N VAL I 88 -24.33 -22.60 -9.00
CA VAL I 88 -25.50 -21.87 -8.52
C VAL I 88 -26.09 -21.00 -9.61
N GLN I 89 -25.21 -20.36 -10.39
CA GLN I 89 -25.62 -19.47 -11.47
C GLN I 89 -26.49 -20.17 -12.51
N LEU I 90 -26.22 -21.45 -12.74
CA LEU I 90 -26.96 -22.22 -13.73
C LEU I 90 -28.27 -22.83 -13.21
N GLY I 91 -28.70 -22.40 -12.03
CA GLY I 91 -29.87 -22.97 -11.38
C GLY I 91 -29.64 -24.04 -10.31
N GLY I 92 -28.39 -24.29 -9.94
CA GLY I 92 -28.10 -25.43 -9.10
C GLY I 92 -27.67 -25.14 -7.67
N VAL I 93 -27.36 -26.19 -6.93
CA VAL I 93 -26.95 -26.05 -5.55
C VAL I 93 -25.50 -26.51 -5.38
N ALA I 94 -24.65 -25.61 -4.87
CA ALA I 94 -23.26 -25.96 -4.62
C ALA I 94 -23.10 -26.82 -3.36
N LEU I 95 -22.37 -27.92 -3.50
CA LEU I 95 -22.24 -28.89 -2.42
C LEU I 95 -20.82 -28.93 -1.80
N GLY I 96 -20.65 -28.29 -0.64
CA GLY I 96 -19.32 -28.22 -0.02
C GLY I 96 -19.24 -28.73 1.41
N THR I 97 -20.30 -29.38 1.85
CA THR I 97 -20.42 -29.92 3.20
C THR I 97 -19.41 -31.04 3.59
N ALA I 98 -19.07 -31.14 4.87
CA ALA I 98 -18.12 -32.17 5.32
C ALA I 98 -18.60 -33.60 4.99
N GLN I 99 -19.91 -33.83 5.09
CA GLN I 99 -20.49 -35.12 4.75
C GLN I 99 -20.30 -35.47 3.27
N VAL I 100 -20.65 -34.53 2.40
CA VAL I 100 -20.51 -34.75 0.97
C VAL I 100 -19.06 -34.91 0.51
N ILE I 101 -18.11 -34.28 1.20
CA ILE I 101 -16.73 -34.52 0.85
C ILE I 101 -16.35 -35.94 1.22
N ASN I 102 -16.80 -36.35 2.39
CA ASN I 102 -16.53 -37.68 2.90
C ASN I 102 -17.14 -38.76 2.01
N ASP I 103 -18.39 -38.54 1.63
CA ASP I 103 -19.16 -39.50 0.84
C ASP I 103 -18.84 -39.54 -0.65
N LYS I 104 -18.47 -38.40 -1.24
CA LYS I 104 -18.32 -38.34 -2.70
C LYS I 104 -16.89 -38.09 -3.25
N THR I 105 -15.90 -38.00 -2.37
CA THR I 105 -14.51 -37.81 -2.83
C THR I 105 -13.87 -39.07 -3.45
N PRO I 106 -13.17 -38.90 -4.59
CA PRO I 106 -12.53 -40.07 -5.21
C PRO I 106 -11.17 -40.29 -4.58
N LEU I 107 -10.78 -39.35 -3.73
CA LEU I 107 -9.46 -39.33 -3.11
C LEU I 107 -9.34 -40.18 -1.86
N LYS I 108 -8.29 -41.01 -1.80
CA LYS I 108 -7.98 -41.78 -0.60
C LYS I 108 -7.65 -40.84 0.56
N SER I 109 -8.21 -41.12 1.74
CA SER I 109 -7.92 -40.31 2.92
C SER I 109 -6.41 -40.19 3.18
N TYR I 110 -5.98 -38.95 3.39
CA TYR I 110 -4.58 -38.64 3.65
C TYR I 110 -4.13 -39.35 4.93
N PRO I 111 -2.90 -39.89 4.91
CA PRO I 111 -2.37 -40.60 6.08
C PRO I 111 -2.10 -39.69 7.28
N THR I 112 -1.89 -40.29 8.45
CA THR I 112 -1.68 -39.53 9.67
C THR I 112 -0.36 -39.87 10.33
N ASN I 113 0.15 -41.05 9.99
CA ASN I 113 1.35 -41.60 10.59
C ASN I 113 2.63 -41.00 10.01
N ILE I 114 2.52 -40.30 8.89
CA ILE I 114 3.71 -39.73 8.25
C ILE I 114 4.06 -38.38 8.87
N HIS I 115 5.35 -38.04 8.81
CA HIS I 115 5.85 -36.83 9.45
C HIS I 115 7.00 -36.18 8.68
N SER I 116 7.70 -36.96 7.86
CA SER I 116 8.80 -36.39 7.11
C SER I 116 8.26 -35.57 5.95
N VAL I 117 8.88 -34.43 5.68
CA VAL I 117 8.49 -33.66 4.52
C VAL I 117 8.42 -34.55 3.27
N GLN I 118 9.44 -35.37 3.08
CA GLN I 118 9.46 -36.27 1.93
C GLN I 118 8.23 -37.21 1.87
N GLU I 119 7.87 -37.83 2.98
CA GLU I 119 6.67 -38.66 3.02
C GLU I 119 5.44 -37.87 2.60
N HIS I 120 5.36 -36.63 3.09
CA HIS I 120 4.18 -35.77 2.89
C HIS I 120 4.10 -35.22 1.48
N LEU I 121 5.26 -34.88 0.90
CA LEU I 121 5.24 -34.49 -0.49
C LEU I 121 4.64 -35.59 -1.37
N LYS I 122 5.01 -36.83 -1.11
CA LYS I 122 4.54 -37.96 -1.92
C LYS I 122 3.05 -38.25 -1.71
N ALA I 123 2.58 -38.17 -0.47
CA ALA I 123 1.16 -38.29 -0.26
C ALA I 123 0.45 -37.17 -1.01
N LEU I 124 1.01 -35.97 -0.95
CA LEU I 124 0.42 -34.83 -1.66
C LEU I 124 0.46 -35.00 -3.17
N ALA I 125 1.51 -35.62 -3.66
CA ALA I 125 1.66 -35.69 -5.09
C ALA I 125 0.68 -36.68 -5.72
N GLU I 126 0.48 -37.83 -5.07
CA GLU I 126 -0.37 -38.84 -5.68
C GLU I 126 -1.82 -38.38 -5.72
N ARG I 127 -2.18 -37.55 -4.74
CA ARG I 127 -3.51 -37.01 -4.66
C ARG I 127 -3.69 -35.83 -5.59
N TYR I 128 -2.77 -34.87 -5.50
CA TYR I 128 -2.80 -33.74 -6.42
C TYR I 128 -2.96 -34.21 -7.86
N ALA I 129 -2.22 -35.25 -8.23
CA ALA I 129 -2.28 -35.78 -9.58
C ALA I 129 -3.68 -36.31 -9.97
N ILE I 130 -4.32 -37.07 -9.10
CA ILE I 130 -5.68 -37.51 -9.40
C ILE I 130 -6.49 -36.29 -9.85
N VAL I 131 -6.54 -35.29 -8.98
CA VAL I 131 -7.33 -34.09 -9.25
C VAL I 131 -6.79 -33.35 -10.49
N ALA I 132 -5.47 -33.18 -10.56
CA ALA I 132 -4.86 -32.47 -11.68
C ALA I 132 -5.23 -33.07 -13.02
N ASN I 133 -4.98 -34.36 -13.16
CA ASN I 133 -5.20 -35.04 -14.43
C ASN I 133 -6.70 -35.05 -14.74
N ASP I 134 -7.50 -34.86 -13.69
CA ASP I 134 -8.91 -35.08 -13.85
C ASP I 134 -9.56 -33.88 -14.43
N ILE I 135 -9.29 -32.74 -13.82
CA ILE I 135 -9.86 -31.49 -14.27
C ILE I 135 -9.28 -31.08 -15.61
N ARG I 136 -8.15 -31.68 -16.00
CA ARG I 136 -7.58 -31.34 -17.29
C ARG I 136 -8.49 -31.88 -18.40
N LYS I 137 -8.95 -33.10 -18.19
CA LYS I 137 -9.86 -33.74 -19.12
C LYS I 137 -11.23 -33.08 -19.03
N ALA I 138 -11.65 -32.75 -17.83
CA ALA I 138 -12.92 -32.08 -17.63
C ALA I 138 -13.04 -30.88 -18.57
N ILE I 139 -11.91 -30.25 -18.89
CA ILE I 139 -11.91 -28.99 -19.63
C ILE I 139 -12.67 -29.06 -20.96
N THR I 140 -12.38 -30.08 -21.76
CA THR I 140 -13.01 -30.26 -23.05
C THR I 140 -14.16 -31.24 -22.98
N GLU I 141 -14.48 -31.69 -21.77
CA GLU I 141 -15.61 -32.59 -21.56
C GLU I 141 -16.92 -31.80 -21.33
N VAL I 142 -16.80 -30.56 -20.87
CA VAL I 142 -17.98 -29.81 -20.43
C VAL I 142 -18.51 -28.88 -21.53
N GLU I 143 -19.83 -28.75 -21.62
CA GLU I 143 -20.45 -28.00 -22.70
C GLU I 143 -20.60 -26.51 -22.40
N ASP I 144 -20.41 -26.14 -21.14
CA ASP I 144 -20.55 -24.74 -20.75
C ASP I 144 -19.23 -24.01 -20.91
N GLU I 145 -19.23 -22.98 -21.75
CA GLU I 145 -18.02 -22.23 -22.08
C GLU I 145 -17.28 -21.59 -20.89
N ASN I 146 -18.02 -20.95 -19.99
CA ASN I 146 -17.41 -20.32 -18.82
C ASN I 146 -16.80 -21.33 -17.86
N SER I 147 -17.44 -22.48 -17.75
CA SER I 147 -16.90 -23.58 -16.96
C SER I 147 -15.57 -24.06 -17.56
N ALA I 148 -15.48 -24.08 -18.89
CA ALA I 148 -14.23 -24.45 -19.53
C ALA I 148 -13.09 -23.49 -19.14
N ASP I 149 -13.36 -22.18 -19.18
CA ASP I 149 -12.38 -21.17 -18.82
C ASP I 149 -11.95 -21.32 -17.36
N MET I 150 -12.94 -21.49 -16.48
CA MET I 150 -12.66 -21.76 -15.06
C MET I 150 -11.72 -22.95 -14.92
N PHE I 151 -12.14 -24.10 -15.45
CA PHE I 151 -11.39 -25.34 -15.25
C PHE I 151 -9.99 -25.14 -15.79
N THR I 152 -9.88 -24.39 -16.87
CA THR I 152 -8.61 -24.09 -17.45
C THR I 152 -7.71 -23.29 -16.50
N ALA I 153 -8.22 -22.20 -15.95
CA ALA I 153 -7.40 -21.44 -15.03
C ALA I 153 -6.91 -22.36 -13.91
N ALA I 154 -7.84 -23.10 -13.30
CA ALA I 154 -7.44 -23.94 -12.19
C ALA I 154 -6.48 -25.04 -12.63
N SER I 155 -6.71 -25.57 -13.82
CA SER I 155 -5.86 -26.64 -14.32
C SER I 155 -4.41 -26.19 -14.36
N ARG I 156 -4.19 -24.94 -14.77
CA ARG I 156 -2.85 -24.39 -14.80
C ARG I 156 -2.19 -24.38 -13.43
N ASP I 157 -2.84 -23.70 -12.48
CA ASP I 157 -2.39 -23.69 -11.10
C ASP I 157 -2.14 -25.10 -10.57
N LEU I 158 -3.13 -26.00 -10.76
CA LEU I 158 -3.00 -27.36 -10.27
C LEU I 158 -1.75 -28.03 -10.85
N ASP I 159 -1.52 -27.79 -12.14
CA ASP I 159 -0.38 -28.38 -12.80
C ASP I 159 0.92 -27.76 -12.30
N LYS I 160 0.84 -26.49 -11.92
CA LYS I 160 1.98 -25.84 -11.34
C LYS I 160 2.24 -26.47 -9.97
N PHE I 161 1.22 -26.53 -9.13
CA PHE I 161 1.46 -26.95 -7.76
C PHE I 161 2.02 -28.37 -7.80
N LEU I 162 1.49 -29.18 -8.71
CA LEU I 162 1.95 -30.55 -8.83
C LEU I 162 3.43 -30.55 -9.09
N TRP I 163 3.81 -29.89 -10.18
CA TRP I 163 5.21 -29.73 -10.57
C TRP I 163 6.06 -29.18 -9.41
N PHE I 164 5.48 -28.27 -8.64
CA PHE I 164 6.20 -27.71 -7.51
C PHE I 164 6.41 -28.82 -6.50
N ILE I 165 5.36 -29.58 -6.22
CA ILE I 165 5.44 -30.62 -5.23
C ILE I 165 6.48 -31.61 -5.69
N GLU I 166 6.36 -32.04 -6.93
CA GLU I 166 7.26 -33.08 -7.44
C GLU I 166 8.73 -32.68 -7.44
N SER I 167 9.00 -31.39 -7.64
CA SER I 167 10.37 -30.90 -7.74
C SER I 167 11.10 -30.80 -6.39
N ASN I 168 10.38 -30.97 -5.29
CA ASN I 168 11.01 -31.00 -3.96
C ASN I 168 11.25 -32.45 -3.53
N ILE I 169 10.80 -33.39 -4.34
CA ILE I 169 11.03 -34.79 -4.02
C ILE I 169 12.46 -35.16 -4.39
N GLU I 170 13.18 -35.76 -3.46
CA GLU I 170 14.62 -35.98 -3.64
C GLU I 170 14.86 -37.17 -4.56
N GLU J 16 -0.03 40.84 -23.79
CA GLU J 16 -1.27 40.17 -24.15
C GLU J 16 -1.30 38.78 -23.55
N LEU J 17 -2.31 38.01 -23.93
CA LEU J 17 -2.56 36.69 -23.38
C LEU J 17 -2.36 35.61 -24.43
N LEU J 18 -2.17 34.38 -23.97
CA LEU J 18 -2.21 33.25 -24.88
C LEU J 18 -3.68 32.93 -25.09
N TYR J 19 -4.00 32.47 -26.29
CA TYR J 19 -5.36 32.14 -26.66
C TYR J 19 -5.82 30.83 -26.01
N THR J 20 -7.08 30.80 -25.60
CA THR J 20 -7.68 29.60 -25.08
C THR J 20 -9.17 29.71 -25.33
N ARG J 21 -9.82 28.57 -25.46
CA ARG J 21 -11.27 28.51 -25.63
C ARG J 21 -11.96 28.82 -24.30
N ASN J 22 -11.17 28.94 -23.24
CA ASN J 22 -11.64 29.30 -21.93
C ASN J 22 -12.18 30.74 -21.95
N ASP J 23 -13.46 30.91 -21.65
CA ASP J 23 -14.12 32.21 -21.88
C ASP J 23 -14.25 33.13 -20.65
N VAL J 24 -13.37 32.96 -19.67
CA VAL J 24 -13.31 33.91 -18.58
C VAL J 24 -13.02 35.30 -19.13
N GLU J 25 -13.80 36.28 -18.69
CA GLU J 25 -13.71 37.65 -19.18
C GLU J 25 -12.27 38.15 -19.27
N GLU J 26 -11.99 38.95 -20.31
CA GLU J 26 -10.64 39.44 -20.60
C GLU J 26 -10.03 40.21 -19.42
N HIS J 27 -10.74 41.23 -18.96
CA HIS J 27 -10.26 42.03 -17.84
C HIS J 27 -10.07 41.14 -16.61
N VAL J 28 -11.02 40.24 -16.39
CA VAL J 28 -10.95 39.34 -15.24
C VAL J 28 -9.71 38.44 -15.30
N LYS J 29 -9.33 38.01 -16.51
CA LYS J 29 -8.10 37.24 -16.68
C LYS J 29 -6.85 37.98 -16.19
N VAL J 30 -6.61 39.16 -16.77
CA VAL J 30 -5.46 39.98 -16.41
C VAL J 30 -5.31 40.22 -14.89
N ALA J 31 -6.41 40.57 -14.24
CA ALA J 31 -6.35 40.88 -12.82
C ALA J 31 -6.02 39.63 -11.99
N THR J 32 -6.62 38.51 -12.38
CA THR J 32 -6.46 37.24 -11.68
C THR J 32 -5.05 36.67 -11.82
N ILE J 33 -4.51 36.68 -13.03
CA ILE J 33 -3.14 36.28 -13.26
C ILE J 33 -2.28 37.13 -12.35
N LYS J 34 -2.61 38.42 -12.33
CA LYS J 34 -1.90 39.39 -11.52
C LYS J 34 -1.85 38.93 -10.05
N ARG J 35 -3.01 38.73 -9.44
CA ARG J 35 -3.04 38.28 -8.06
C ARG J 35 -2.36 36.92 -7.95
N LEU J 36 -2.85 35.93 -8.68
CA LEU J 36 -2.27 34.58 -8.70
C LEU J 36 -0.74 34.59 -8.65
N ASN J 37 -0.12 35.27 -9.61
CA ASN J 37 1.33 35.34 -9.62
C ASN J 37 1.88 35.84 -8.29
N GLN J 38 1.39 36.98 -7.80
CA GLN J 38 1.94 37.51 -6.56
C GLN J 38 1.76 36.48 -5.45
N MET J 39 0.62 35.83 -5.44
CA MET J 39 0.42 34.68 -4.54
C MET J 39 1.47 33.57 -4.79
N VAL J 40 1.83 33.35 -6.04
CA VAL J 40 2.80 32.33 -6.36
C VAL J 40 4.14 32.71 -5.75
N ILE J 41 4.55 33.95 -6.01
CA ILE J 41 5.83 34.44 -5.50
C ILE J 41 5.92 34.35 -3.98
N GLN J 42 4.85 34.73 -3.31
CA GLN J 42 4.83 34.63 -1.87
C GLN J 42 5.03 33.19 -1.41
N PHE J 43 4.39 32.25 -2.11
CA PHE J 43 4.49 30.85 -1.72
C PHE J 43 5.85 30.27 -2.00
N ILE J 44 6.46 30.62 -3.12
CA ILE J 44 7.80 30.11 -3.38
C ILE J 44 8.78 30.57 -2.31
N ASP J 45 8.64 31.82 -1.86
CA ASP J 45 9.49 32.35 -0.79
C ASP J 45 9.30 31.59 0.52
N LEU J 46 8.04 31.48 0.93
CA LEU J 46 7.62 30.68 2.07
C LEU J 46 8.16 29.23 2.01
N SER J 47 8.40 28.71 0.81
CA SER J 47 8.93 27.35 0.73
C SER J 47 10.44 27.32 0.87
N LEU J 48 11.11 28.36 0.37
CA LEU J 48 12.56 28.45 0.49
C LEU J 48 12.97 28.65 1.96
N ILE J 49 12.23 29.51 2.66
CA ILE J 49 12.55 29.85 4.04
C ILE J 49 12.15 28.71 4.97
N THR J 50 11.07 28.01 4.64
CA THR J 50 10.70 26.87 5.46
C THR J 50 11.89 25.91 5.51
N LYS J 51 12.48 25.63 4.35
CA LYS J 51 13.69 24.80 4.30
C LYS J 51 14.85 25.44 5.07
N GLN J 52 15.07 26.73 4.83
CA GLN J 52 16.18 27.44 5.45
C GLN J 52 16.10 27.31 6.96
N ALA J 53 14.92 27.58 7.52
CA ALA J 53 14.71 27.42 8.96
C ALA J 53 14.87 25.96 9.36
N HIS J 54 14.42 25.07 8.49
CA HIS J 54 14.44 23.63 8.71
C HIS J 54 15.87 23.10 8.87
N TRP J 55 16.76 23.50 7.98
CA TRP J 55 18.16 23.08 8.07
C TRP J 55 18.89 23.59 9.32
N ASN J 56 18.62 24.84 9.68
CA ASN J 56 19.48 25.57 10.59
C ASN J 56 18.99 25.75 12.03
N MET J 57 17.88 25.10 12.37
CA MET J 57 17.41 25.06 13.74
C MET J 57 18.38 24.30 14.60
N ARG J 58 18.16 24.39 15.91
CA ARG J 58 19.00 23.72 16.87
C ARG J 58 18.44 24.03 18.24
N GLY J 59 18.45 23.05 19.13
CA GLY J 59 17.98 23.28 20.48
C GLY J 59 16.77 22.45 20.83
N ALA J 60 16.01 22.96 21.79
CA ALA J 60 14.86 22.25 22.33
C ALA J 60 13.73 22.17 21.30
N ASN J 61 13.02 21.06 21.32
CA ASN J 61 11.96 20.81 20.36
C ASN J 61 12.46 20.60 18.92
N PHE J 62 13.75 20.39 18.75
CA PHE J 62 14.31 20.28 17.41
C PHE J 62 13.54 19.32 16.50
N VAL J 63 13.69 18.03 16.76
CA VAL J 63 13.26 17.02 15.80
C VAL J 63 11.81 17.17 15.35
N ALA J 64 10.91 17.35 16.31
CA ALA J 64 9.49 17.43 15.97
C ALA J 64 9.20 18.65 15.09
N VAL J 65 9.76 19.79 15.47
CA VAL J 65 9.56 21.02 14.73
C VAL J 65 10.26 20.90 13.38
N HIS J 66 11.32 20.10 13.35
CA HIS J 66 12.08 19.84 12.14
C HIS J 66 11.18 19.08 11.17
N GLU J 67 10.61 17.96 11.61
CA GLU J 67 9.69 17.19 10.78
C GLU J 67 8.50 18.03 10.29
N MET J 68 7.84 18.69 11.24
CA MET J 68 6.68 19.53 10.97
C MET J 68 6.94 20.35 9.71
N LEU J 69 8.04 21.07 9.73
CA LEU J 69 8.38 21.96 8.65
C LEU J 69 8.41 21.22 7.30
N ASP J 70 8.91 20.00 7.28
CA ASP J 70 8.93 19.26 6.03
C ASP J 70 7.51 19.14 5.47
N GLY J 71 6.58 18.82 6.36
CA GLY J 71 5.19 18.75 5.99
C GLY J 71 4.80 20.07 5.38
N PHE J 72 5.05 21.15 6.11
CA PHE J 72 4.70 22.47 5.59
C PHE J 72 5.19 22.69 4.17
N ARG J 73 6.44 22.32 3.89
CA ARG J 73 7.02 22.50 2.57
C ARG J 73 6.12 21.91 1.48
N THR J 74 5.77 20.63 1.63
CA THR J 74 4.99 19.93 0.60
C THR J 74 3.65 20.61 0.26
N ALA J 75 2.86 20.92 1.27
CA ALA J 75 1.57 21.55 1.02
C ALA J 75 1.76 22.90 0.33
N LEU J 76 2.73 23.66 0.79
CA LEU J 76 3.03 24.92 0.14
C LEU J 76 3.22 24.66 -1.36
N THR J 77 4.17 23.79 -1.64
CA THR J 77 4.49 23.38 -2.98
C THR J 77 3.24 23.09 -3.79
N ASP J 78 2.36 22.26 -3.25
CA ASP J 78 1.14 21.88 -3.95
C ASP J 78 0.26 23.10 -4.19
N HIS J 79 0.14 23.96 -3.20
CA HIS J 79 -0.80 25.05 -3.35
C HIS J 79 -0.31 26.00 -4.43
N LEU J 80 0.97 26.32 -4.40
CA LEU J 80 1.49 27.26 -5.37
C LEU J 80 1.37 26.68 -6.78
N ASP J 81 1.69 25.40 -6.91
CA ASP J 81 1.51 24.69 -8.17
C ASP J 81 0.15 25.01 -8.81
N THR J 82 -0.90 24.88 -8.01
CA THR J 82 -2.26 25.11 -8.50
C THR J 82 -2.40 26.53 -8.96
N PHE J 83 -1.83 27.45 -8.19
CA PHE J 83 -1.87 28.87 -8.53
C PHE J 83 -1.33 29.14 -9.92
N ALA J 84 -0.15 28.58 -10.19
CA ALA J 84 0.57 28.79 -11.44
C ALA J 84 -0.18 28.19 -12.58
N GLU J 85 -0.67 26.97 -12.38
CA GLU J 85 -1.39 26.30 -13.44
C GLU J 85 -2.69 27.03 -13.74
N ARG J 86 -3.31 27.63 -12.73
CA ARG J 86 -4.54 28.36 -12.98
C ARG J 86 -4.25 29.65 -13.76
N ALA J 87 -3.11 30.27 -13.48
CA ALA J 87 -2.73 31.48 -14.16
C ALA J 87 -2.49 31.19 -15.63
N VAL J 88 -2.05 29.97 -15.94
CA VAL J 88 -1.80 29.61 -17.33
C VAL J 88 -3.12 29.38 -18.05
N GLN J 89 -3.94 28.52 -17.48
CA GLN J 89 -5.30 28.31 -17.96
C GLN J 89 -5.97 29.61 -18.48
N LEU J 90 -5.61 30.73 -17.86
CA LEU J 90 -6.24 32.01 -18.22
C LEU J 90 -5.48 32.77 -19.30
N GLY J 91 -4.33 32.21 -19.71
CA GLY J 91 -3.57 32.73 -20.85
C GLY J 91 -2.38 33.61 -20.49
N GLY J 92 -1.93 33.50 -19.24
CA GLY J 92 -0.79 34.28 -18.76
C GLY J 92 0.44 33.45 -18.53
N VAL J 93 1.44 34.06 -17.89
CA VAL J 93 2.71 33.41 -17.67
C VAL J 93 3.07 33.38 -16.20
N ALA J 94 2.97 32.21 -15.61
CA ALA J 94 3.32 32.05 -14.20
C ALA J 94 4.83 32.31 -13.99
N LEU J 95 5.17 32.96 -12.88
CA LEU J 95 6.54 33.36 -12.59
C LEU J 95 7.04 32.77 -11.29
N GLY J 96 8.23 32.18 -11.31
CA GLY J 96 8.76 31.55 -10.13
C GLY J 96 10.25 31.31 -10.23
N THR J 97 10.96 32.28 -10.79
CA THR J 97 12.40 32.19 -10.92
C THR J 97 13.09 33.10 -9.92
N ALA J 98 14.14 32.59 -9.28
CA ALA J 98 14.93 33.34 -8.30
C ALA J 98 14.96 34.86 -8.54
N GLN J 99 15.35 35.26 -9.73
CA GLN J 99 15.44 36.67 -10.04
C GLN J 99 14.11 37.38 -9.82
N VAL J 100 13.02 36.80 -10.29
CA VAL J 100 11.71 37.42 -10.09
C VAL J 100 11.29 37.47 -8.61
N ILE J 101 11.47 36.37 -7.89
CA ILE J 101 11.19 36.33 -6.45
C ILE J 101 11.94 37.43 -5.74
N ASN J 102 13.26 37.30 -5.74
CA ASN J 102 14.11 38.31 -5.12
C ASN J 102 13.66 39.73 -5.43
N ASP J 103 13.17 39.93 -6.65
CA ASP J 103 12.82 41.25 -7.15
C ASP J 103 11.39 41.66 -6.83
N LYS J 104 10.57 40.70 -6.43
CA LYS J 104 9.13 40.97 -6.35
C LYS J 104 8.47 40.51 -5.05
N THR J 105 9.25 39.90 -4.15
CA THR J 105 8.74 39.50 -2.84
C THR J 105 8.43 40.68 -1.92
N PRO J 106 7.27 40.62 -1.26
CA PRO J 106 6.94 41.52 -0.16
C PRO J 106 7.62 41.06 1.13
N LEU J 107 7.94 39.78 1.21
CA LEU J 107 8.54 39.19 2.40
C LEU J 107 9.91 39.74 2.70
N LYS J 108 10.22 39.92 3.98
CA LYS J 108 11.56 40.31 4.37
C LYS J 108 12.53 39.12 4.29
N SER J 109 13.69 39.37 3.70
CA SER J 109 14.73 38.35 3.61
C SER J 109 14.91 37.55 4.94
N TYR J 110 14.97 36.22 4.85
CA TYR J 110 15.11 35.38 6.05
C TYR J 110 16.51 35.49 6.66
N PRO J 111 16.59 35.73 7.97
CA PRO J 111 17.83 35.82 8.74
C PRO J 111 18.77 34.63 8.53
N THR J 112 20.07 34.90 8.52
CA THR J 112 21.08 33.87 8.33
C THR J 112 21.89 33.66 9.60
N ASN J 113 21.76 34.59 10.54
CA ASN J 113 22.58 34.60 11.76
C ASN J 113 21.90 34.06 13.02
N ILE J 114 20.61 33.73 12.91
CA ILE J 114 19.83 33.16 14.02
C ILE J 114 19.98 31.63 14.12
N HIS J 115 19.81 31.06 15.32
CA HIS J 115 20.17 29.65 15.51
C HIS J 115 19.28 28.76 16.39
N SER J 116 18.67 29.31 17.43
CA SER J 116 17.78 28.52 18.28
C SER J 116 16.45 28.25 17.56
N VAL J 117 15.80 27.16 17.96
CA VAL J 117 14.49 26.85 17.41
C VAL J 117 13.52 28.02 17.62
N GLN J 118 13.46 28.57 18.83
CA GLN J 118 12.53 29.69 19.07
C GLN J 118 12.82 30.89 18.15
N GLU J 119 14.09 31.19 17.90
CA GLU J 119 14.45 32.23 16.94
C GLU J 119 13.78 32.01 15.58
N HIS J 120 14.04 30.85 14.98
CA HIS J 120 13.47 30.46 13.70
C HIS J 120 11.94 30.44 13.70
N LEU J 121 11.34 29.92 14.78
CA LEU J 121 9.89 29.93 14.92
C LEU J 121 9.33 31.37 14.87
N LYS J 122 9.88 32.26 15.69
CA LYS J 122 9.52 33.68 15.62
C LYS J 122 9.70 34.28 14.22
N ALA J 123 10.81 33.99 13.56
CA ALA J 123 11.05 34.48 12.20
C ALA J 123 10.04 33.94 11.20
N LEU J 124 9.73 32.65 11.31
CA LEU J 124 8.73 32.05 10.46
C LEU J 124 7.37 32.71 10.72
N ALA J 125 6.95 32.66 11.98
CA ALA J 125 5.64 33.16 12.34
C ALA J 125 5.42 34.47 11.62
N GLU J 126 6.35 35.39 11.83
CA GLU J 126 6.35 36.70 11.17
C GLU J 126 5.98 36.56 9.68
N ARG J 127 6.80 35.81 8.95
CA ARG J 127 6.66 35.71 7.51
C ARG J 127 5.36 35.03 7.09
N TYR J 128 5.14 33.81 7.59
CA TYR J 128 3.87 33.11 7.36
C TYR J 128 2.64 34.02 7.55
N ALA J 129 2.65 34.82 8.61
CA ALA J 129 1.54 35.71 8.89
C ALA J 129 1.23 36.70 7.75
N ILE J 130 2.26 37.35 7.22
CA ILE J 130 2.01 38.31 6.15
C ILE J 130 1.32 37.67 4.94
N VAL J 131 1.79 36.50 4.54
CA VAL J 131 1.19 35.78 3.42
C VAL J 131 -0.18 35.25 3.81
N ALA J 132 -0.28 34.74 5.02
CA ALA J 132 -1.53 34.17 5.50
C ALA J 132 -2.62 35.24 5.49
N ASN J 133 -2.28 36.44 5.98
CA ASN J 133 -3.24 37.55 6.02
C ASN J 133 -3.54 38.13 4.64
N ASP J 134 -2.52 38.15 3.79
CA ASP J 134 -2.71 38.63 2.43
C ASP J 134 -3.67 37.71 1.68
N ILE J 135 -3.35 36.43 1.64
CA ILE J 135 -4.13 35.50 0.82
C ILE J 135 -5.59 35.39 1.27
N ARG J 136 -5.83 35.52 2.58
CA ARG J 136 -7.20 35.47 3.11
C ARG J 136 -8.04 36.62 2.57
N LYS J 137 -7.44 37.81 2.48
CA LYS J 137 -8.10 38.96 1.89
C LYS J 137 -8.29 38.79 0.37
N ALA J 138 -7.32 38.18 -0.29
CA ALA J 138 -7.42 37.91 -1.72
C ALA J 138 -8.64 37.05 -2.06
N ILE J 139 -9.01 36.17 -1.14
CA ILE J 139 -10.12 35.25 -1.37
C ILE J 139 -11.38 35.97 -1.81
N THR J 140 -11.55 37.19 -1.34
CA THR J 140 -12.81 37.90 -1.48
C THR J 140 -12.70 39.05 -2.45
N GLU J 141 -11.52 39.25 -3.02
CA GLU J 141 -11.28 40.40 -3.88
C GLU J 141 -10.90 39.94 -5.28
N VAL J 142 -10.98 38.63 -5.49
CA VAL J 142 -10.65 38.04 -6.78
C VAL J 142 -11.94 37.57 -7.47
N GLU J 143 -12.09 37.96 -8.74
CA GLU J 143 -13.36 37.76 -9.45
C GLU J 143 -13.42 36.45 -10.25
N ASP J 144 -12.46 35.57 -10.03
CA ASP J 144 -12.47 34.24 -10.61
C ASP J 144 -12.81 33.26 -9.50
N GLU J 145 -13.97 32.62 -9.59
CA GLU J 145 -14.42 31.72 -8.54
C GLU J 145 -13.41 30.61 -8.28
N ASN J 146 -12.92 30.00 -9.36
CA ASN J 146 -11.91 28.96 -9.25
C ASN J 146 -10.72 29.38 -8.38
N SER J 147 -10.16 30.55 -8.66
CA SER J 147 -9.14 31.12 -7.78
C SER J 147 -9.66 31.27 -6.35
N ALA J 148 -10.88 31.78 -6.20
CA ALA J 148 -11.47 31.98 -4.88
C ALA J 148 -11.45 30.68 -4.08
N ASP J 149 -11.85 29.59 -4.75
CA ASP J 149 -11.84 28.26 -4.14
C ASP J 149 -10.40 27.81 -3.93
N MET J 150 -9.55 28.06 -4.93
CA MET J 150 -8.12 27.88 -4.80
C MET J 150 -7.70 28.56 -3.49
N PHE J 151 -7.85 29.88 -3.46
CA PHE J 151 -7.35 30.72 -2.38
C PHE J 151 -7.90 30.31 -1.01
N THR J 152 -9.12 29.81 -0.99
CA THR J 152 -9.66 29.37 0.26
C THR J 152 -8.90 28.13 0.75
N ALA J 153 -8.56 27.24 -0.18
CA ALA J 153 -7.90 26.02 0.18
C ALA J 153 -6.54 26.30 0.80
N ALA J 154 -5.80 27.23 0.22
CA ALA J 154 -4.48 27.55 0.77
C ALA J 154 -4.57 28.41 2.04
N SER J 155 -5.58 29.26 2.09
CA SER J 155 -5.81 30.05 3.28
C SER J 155 -5.98 29.13 4.49
N ARG J 156 -6.83 28.12 4.35
CA ARG J 156 -7.05 27.18 5.42
C ARG J 156 -5.77 26.54 5.99
N ASP J 157 -4.80 26.22 5.13
CA ASP J 157 -3.55 25.58 5.58
C ASP J 157 -2.57 26.59 6.18
N LEU J 158 -2.35 27.69 5.47
CA LEU J 158 -1.49 28.72 5.99
C LEU J 158 -2.00 29.06 7.37
N ASP J 159 -3.31 29.27 7.50
CA ASP J 159 -3.86 29.54 8.82
C ASP J 159 -3.44 28.46 9.82
N LYS J 160 -3.73 27.21 9.50
CA LYS J 160 -3.40 26.13 10.42
C LYS J 160 -1.88 26.04 10.64
N PHE J 161 -1.10 26.31 9.61
CA PHE J 161 0.34 26.30 9.80
C PHE J 161 0.74 27.49 10.67
N LEU J 162 0.04 28.61 10.52
CA LEU J 162 0.37 29.77 11.33
C LEU J 162 0.13 29.36 12.77
N TRP J 163 -1.02 28.75 13.02
CA TRP J 163 -1.36 28.25 14.35
C TRP J 163 -0.29 27.27 14.87
N PHE J 164 -0.06 26.18 14.15
CA PHE J 164 0.99 25.26 14.51
C PHE J 164 2.29 25.94 14.96
N ILE J 165 2.78 26.89 14.16
CA ILE J 165 4.02 27.57 14.46
C ILE J 165 3.95 28.37 15.77
N GLU J 166 3.05 29.37 15.79
CA GLU J 166 2.80 30.14 17.00
C GLU J 166 2.67 29.22 18.22
N SER J 167 2.04 28.07 18.02
CA SER J 167 1.72 27.18 19.14
C SER J 167 2.95 26.55 19.76
N ASN J 168 4.07 26.62 19.06
CA ASN J 168 5.32 26.06 19.59
C ASN J 168 6.21 27.10 20.25
N ILE J 169 5.76 28.35 20.30
CA ILE J 169 6.52 29.38 20.98
C ILE J 169 6.26 29.28 22.47
N GLU J 170 7.32 29.28 23.27
CA GLU J 170 7.16 29.11 24.70
C GLU J 170 7.40 30.41 25.46
N GLU K 16 2.39 -41.94 22.27
CA GLU K 16 3.47 -41.03 22.62
C GLU K 16 3.49 -39.78 21.73
N LEU K 17 4.25 -38.78 22.16
CA LEU K 17 4.31 -37.52 21.45
C LEU K 17 5.60 -37.48 20.64
N LEU K 18 5.62 -36.64 19.61
CA LEU K 18 6.86 -36.39 18.87
C LEU K 18 7.81 -35.66 19.79
N TYR K 19 9.08 -36.05 19.78
CA TYR K 19 10.06 -35.42 20.66
C TYR K 19 10.23 -33.92 20.48
N THR K 20 10.21 -33.21 21.60
CA THR K 20 10.53 -31.81 21.55
C THR K 20 11.12 -31.33 22.86
N ARG K 21 11.98 -30.33 22.74
CA ARG K 21 12.54 -29.63 23.89
C ARG K 21 11.45 -28.89 24.66
N ASN K 22 10.44 -28.38 23.97
CA ASN K 22 9.30 -27.77 24.65
C ASN K 22 8.92 -28.61 25.84
N ASP K 23 9.00 -28.05 27.03
CA ASP K 23 9.04 -28.86 28.25
C ASP K 23 7.72 -28.92 29.00
N VAL K 24 6.69 -28.31 28.42
CA VAL K 24 5.35 -28.39 28.99
C VAL K 24 5.10 -29.81 29.47
N GLU K 25 4.53 -29.96 30.66
CA GLU K 25 4.38 -31.29 31.26
C GLU K 25 3.58 -32.25 30.36
N GLU K 26 3.91 -33.54 30.42
CA GLU K 26 3.39 -34.50 29.44
C GLU K 26 1.87 -34.68 29.43
N HIS K 27 1.28 -34.80 30.61
CA HIS K 27 -0.16 -35.00 30.69
C HIS K 27 -0.88 -33.76 30.14
N VAL K 28 -0.32 -32.60 30.37
CA VAL K 28 -0.93 -31.41 29.82
C VAL K 28 -0.83 -31.45 28.30
N LYS K 29 0.29 -31.93 27.79
CA LYS K 29 0.47 -32.11 26.34
C LYS K 29 -0.71 -32.88 25.75
N VAL K 30 -0.87 -34.14 26.18
CA VAL K 30 -1.92 -35.00 25.67
C VAL K 30 -3.31 -34.37 25.81
N ALA K 31 -3.63 -33.89 27.01
CA ALA K 31 -4.94 -33.32 27.32
C ALA K 31 -5.29 -32.14 26.41
N THR K 32 -4.31 -31.27 26.20
CA THR K 32 -4.52 -30.11 25.35
C THR K 32 -4.62 -30.53 23.88
N ILE K 33 -3.66 -31.34 23.46
CA ILE K 33 -3.71 -31.83 22.10
C ILE K 33 -5.14 -32.30 21.80
N LYS K 34 -5.65 -33.22 22.61
CA LYS K 34 -7.01 -33.71 22.39
C LYS K 34 -8.00 -32.53 22.33
N ARG K 35 -7.82 -31.53 23.18
CA ARG K 35 -8.76 -30.42 23.17
C ARG K 35 -8.59 -29.56 21.91
N LEU K 36 -7.34 -29.35 21.51
CA LEU K 36 -7.09 -28.56 20.30
C LEU K 36 -7.75 -29.18 19.06
N ASN K 37 -7.45 -30.45 18.81
CA ASN K 37 -8.00 -31.13 17.66
C ASN K 37 -9.51 -31.02 17.66
N GLN K 38 -10.09 -30.84 18.84
CA GLN K 38 -11.54 -30.78 18.96
C GLN K 38 -12.04 -29.45 18.41
N MET K 39 -11.39 -28.36 18.81
CA MET K 39 -11.71 -27.08 18.21
C MET K 39 -11.43 -27.05 16.71
N VAL K 40 -10.32 -27.67 16.32
CA VAL K 40 -9.97 -27.72 14.91
C VAL K 40 -11.06 -28.38 14.08
N ILE K 41 -11.47 -29.58 14.49
CA ILE K 41 -12.60 -30.24 13.86
C ILE K 41 -13.79 -29.30 13.75
N GLN K 42 -14.15 -28.65 14.86
CA GLN K 42 -15.35 -27.84 14.84
C GLN K 42 -15.20 -26.65 13.95
N PHE K 43 -14.03 -26.04 13.94
CA PHE K 43 -13.86 -24.82 13.17
C PHE K 43 -13.82 -25.12 11.68
N ILE K 44 -13.18 -26.22 11.32
CA ILE K 44 -13.19 -26.67 9.93
C ILE K 44 -14.63 -26.90 9.43
N ASP K 45 -15.44 -27.56 10.26
CA ASP K 45 -16.85 -27.75 9.92
C ASP K 45 -17.53 -26.41 9.71
N LEU K 46 -17.41 -25.52 10.69
CA LEU K 46 -17.99 -24.21 10.56
C LEU K 46 -17.60 -23.56 9.23
N SER K 47 -16.36 -23.82 8.81
CA SER K 47 -15.79 -23.14 7.64
C SER K 47 -16.54 -23.51 6.38
N LEU K 48 -16.65 -24.82 6.17
CA LEU K 48 -17.43 -25.39 5.10
C LEU K 48 -18.84 -24.82 5.17
N ILE K 49 -19.56 -25.23 6.21
CA ILE K 49 -20.90 -24.76 6.46
C ILE K 49 -21.01 -23.29 6.11
N THR K 50 -19.99 -22.52 6.46
CA THR K 50 -20.04 -21.07 6.23
C THR K 50 -20.03 -20.77 4.74
N LYS K 51 -19.24 -21.54 4.01
CA LYS K 51 -19.09 -21.34 2.57
C LYS K 51 -20.35 -21.83 1.89
N GLN K 52 -20.89 -22.93 2.41
CA GLN K 52 -22.12 -23.54 1.90
C GLN K 52 -23.28 -22.54 1.87
N ALA K 53 -23.52 -21.85 2.98
CA ALA K 53 -24.58 -20.85 3.05
C ALA K 53 -24.29 -19.66 2.14
N HIS K 54 -23.01 -19.30 2.09
CA HIS K 54 -22.50 -18.22 1.26
C HIS K 54 -22.80 -18.44 -0.23
N TRP K 55 -22.77 -19.70 -0.67
CA TRP K 55 -23.03 -20.00 -2.08
C TRP K 55 -24.52 -20.02 -2.39
N ASN K 56 -25.26 -20.67 -1.53
CA ASN K 56 -26.60 -21.09 -1.86
C ASN K 56 -27.76 -20.29 -1.26
N MET K 57 -27.48 -19.11 -0.71
CA MET K 57 -28.57 -18.33 -0.15
C MET K 57 -29.10 -17.44 -1.22
N ARG K 58 -30.42 -17.18 -1.17
CA ARG K 58 -30.99 -16.06 -1.90
C ARG K 58 -32.16 -15.44 -1.15
N GLY K 59 -32.28 -14.14 -1.26
CA GLY K 59 -33.40 -13.43 -0.68
C GLY K 59 -33.08 -11.98 -0.38
N ALA K 60 -33.85 -11.41 0.54
CA ALA K 60 -33.63 -10.07 1.03
C ALA K 60 -32.29 -10.01 1.78
N ASN K 61 -31.48 -8.98 1.51
CA ASN K 61 -30.23 -8.74 2.25
C ASN K 61 -29.10 -9.72 1.84
N PHE K 62 -29.16 -10.21 0.60
CA PHE K 62 -28.19 -11.21 0.09
C PHE K 62 -26.75 -10.70 -0.10
N VAL K 63 -26.57 -9.61 -0.82
CA VAL K 63 -25.22 -9.22 -1.13
C VAL K 63 -24.40 -8.98 0.14
N ALA K 64 -24.94 -8.21 1.08
CA ALA K 64 -24.18 -7.85 2.28
C ALA K 64 -23.91 -9.07 3.16
N VAL K 65 -24.93 -9.89 3.35
CA VAL K 65 -24.80 -11.08 4.16
C VAL K 65 -23.80 -12.03 3.51
N HIS K 66 -23.80 -12.03 2.19
CA HIS K 66 -22.99 -12.93 1.37
C HIS K 66 -21.50 -12.61 1.45
N GLU K 67 -21.19 -11.31 1.43
CA GLU K 67 -19.81 -10.89 1.60
C GLU K 67 -19.46 -11.07 3.05
N MET K 68 -20.39 -10.72 3.92
CA MET K 68 -20.20 -10.87 5.36
C MET K 68 -19.60 -12.25 5.63
N LEU K 69 -20.21 -13.28 5.05
CA LEU K 69 -19.81 -14.65 5.34
C LEU K 69 -18.37 -14.98 4.92
N ASP K 70 -17.84 -14.28 3.93
CA ASP K 70 -16.48 -14.57 3.49
C ASP K 70 -15.46 -14.12 4.53
N GLY K 71 -15.79 -13.03 5.20
CA GLY K 71 -14.99 -12.55 6.30
C GLY K 71 -14.95 -13.53 7.46
N PHE K 72 -16.11 -14.01 7.89
CA PHE K 72 -16.15 -15.00 8.96
C PHE K 72 -15.15 -16.13 8.65
N ARG K 73 -15.10 -16.52 7.37
CA ARG K 73 -14.32 -17.67 6.96
C ARG K 73 -12.82 -17.42 7.09
N THR K 74 -12.37 -16.30 6.55
CA THR K 74 -10.97 -15.93 6.69
C THR K 74 -10.61 -15.96 8.18
N ALA K 75 -11.40 -15.26 8.99
CA ALA K 75 -11.23 -15.25 10.43
C ALA K 75 -11.15 -16.68 10.97
N LEU K 76 -12.09 -17.50 10.51
CA LEU K 76 -12.16 -18.87 10.98
C LEU K 76 -10.88 -19.63 10.68
N THR K 77 -10.44 -19.59 9.43
CA THR K 77 -9.38 -20.52 9.04
C THR K 77 -8.08 -20.10 9.68
N ASP K 78 -7.95 -18.80 9.94
CA ASP K 78 -6.86 -18.26 10.74
C ASP K 78 -6.79 -18.85 12.16
N HIS K 79 -7.84 -18.66 12.98
CA HIS K 79 -7.87 -19.27 14.31
C HIS K 79 -7.59 -20.77 14.24
N LEU K 80 -8.33 -21.45 13.36
CA LEU K 80 -8.15 -22.87 13.06
C LEU K 80 -6.69 -23.20 12.88
N ASP K 81 -6.01 -22.41 12.07
CA ASP K 81 -4.63 -22.73 11.84
C ASP K 81 -3.89 -22.78 13.17
N THR K 82 -4.02 -21.70 13.94
CA THR K 82 -3.28 -21.50 15.19
C THR K 82 -3.45 -22.66 16.18
N PHE K 83 -4.62 -23.30 16.13
CA PHE K 83 -4.93 -24.43 16.98
C PHE K 83 -4.11 -25.67 16.61
N ALA K 84 -4.10 -25.99 15.33
CA ALA K 84 -3.43 -27.18 14.81
C ALA K 84 -1.94 -27.12 15.08
N GLU K 85 -1.38 -25.92 14.93
CA GLU K 85 0.04 -25.74 15.14
C GLU K 85 0.40 -25.84 16.61
N ARG K 86 -0.47 -25.33 17.46
CA ARG K 86 -0.24 -25.43 18.89
C ARG K 86 -0.15 -26.89 19.21
N ALA K 87 -1.11 -27.64 18.66
CA ALA K 87 -1.17 -29.08 18.82
C ALA K 87 0.15 -29.73 18.46
N VAL K 88 0.65 -29.38 17.27
CA VAL K 88 1.91 -29.91 16.77
C VAL K 88 3.08 -29.55 17.68
N GLN K 89 3.20 -28.28 18.04
CA GLN K 89 4.24 -27.83 18.98
C GLN K 89 4.34 -28.69 20.25
N LEU K 90 3.20 -29.13 20.75
CA LEU K 90 3.17 -29.90 21.97
C LEU K 90 3.51 -31.36 21.70
N GLY K 91 3.80 -31.66 20.43
CA GLY K 91 4.22 -33.00 20.05
C GLY K 91 3.12 -33.93 19.55
N GLY K 92 1.98 -33.37 19.13
CA GLY K 92 0.87 -34.17 18.65
C GLY K 92 0.63 -34.11 17.15
N VAL K 93 -0.44 -34.76 16.72
CA VAL K 93 -0.82 -34.70 15.31
C VAL K 93 -2.13 -33.96 15.18
N ALA K 94 -2.12 -32.90 14.40
CA ALA K 94 -3.35 -32.18 14.08
C ALA K 94 -4.14 -32.87 12.97
N LEU K 95 -5.42 -33.14 13.22
CA LEU K 95 -6.27 -33.80 12.24
C LEU K 95 -7.31 -32.84 11.68
N GLY K 96 -7.35 -32.72 10.36
CA GLY K 96 -8.27 -31.83 9.71
C GLY K 96 -8.68 -32.38 8.38
N THR K 97 -8.72 -33.71 8.26
CA THR K 97 -9.20 -34.34 7.02
C THR K 97 -10.72 -34.43 6.97
N ALA K 98 -11.26 -34.47 5.75
CA ALA K 98 -12.69 -34.61 5.57
C ALA K 98 -13.24 -35.78 6.39
N GLN K 99 -12.55 -36.91 6.33
CA GLN K 99 -13.05 -38.11 6.98
C GLN K 99 -13.19 -37.90 8.47
N VAL K 100 -12.13 -37.43 9.11
CA VAL K 100 -12.20 -37.13 10.53
C VAL K 100 -13.29 -36.06 10.85
N ILE K 101 -13.42 -35.03 10.01
CA ILE K 101 -14.48 -34.02 10.23
C ILE K 101 -15.85 -34.69 10.25
N ASN K 102 -16.08 -35.51 9.24
CA ASN K 102 -17.31 -36.28 9.08
C ASN K 102 -17.59 -37.22 10.23
N ASP K 103 -16.53 -37.79 10.81
CA ASP K 103 -16.70 -38.76 11.90
C ASP K 103 -16.87 -38.06 13.25
N LYS K 104 -16.04 -37.07 13.53
CA LYS K 104 -15.95 -36.51 14.86
C LYS K 104 -16.85 -35.29 15.10
N THR K 105 -17.44 -34.75 14.05
CA THR K 105 -18.08 -33.43 14.18
C THR K 105 -19.24 -33.43 15.16
N PRO K 106 -19.18 -32.55 16.17
CA PRO K 106 -20.36 -32.50 17.04
C PRO K 106 -21.49 -31.76 16.33
N LEU K 107 -21.17 -31.12 15.21
CA LEU K 107 -22.10 -30.22 14.55
C LEU K 107 -23.07 -30.99 13.66
N LYS K 108 -24.35 -30.64 13.72
CA LYS K 108 -25.39 -31.34 12.95
C LYS K 108 -25.29 -31.08 11.46
N SER K 109 -25.31 -32.16 10.68
CA SER K 109 -25.20 -32.04 9.23
C SER K 109 -26.01 -30.85 8.72
N TYR K 110 -25.50 -30.16 7.71
CA TYR K 110 -26.10 -28.92 7.26
C TYR K 110 -27.06 -29.17 6.11
N PRO K 111 -28.24 -28.55 6.19
CA PRO K 111 -29.34 -28.72 5.23
C PRO K 111 -28.95 -28.25 3.84
N THR K 112 -29.22 -29.09 2.85
CA THR K 112 -28.80 -28.81 1.49
C THR K 112 -29.90 -28.17 0.66
N ASN K 113 -31.13 -28.23 1.17
CA ASN K 113 -32.26 -27.71 0.41
C ASN K 113 -32.73 -26.29 0.76
N ILE K 114 -32.33 -25.75 1.91
CA ILE K 114 -32.80 -24.39 2.22
C ILE K 114 -32.20 -23.40 1.26
N HIS K 115 -32.94 -22.32 0.97
CA HIS K 115 -32.53 -21.39 -0.08
C HIS K 115 -32.57 -19.91 0.30
N SER K 116 -33.39 -19.55 1.28
CA SER K 116 -33.52 -18.14 1.63
C SER K 116 -32.47 -17.73 2.64
N VAL K 117 -32.16 -16.43 2.64
CA VAL K 117 -31.18 -15.86 3.54
C VAL K 117 -31.54 -16.15 4.98
N GLN K 118 -32.83 -16.07 5.29
CA GLN K 118 -33.26 -16.33 6.65
C GLN K 118 -33.09 -17.82 6.97
N GLU K 119 -33.42 -18.67 6.01
CA GLU K 119 -33.32 -20.11 6.27
C GLU K 119 -31.90 -20.42 6.69
N HIS K 120 -30.96 -19.90 5.93
CA HIS K 120 -29.55 -20.13 6.21
C HIS K 120 -29.11 -19.47 7.50
N LEU K 121 -29.46 -18.19 7.64
CA LEU K 121 -29.10 -17.47 8.84
C LEU K 121 -29.37 -18.35 10.06
N LYS K 122 -30.58 -18.91 10.12
CA LYS K 122 -31.00 -19.66 11.30
C LYS K 122 -30.20 -20.94 11.47
N ALA K 123 -30.01 -21.68 10.37
CA ALA K 123 -29.23 -22.90 10.43
C ALA K 123 -27.80 -22.59 10.90
N LEU K 124 -27.28 -21.44 10.45
CA LEU K 124 -25.95 -20.99 10.85
C LEU K 124 -25.92 -20.63 12.32
N ALA K 125 -26.93 -19.89 12.74
CA ALA K 125 -26.96 -19.44 14.11
C ALA K 125 -26.84 -20.65 15.03
N GLU K 126 -27.56 -21.71 14.70
CA GLU K 126 -27.62 -22.90 15.53
C GLU K 126 -26.24 -23.47 15.73
N ARG K 127 -25.46 -23.48 14.65
CA ARG K 127 -24.18 -24.18 14.67
C ARG K 127 -23.05 -23.29 15.18
N TYR K 128 -23.09 -22.01 14.80
CA TYR K 128 -22.15 -21.07 15.37
C TYR K 128 -22.33 -21.06 16.88
N ALA K 129 -23.57 -20.91 17.34
CA ALA K 129 -23.82 -20.92 18.77
C ALA K 129 -23.25 -22.18 19.43
N ILE K 130 -23.43 -23.36 18.84
CA ILE K 130 -22.90 -24.58 19.44
C ILE K 130 -21.38 -24.50 19.60
N VAL K 131 -20.69 -24.18 18.51
CA VAL K 131 -19.26 -23.98 18.58
C VAL K 131 -18.86 -22.86 19.57
N ALA K 132 -19.55 -21.72 19.50
CA ALA K 132 -19.13 -20.55 20.26
C ALA K 132 -19.26 -20.80 21.75
N ASN K 133 -20.34 -21.46 22.13
CA ASN K 133 -20.54 -21.87 23.52
C ASN K 133 -19.52 -22.87 24.01
N ASP K 134 -19.04 -23.71 23.11
CA ASP K 134 -18.09 -24.72 23.53
C ASP K 134 -16.70 -24.11 23.75
N ILE K 135 -16.22 -23.35 22.78
CA ILE K 135 -14.86 -22.86 22.89
C ILE K 135 -14.76 -21.85 24.04
N ARG K 136 -15.87 -21.17 24.30
CA ARG K 136 -15.93 -20.30 25.45
C ARG K 136 -15.62 -21.10 26.72
N LYS K 137 -16.04 -22.36 26.76
CA LYS K 137 -15.83 -23.15 27.96
C LYS K 137 -14.43 -23.71 27.97
N ALA K 138 -13.90 -23.96 26.77
CA ALA K 138 -12.61 -24.61 26.66
C ALA K 138 -11.50 -23.70 27.19
N ILE K 139 -11.76 -22.40 27.13
CA ILE K 139 -10.86 -21.40 27.68
C ILE K 139 -10.50 -21.75 29.11
N THR K 140 -11.52 -22.14 29.86
CA THR K 140 -11.35 -22.36 31.29
C THR K 140 -10.92 -23.80 31.57
N GLU K 141 -11.20 -24.70 30.64
CA GLU K 141 -10.94 -26.12 30.85
C GLU K 141 -9.47 -26.49 30.64
N VAL K 142 -8.78 -25.79 29.77
CA VAL K 142 -7.47 -26.27 29.31
C VAL K 142 -6.33 -25.73 30.17
N GLU K 143 -5.31 -26.57 30.41
CA GLU K 143 -4.24 -26.21 31.34
C GLU K 143 -3.05 -25.54 30.68
N ASP K 144 -3.13 -25.35 29.37
CA ASP K 144 -2.04 -24.70 28.63
C ASP K 144 -2.34 -23.23 28.34
N GLU K 145 -1.80 -22.34 29.17
CA GLU K 145 -1.98 -20.89 29.04
C GLU K 145 -2.02 -20.39 27.58
N ASN K 146 -0.95 -20.70 26.84
CA ASN K 146 -0.88 -20.35 25.42
C ASN K 146 -2.14 -20.76 24.65
N SER K 147 -2.57 -21.99 24.83
CA SER K 147 -3.74 -22.50 24.16
C SER K 147 -5.04 -21.84 24.67
N ALA K 148 -4.97 -21.29 25.89
CA ALA K 148 -6.09 -20.53 26.46
C ALA K 148 -6.27 -19.16 25.80
N ASP K 149 -5.14 -18.46 25.60
CA ASP K 149 -5.10 -17.22 24.83
C ASP K 149 -5.72 -17.50 23.45
N MET K 150 -5.16 -18.52 22.81
CA MET K 150 -5.66 -19.04 21.55
C MET K 150 -7.21 -19.12 21.49
N PHE K 151 -7.80 -19.81 22.46
CA PHE K 151 -9.24 -20.04 22.45
C PHE K 151 -9.99 -18.73 22.71
N THR K 152 -9.38 -17.89 23.53
CA THR K 152 -10.05 -16.68 23.94
C THR K 152 -10.22 -15.80 22.73
N ALA K 153 -9.17 -15.71 21.92
CA ALA K 153 -9.15 -14.89 20.71
C ALA K 153 -10.24 -15.35 19.73
N ALA K 154 -10.25 -16.66 19.46
CA ALA K 154 -11.31 -17.29 18.69
C ALA K 154 -12.69 -17.01 19.29
N SER K 155 -12.79 -17.19 20.60
CA SER K 155 -14.04 -16.98 21.31
C SER K 155 -14.57 -15.58 20.96
N ARG K 156 -13.69 -14.59 21.05
CA ARG K 156 -14.12 -13.21 20.85
C ARG K 156 -14.64 -12.97 19.44
N ASP K 157 -14.05 -13.67 18.47
CA ASP K 157 -14.55 -13.61 17.08
C ASP K 157 -15.87 -14.32 16.97
N LEU K 158 -15.95 -15.49 17.59
CA LEU K 158 -17.05 -16.39 17.39
C LEU K 158 -18.34 -15.81 17.95
N ASP K 159 -18.25 -15.23 19.15
CA ASP K 159 -19.39 -14.57 19.78
C ASP K 159 -19.84 -13.38 18.95
N LYS K 160 -18.87 -12.61 18.46
CA LYS K 160 -19.18 -11.53 17.54
C LYS K 160 -19.89 -12.06 16.26
N PHE K 161 -19.35 -13.12 15.65
CA PHE K 161 -19.98 -13.66 14.44
C PHE K 161 -21.40 -14.19 14.71
N LEU K 162 -21.57 -14.93 15.81
CA LEU K 162 -22.90 -15.39 16.20
C LEU K 162 -23.83 -14.20 16.31
N TRP K 163 -23.36 -13.16 17.00
CA TRP K 163 -24.09 -11.92 17.17
C TRP K 163 -24.48 -11.32 15.81
N PHE K 164 -23.52 -11.24 14.91
CA PHE K 164 -23.75 -10.70 13.58
C PHE K 164 -24.80 -11.51 12.86
N ILE K 165 -24.68 -12.84 12.94
CA ILE K 165 -25.63 -13.71 12.26
C ILE K 165 -27.03 -13.50 12.84
N GLU K 166 -27.15 -13.65 14.15
CA GLU K 166 -28.41 -13.48 14.86
C GLU K 166 -29.01 -12.09 14.60
N SER K 167 -28.15 -11.10 14.44
CA SER K 167 -28.62 -9.71 14.29
C SER K 167 -29.18 -9.37 12.90
N ASN K 168 -29.09 -10.29 11.95
CA ASN K 168 -29.67 -10.07 10.62
C ASN K 168 -30.99 -10.83 10.43
N ILE K 169 -31.22 -11.80 11.30
CA ILE K 169 -32.50 -12.46 11.42
C ILE K 169 -33.54 -11.39 11.75
N GLU K 170 -34.70 -11.47 11.13
CA GLU K 170 -35.74 -10.46 11.29
C GLU K 170 -36.60 -10.69 12.53
N GLU L 16 32.73 31.47 11.26
CA GLU L 16 33.31 30.30 11.91
C GLU L 16 32.32 29.15 11.98
N LEU L 17 32.53 28.24 12.93
CA LEU L 17 31.71 27.05 12.98
C LEU L 17 30.99 26.86 14.32
N LEU L 18 29.90 26.10 14.28
CA LEU L 18 29.18 25.74 15.48
C LEU L 18 29.79 24.45 15.99
N TYR L 19 29.85 24.32 17.31
CA TYR L 19 30.45 23.16 17.90
C TYR L 19 29.72 21.91 17.45
N THR L 20 30.39 20.78 17.63
CA THR L 20 29.84 19.46 17.34
C THR L 20 30.93 18.44 17.67
N ARG L 21 30.50 17.20 17.94
CA ARG L 21 31.42 16.12 18.29
C ARG L 21 32.04 15.54 17.01
N ASN L 22 31.36 15.76 15.89
CA ASN L 22 31.88 15.43 14.58
C ASN L 22 33.30 15.97 14.38
N ASP L 23 34.27 15.07 14.18
CA ASP L 23 35.67 15.49 14.22
C ASP L 23 36.39 15.61 12.87
N VAL L 24 35.65 15.90 11.80
CA VAL L 24 36.30 16.25 10.54
C VAL L 24 37.19 17.48 10.75
N GLU L 25 38.37 17.50 10.14
CA GLU L 25 39.34 18.58 10.40
C GLU L 25 38.78 19.97 10.10
N GLU L 26 39.29 20.96 10.83
CA GLU L 26 38.79 22.34 10.73
C GLU L 26 38.88 22.87 9.31
N HIS L 27 40.01 22.64 8.65
CA HIS L 27 40.18 23.17 7.31
C HIS L 27 39.24 22.47 6.31
N VAL L 28 39.07 21.16 6.47
CA VAL L 28 38.25 20.33 5.57
C VAL L 28 36.78 20.72 5.69
N LYS L 29 36.33 20.93 6.91
CA LYS L 29 34.97 21.34 7.14
C LYS L 29 34.68 22.61 6.35
N VAL L 30 35.50 23.64 6.54
CA VAL L 30 35.19 24.96 5.96
C VAL L 30 35.11 24.94 4.44
N ALA L 31 36.12 24.35 3.81
CA ALA L 31 36.13 24.15 2.38
C ALA L 31 34.85 23.46 1.88
N THR L 32 34.49 22.37 2.53
CA THR L 32 33.36 21.57 2.11
C THR L 32 32.02 22.30 2.28
N ILE L 33 31.89 23.04 3.36
CA ILE L 33 30.66 23.81 3.56
C ILE L 33 30.45 24.70 2.35
N LYS L 34 31.52 25.28 1.85
CA LYS L 34 31.39 26.18 0.71
C LYS L 34 31.00 25.44 -0.57
N ARG L 35 31.60 24.28 -0.82
CA ARG L 35 31.21 23.52 -2.00
C ARG L 35 29.76 23.06 -1.89
N LEU L 36 29.43 22.45 -0.75
CA LEU L 36 28.06 22.03 -0.52
C LEU L 36 27.08 23.15 -0.82
N ASN L 37 27.37 24.33 -0.29
CA ASN L 37 26.48 25.48 -0.44
C ASN L 37 26.31 25.98 -1.87
N GLN L 38 27.39 26.02 -2.65
CA GLN L 38 27.28 26.40 -4.05
C GLN L 38 26.38 25.38 -4.75
N MET L 39 26.50 24.13 -4.33
CA MET L 39 25.70 23.06 -4.89
C MET L 39 24.24 23.18 -4.42
N VAL L 40 24.01 23.68 -3.21
CA VAL L 40 22.65 23.81 -2.76
C VAL L 40 21.98 24.91 -3.54
N ILE L 41 22.78 25.94 -3.80
CA ILE L 41 22.36 27.12 -4.55
C ILE L 41 21.99 26.77 -5.99
N GLN L 42 22.82 25.94 -6.61
CA GLN L 42 22.56 25.52 -7.97
C GLN L 42 21.35 24.60 -8.08
N PHE L 43 21.16 23.74 -7.09
CA PHE L 43 20.03 22.83 -7.15
C PHE L 43 18.69 23.53 -6.90
N ILE L 44 18.70 24.55 -6.04
CA ILE L 44 17.48 25.31 -5.80
C ILE L 44 17.02 26.07 -7.04
N ASP L 45 17.97 26.61 -7.81
CA ASP L 45 17.58 27.30 -9.04
C ASP L 45 17.01 26.34 -10.06
N LEU L 46 17.76 25.30 -10.40
CA LEU L 46 17.28 24.32 -11.37
C LEU L 46 15.89 23.87 -10.95
N SER L 47 15.74 23.66 -9.65
CA SER L 47 14.46 23.25 -9.07
C SER L 47 13.36 24.22 -9.47
N LEU L 48 13.59 25.51 -9.23
CA LEU L 48 12.65 26.57 -9.60
C LEU L 48 12.46 26.69 -11.11
N ILE L 49 13.58 26.65 -11.82
CA ILE L 49 13.59 26.66 -13.27
C ILE L 49 12.73 25.50 -13.80
N THR L 50 12.93 24.32 -13.22
CA THR L 50 12.18 23.14 -13.67
C THR L 50 10.70 23.43 -13.64
N LYS L 51 10.19 23.87 -12.49
CA LYS L 51 8.78 24.23 -12.38
C LYS L 51 8.36 25.30 -13.37
N GLN L 52 9.14 26.37 -13.44
CA GLN L 52 8.89 27.48 -14.34
C GLN L 52 8.62 26.98 -15.77
N ALA L 53 9.48 26.08 -16.24
CA ALA L 53 9.30 25.44 -17.56
C ALA L 53 8.04 24.55 -17.56
N HIS L 54 7.90 23.77 -16.50
CA HIS L 54 6.74 22.92 -16.27
C HIS L 54 5.44 23.66 -16.55
N TRP L 55 5.27 24.85 -15.97
CA TRP L 55 3.99 25.54 -16.07
C TRP L 55 3.78 26.14 -17.44
N ASN L 56 4.86 26.63 -18.04
CA ASN L 56 4.73 27.52 -19.20
C ASN L 56 4.91 26.86 -20.55
N MET L 57 5.01 25.54 -20.56
CA MET L 57 5.25 24.76 -21.75
C MET L 57 3.97 24.58 -22.56
N ARG L 58 4.12 24.40 -23.86
CA ARG L 58 2.96 24.23 -24.75
C ARG L 58 3.44 23.70 -26.11
N GLY L 59 2.76 22.68 -26.62
CA GLY L 59 3.10 22.12 -27.92
C GLY L 59 3.44 20.64 -27.93
N ALA L 60 3.95 20.17 -29.07
CA ALA L 60 4.31 18.77 -29.22
C ALA L 60 4.86 18.13 -27.95
N ASN L 61 4.28 17.01 -27.57
CA ASN L 61 4.79 16.21 -26.48
C ASN L 61 4.70 16.91 -25.11
N PHE L 62 3.65 17.71 -24.91
CA PHE L 62 3.54 18.50 -23.70
C PHE L 62 3.30 17.65 -22.43
N VAL L 63 2.34 16.76 -22.49
CA VAL L 63 1.91 16.15 -21.25
C VAL L 63 3.00 15.30 -20.57
N ALA L 64 3.71 14.49 -21.35
CA ALA L 64 4.77 13.63 -20.82
C ALA L 64 5.99 14.44 -20.34
N VAL L 65 6.37 15.46 -21.09
CA VAL L 65 7.47 16.30 -20.67
C VAL L 65 7.09 17.13 -19.44
N HIS L 66 5.82 17.51 -19.36
CA HIS L 66 5.28 18.26 -18.24
C HIS L 66 5.38 17.44 -16.96
N GLU L 67 5.03 16.17 -17.05
CA GLU L 67 5.08 15.31 -15.87
C GLU L 67 6.49 14.82 -15.58
N MET L 68 7.31 14.81 -16.62
CA MET L 68 8.70 14.37 -16.50
C MET L 68 9.40 15.37 -15.61
N LEU L 69 9.05 16.64 -15.79
CA LEU L 69 9.68 17.70 -15.02
C LEU L 69 9.35 17.59 -13.53
N ASP L 70 8.10 17.26 -13.20
CA ASP L 70 7.70 17.06 -11.81
C ASP L 70 8.51 15.96 -11.08
N GLY L 71 8.89 14.91 -11.79
CA GLY L 71 9.78 13.90 -11.25
C GLY L 71 11.18 14.45 -10.99
N PHE L 72 11.75 15.16 -11.96
CA PHE L 72 13.08 15.73 -11.79
C PHE L 72 13.16 16.58 -10.52
N ARG L 73 12.12 17.40 -10.33
CA ARG L 73 12.09 18.37 -9.24
C ARG L 73 12.19 17.67 -7.90
N THR L 74 11.39 16.62 -7.73
CA THR L 74 11.40 15.88 -6.48
C THR L 74 12.81 15.36 -6.17
N ALA L 75 13.53 14.91 -7.21
CA ALA L 75 14.86 14.35 -7.01
C ALA L 75 15.86 15.44 -6.65
N LEU L 76 15.74 16.59 -7.31
CA LEU L 76 16.57 17.76 -7.06
C LEU L 76 16.43 18.18 -5.62
N THR L 77 15.26 18.70 -5.32
CA THR L 77 14.77 18.94 -3.98
C THR L 77 15.37 17.99 -2.97
N ASP L 78 15.26 16.70 -3.26
CA ASP L 78 15.68 15.64 -2.36
C ASP L 78 17.18 15.60 -2.19
N HIS L 79 17.91 15.80 -3.29
CA HIS L 79 19.37 15.89 -3.27
C HIS L 79 19.94 17.12 -2.56
N LEU L 80 19.47 18.31 -2.94
CA LEU L 80 20.04 19.54 -2.39
C LEU L 80 19.74 19.61 -0.90
N ASP L 81 18.75 18.84 -0.48
CA ASP L 81 18.41 18.72 0.92
C ASP L 81 19.50 17.96 1.68
N THR L 82 20.00 16.89 1.08
CA THR L 82 21.14 16.16 1.65
C THR L 82 22.37 17.07 1.75
N PHE L 83 22.58 17.86 0.70
CA PHE L 83 23.63 18.85 0.65
C PHE L 83 23.62 19.76 1.88
N ALA L 84 22.54 20.52 1.99
CA ALA L 84 22.33 21.45 3.07
C ALA L 84 22.58 20.81 4.44
N GLU L 85 22.04 19.60 4.62
CA GLU L 85 22.20 18.93 5.90
C GLU L 85 23.65 18.49 6.17
N ARG L 86 24.43 18.24 5.12
CA ARG L 86 25.82 17.87 5.32
C ARG L 86 26.61 19.09 5.75
N ALA L 87 26.28 20.23 5.15
CA ALA L 87 26.90 21.49 5.53
C ALA L 87 26.61 21.74 7.00
N VAL L 88 25.36 21.53 7.39
CA VAL L 88 24.97 21.71 8.77
C VAL L 88 25.71 20.75 9.71
N GLN L 89 25.76 19.47 9.36
CA GLN L 89 26.49 18.48 10.14
C GLN L 89 27.94 18.91 10.36
N LEU L 90 28.51 19.62 9.39
CA LEU L 90 29.89 20.07 9.46
C LEU L 90 30.02 21.40 10.19
N GLY L 91 28.91 21.89 10.72
CA GLY L 91 28.95 23.07 11.57
C GLY L 91 28.82 24.37 10.80
N GLY L 92 28.31 24.30 9.57
CA GLY L 92 28.06 25.50 8.80
C GLY L 92 26.60 25.94 8.84
N VAL L 93 26.30 26.99 8.09
CA VAL L 93 24.92 27.41 7.88
C VAL L 93 24.59 27.11 6.45
N ALA L 94 23.62 26.23 6.22
CA ALA L 94 23.13 25.98 4.86
C ALA L 94 22.31 27.18 4.37
N LEU L 95 22.59 27.64 3.16
CA LEU L 95 21.95 28.86 2.66
C LEU L 95 21.02 28.65 1.47
N GLY L 96 19.72 28.93 1.61
CA GLY L 96 18.82 28.71 0.50
C GLY L 96 17.64 29.65 0.32
N THR L 97 17.87 30.94 0.48
CA THR L 97 16.79 31.92 0.31
C THR L 97 16.85 32.55 -1.08
N ALA L 98 15.71 33.05 -1.54
CA ALA L 98 15.64 33.66 -2.86
C ALA L 98 16.74 34.71 -3.09
N GLN L 99 17.01 35.51 -2.06
CA GLN L 99 17.99 36.59 -2.18
C GLN L 99 19.43 36.07 -2.37
N VAL L 100 19.78 35.00 -1.66
CA VAL L 100 21.09 34.34 -1.81
C VAL L 100 21.27 33.69 -3.18
N ILE L 101 20.20 33.07 -3.70
CA ILE L 101 20.30 32.37 -4.97
C ILE L 101 20.40 33.37 -6.11
N ASN L 102 19.45 34.29 -6.17
CA ASN L 102 19.58 35.47 -7.01
C ASN L 102 21.02 36.02 -7.00
N ASP L 103 21.52 36.29 -5.80
CA ASP L 103 22.83 36.90 -5.65
C ASP L 103 24.00 36.00 -6.07
N LYS L 104 23.94 34.71 -5.75
CA LYS L 104 25.10 33.83 -5.96
C LYS L 104 24.94 32.80 -7.10
N THR L 105 23.78 32.76 -7.75
CA THR L 105 23.53 31.91 -8.92
C THR L 105 24.63 32.00 -9.97
N PRO L 106 25.08 30.84 -10.46
CA PRO L 106 25.95 30.78 -11.63
C PRO L 106 25.11 30.67 -12.91
N LEU L 107 23.84 30.32 -12.75
CA LEU L 107 22.96 30.13 -13.90
C LEU L 107 22.44 31.48 -14.40
N LYS L 108 22.28 31.60 -15.72
CA LYS L 108 21.68 32.79 -16.32
C LYS L 108 20.17 32.79 -16.10
N SER L 109 19.57 33.97 -15.90
CA SER L 109 18.11 34.06 -15.75
C SER L 109 17.34 33.24 -16.80
N TYR L 110 16.29 32.54 -16.35
CA TYR L 110 15.47 31.72 -17.23
C TYR L 110 14.53 32.58 -18.07
N PRO L 111 14.52 32.37 -19.38
CA PRO L 111 13.69 33.21 -20.25
C PRO L 111 12.30 33.25 -19.66
N THR L 112 11.65 34.40 -19.67
CA THR L 112 10.34 34.51 -19.06
C THR L 112 9.22 34.36 -20.11
N ASN L 113 9.56 34.48 -21.39
CA ASN L 113 8.53 34.58 -22.43
C ASN L 113 8.55 33.50 -23.50
N ILE L 114 9.26 32.39 -23.25
CA ILE L 114 9.32 31.28 -24.20
C ILE L 114 8.20 30.28 -23.94
N HIS L 115 7.71 29.62 -24.98
CA HIS L 115 6.49 28.81 -24.83
C HIS L 115 6.50 27.39 -25.41
N SER L 116 7.24 27.17 -26.49
CA SER L 116 7.27 25.83 -27.05
C SER L 116 8.01 24.93 -26.08
N VAL L 117 7.49 23.70 -25.92
CA VAL L 117 8.19 22.66 -25.17
C VAL L 117 9.64 22.59 -25.62
N GLN L 118 9.82 22.51 -26.94
CA GLN L 118 11.12 22.61 -27.56
C GLN L 118 11.93 23.75 -26.99
N GLU L 119 11.32 24.93 -26.95
CA GLU L 119 11.99 26.10 -26.37
C GLU L 119 12.45 25.84 -24.93
N HIS L 120 11.55 25.31 -24.11
CA HIS L 120 11.92 25.02 -22.73
C HIS L 120 12.95 23.91 -22.62
N LEU L 121 12.81 22.86 -23.42
CA LEU L 121 13.79 21.79 -23.38
C LEU L 121 15.20 22.32 -23.57
N LYS L 122 15.39 23.15 -24.59
CA LYS L 122 16.70 23.72 -24.87
C LYS L 122 17.21 24.60 -23.73
N ALA L 123 16.35 25.49 -23.23
CA ALA L 123 16.75 26.37 -22.15
C ALA L 123 17.03 25.55 -20.88
N LEU L 124 16.27 24.46 -20.71
CA LEU L 124 16.54 23.53 -19.62
C LEU L 124 17.91 22.86 -19.75
N ALA L 125 18.20 22.30 -20.91
CA ALA L 125 19.46 21.60 -21.10
C ALA L 125 20.64 22.47 -20.69
N GLU L 126 20.70 23.67 -21.26
CA GLU L 126 21.79 24.60 -20.98
C GLU L 126 22.13 24.68 -19.49
N ARG L 127 21.15 25.05 -18.66
CA ARG L 127 21.38 25.21 -17.22
C ARG L 127 21.70 23.87 -16.51
N TYR L 128 21.00 22.80 -16.89
CA TYR L 128 21.23 21.48 -16.34
C TYR L 128 22.66 21.01 -16.57
N ALA L 129 23.16 21.28 -17.77
CA ALA L 129 24.49 20.84 -18.13
C ALA L 129 25.52 21.57 -17.28
N ILE L 130 25.28 22.86 -17.07
CA ILE L 130 26.23 23.63 -16.29
C ILE L 130 26.41 23.00 -14.91
N VAL L 131 25.29 22.65 -14.30
CA VAL L 131 25.30 22.09 -12.95
C VAL L 131 25.85 20.65 -12.93
N ALA L 132 25.48 19.87 -13.93
CA ALA L 132 25.91 18.49 -14.02
C ALA L 132 27.41 18.40 -14.24
N ASN L 133 27.89 19.24 -15.14
CA ASN L 133 29.31 19.31 -15.42
C ASN L 133 30.09 19.75 -14.18
N ASP L 134 29.62 20.82 -13.54
CA ASP L 134 30.29 21.31 -12.34
C ASP L 134 30.33 20.25 -11.24
N ILE L 135 29.20 19.64 -10.94
CA ILE L 135 29.16 18.70 -9.83
C ILE L 135 30.03 17.48 -10.10
N ARG L 136 30.05 17.00 -11.35
CA ARG L 136 30.90 15.86 -11.65
C ARG L 136 32.33 16.26 -11.27
N LYS L 137 32.66 17.53 -11.48
CA LYS L 137 33.97 18.02 -11.08
C LYS L 137 34.10 18.06 -9.55
N ALA L 138 33.15 18.73 -8.90
CA ALA L 138 33.08 18.74 -7.45
C ALA L 138 33.46 17.38 -6.83
N ILE L 139 33.00 16.29 -7.43
CA ILE L 139 33.22 14.97 -6.83
C ILE L 139 34.70 14.62 -6.60
N THR L 140 35.53 14.83 -7.62
CA THR L 140 36.94 14.48 -7.51
C THR L 140 37.69 15.46 -6.62
N GLU L 141 37.09 16.62 -6.42
CA GLU L 141 37.69 17.73 -5.68
C GLU L 141 37.51 17.64 -4.16
N VAL L 142 36.26 17.68 -3.74
CA VAL L 142 35.92 17.62 -2.34
C VAL L 142 36.77 16.58 -1.63
N GLU L 143 37.13 16.85 -0.38
CA GLU L 143 37.96 15.93 0.39
C GLU L 143 37.22 15.38 1.61
N ASP L 144 35.89 15.47 1.56
CA ASP L 144 34.99 14.87 2.55
C ASP L 144 34.27 13.71 1.88
N GLU L 145 34.67 12.49 2.22
CA GLU L 145 34.12 11.30 1.58
C GLU L 145 32.59 11.34 1.47
N ASN L 146 31.93 11.73 2.56
CA ASN L 146 30.46 11.83 2.57
C ASN L 146 29.91 12.77 1.49
N SER L 147 30.31 14.03 1.53
CA SER L 147 29.83 14.99 0.53
C SER L 147 30.04 14.44 -0.88
N ALA L 148 31.14 13.72 -1.08
CA ALA L 148 31.49 13.21 -2.40
C ALA L 148 30.50 12.14 -2.82
N ASP L 149 30.13 11.29 -1.86
CA ASP L 149 29.15 10.25 -2.07
C ASP L 149 27.81 10.87 -2.45
N MET L 150 27.30 11.77 -1.61
CA MET L 150 26.14 12.61 -1.96
C MET L 150 26.19 13.15 -3.39
N PHE L 151 27.31 13.78 -3.74
CA PHE L 151 27.48 14.44 -5.02
C PHE L 151 27.38 13.44 -6.16
N THR L 152 27.91 12.24 -5.93
CA THR L 152 27.95 11.22 -6.96
C THR L 152 26.55 10.74 -7.27
N ALA L 153 25.76 10.57 -6.22
CA ALA L 153 24.37 10.19 -6.38
C ALA L 153 23.62 11.30 -7.14
N ALA L 154 23.97 12.53 -6.83
CA ALA L 154 23.34 13.66 -7.47
C ALA L 154 23.77 13.70 -8.91
N SER L 155 25.05 13.45 -9.12
CA SER L 155 25.65 13.58 -10.44
C SER L 155 24.95 12.59 -11.34
N ARG L 156 24.77 11.37 -10.84
CA ARG L 156 24.08 10.31 -11.57
C ARG L 156 22.67 10.72 -11.99
N ASP L 157 21.95 11.38 -11.11
CA ASP L 157 20.60 11.79 -11.46
C ASP L 157 20.67 12.89 -12.50
N LEU L 158 21.55 13.86 -12.29
CA LEU L 158 21.61 14.97 -13.22
C LEU L 158 22.01 14.50 -14.62
N ASP L 159 23.04 13.66 -14.70
CA ASP L 159 23.47 13.13 -15.97
C ASP L 159 22.31 12.45 -16.73
N LYS L 160 21.44 11.77 -16.00
CA LYS L 160 20.33 11.08 -16.59
C LYS L 160 19.23 12.06 -16.93
N PHE L 161 18.96 13.00 -16.03
CA PHE L 161 18.01 14.04 -16.38
C PHE L 161 18.52 14.78 -17.63
N LEU L 162 19.76 15.26 -17.56
CA LEU L 162 20.36 15.93 -18.70
C LEU L 162 20.04 15.19 -20.01
N TRP L 163 20.23 13.87 -19.98
CA TRP L 163 20.05 13.02 -21.15
C TRP L 163 18.58 12.91 -21.50
N PHE L 164 17.73 12.82 -20.47
CA PHE L 164 16.29 12.79 -20.70
C PHE L 164 15.86 14.06 -21.42
N ILE L 165 16.29 15.21 -20.91
CA ILE L 165 15.98 16.49 -21.54
C ILE L 165 16.44 16.46 -23.00
N GLU L 166 17.74 16.27 -23.20
CA GLU L 166 18.31 16.29 -24.55
C GLU L 166 17.66 15.25 -25.44
N SER L 167 17.30 14.11 -24.89
CA SER L 167 16.72 13.08 -25.73
C SER L 167 15.31 13.43 -26.22
N ASN L 168 14.70 14.46 -25.65
CA ASN L 168 13.38 14.92 -26.09
C ASN L 168 13.44 16.09 -27.04
N ILE L 169 14.65 16.53 -27.36
CA ILE L 169 14.81 17.63 -28.29
C ILE L 169 14.69 17.13 -29.72
N GLU L 170 13.65 17.59 -30.43
CA GLU L 170 13.39 17.20 -31.82
C GLU L 170 14.64 17.27 -32.67
#